data_8I7X
#
_entry.id   8I7X
#
_cell.length_a   113.240
_cell.length_b   96.080
_cell.length_c   127.000
_cell.angle_alpha   90.00
_cell.angle_beta   92.72
_cell.angle_gamma   90.00
#
_symmetry.space_group_name_H-M   'P 1 21 1'
#
loop_
_entity.id
_entity.type
_entity.pdbx_description
1 polymer 'ATP-dependent Clp protease proteolytic subunit, mitochondrial'
2 non-polymer (6S,9aS)-N-[(4-bromophenyl)methyl]-6-[(2S)-butan-2-yl]-8-[(4-methoxynaphthalen-1-yl)methyl]-4,7-bis(oxidanylidene)-3,6,9,9a-tetrahydro-2H-pyrazino[1,2-a]pyrimidine-1-carboxamide
3 water water
#
_entity_poly.entity_id   1
_entity_poly.type   'polypeptide(L)'
_entity_poly.pdbx_seq_one_letter_code
;PLIPIVVEQTGRGERAYDIYSRLLRERIVCVMGPIDDSVASLVIAQLLFLQSESNKKPIHMYINSPGGVVTAGLAIYDTM
QYILNPICTWCVGQAASMGSLLLAAGTPGMRHSLPNSRIMIHQPSGGARGQATDIAIQAEEIMKLKKQLYNIYAKHTKQS
LQVIESAMERDRYMSPMEAQEFGILDKVLVHPPQDGEDEPTLVQKEPVEAAPAAEPVPAST
;
_entity_poly.pdbx_strand_id   A,B,C,D,E,F,G,H,I,J,K,L,M,N
#
loop_
_chem_comp.id
_chem_comp.type
_chem_comp.name
_chem_comp.formula
OSR non-polymer (6S,9aS)-N-[(4-bromophenyl)methyl]-6-[(2S)-butan-2-yl]-8-[(4-methoxynaphthalen-1-yl)methyl]-4,7-bis(oxidanylidene)-3,6,9,9a-tetrahydro-2H-pyrazino[1,2-a]pyrimidine-1-carboxamide 'C31 H35 Br N4 O4'
#
# COMPACT_ATOMS: atom_id res chain seq x y z
N ILE A 19 -27.37 -2.85 -21.53
CA ILE A 19 -27.25 -2.41 -22.96
C ILE A 19 -26.28 -3.28 -23.78
N TYR A 20 -25.25 -3.85 -23.14
CA TYR A 20 -24.39 -4.87 -23.78
C TYR A 20 -25.13 -6.19 -24.04
N SER A 21 -26.17 -6.47 -23.24
CA SER A 21 -27.08 -7.58 -23.51
C SER A 21 -27.85 -7.35 -24.80
N ARG A 22 -28.42 -6.14 -24.93
CA ARG A 22 -29.16 -5.75 -26.14
C ARG A 22 -28.26 -5.70 -27.38
N LEU A 23 -27.01 -5.25 -27.22
CA LEU A 23 -26.01 -5.30 -28.30
C LEU A 23 -25.86 -6.71 -28.86
N LEU A 24 -25.74 -7.69 -27.97
CA LEU A 24 -25.66 -9.10 -28.37
C LEU A 24 -26.93 -9.58 -29.09
N ARG A 25 -28.10 -9.14 -28.62
CA ARG A 25 -29.38 -9.40 -29.32
C ARG A 25 -29.41 -8.86 -30.75
N GLU A 26 -28.65 -7.80 -31.02
CA GLU A 26 -28.46 -7.23 -32.36
C GLU A 26 -27.27 -7.81 -33.14
N ARG A 27 -26.70 -8.92 -32.66
CA ARG A 27 -25.56 -9.60 -33.29
C ARG A 27 -24.27 -8.73 -33.32
N ILE A 28 -24.07 -7.96 -32.25
CA ILE A 28 -22.88 -7.12 -32.09
C ILE A 28 -22.05 -7.69 -30.93
N VAL A 29 -20.79 -8.01 -31.22
CA VAL A 29 -19.82 -8.44 -30.21
C VAL A 29 -18.74 -7.38 -30.13
N CYS A 30 -18.32 -7.07 -28.91
CA CYS A 30 -17.35 -6.00 -28.65
C CYS A 30 -16.01 -6.57 -28.20
N VAL A 31 -14.96 -6.20 -28.93
CA VAL A 31 -13.58 -6.46 -28.55
C VAL A 31 -13.03 -5.10 -28.15
N MET A 32 -13.15 -4.79 -26.87
CA MET A 32 -12.86 -3.45 -26.35
C MET A 32 -11.78 -3.52 -25.29
N GLY A 33 -10.80 -2.63 -25.40
CA GLY A 33 -9.73 -2.53 -24.41
C GLY A 33 -8.69 -3.64 -24.52
N PRO A 34 -7.78 -3.75 -23.54
CA PRO A 34 -6.75 -4.78 -23.55
C PRO A 34 -7.34 -6.19 -23.66
N ILE A 35 -6.83 -6.98 -24.61
CA ILE A 35 -7.28 -8.34 -24.83
C ILE A 35 -6.54 -9.28 -23.86
N ASP A 36 -7.30 -10.02 -23.07
CA ASP A 36 -6.76 -11.07 -22.21
C ASP A 36 -7.69 -12.28 -22.26
N ASP A 37 -7.38 -13.33 -21.49
CA ASP A 37 -8.14 -14.58 -21.55
C ASP A 37 -9.61 -14.44 -21.18
N SER A 38 -9.92 -13.56 -20.22
CA SER A 38 -11.30 -13.29 -19.81
C SER A 38 -12.09 -12.60 -20.92
N VAL A 39 -11.50 -11.58 -21.54
CA VAL A 39 -12.14 -10.89 -22.67
C VAL A 39 -12.34 -11.86 -23.84
N ALA A 40 -11.29 -12.62 -24.16
CA ALA A 40 -11.33 -13.59 -25.26
C ALA A 40 -12.44 -14.61 -25.09
N SER A 41 -12.48 -15.25 -23.92
CA SER A 41 -13.46 -16.32 -23.66
C SER A 41 -14.91 -15.81 -23.60
N LEU A 42 -15.10 -14.55 -23.19
CA LEU A 42 -16.42 -13.90 -23.29
C LEU A 42 -16.81 -13.68 -24.75
N VAL A 43 -15.91 -13.07 -25.52
CA VAL A 43 -16.13 -12.85 -26.95
C VAL A 43 -16.40 -14.18 -27.66
N ILE A 44 -15.61 -15.20 -27.31
CA ILE A 44 -15.75 -16.54 -27.90
C ILE A 44 -17.14 -17.15 -27.58
N ALA A 45 -17.52 -17.11 -26.31
CA ALA A 45 -18.84 -17.58 -25.88
C ALA A 45 -19.97 -16.86 -26.64
N GLN A 46 -19.84 -15.54 -26.78
CA GLN A 46 -20.79 -14.74 -27.54
C GLN A 46 -20.85 -15.09 -29.03
N LEU A 47 -19.69 -15.39 -29.63
CA LEU A 47 -19.65 -15.83 -31.03
C LEU A 47 -20.37 -17.16 -31.28
N LEU A 48 -20.27 -18.09 -30.32
CA LEU A 48 -21.03 -19.35 -30.40
C LEU A 48 -22.53 -19.14 -30.18
N PHE A 49 -22.88 -18.22 -29.27
CA PHE A 49 -24.28 -17.85 -29.05
C PHE A 49 -24.92 -17.36 -30.34
N LEU A 50 -24.28 -16.40 -31.00
CA LEU A 50 -24.79 -15.83 -32.24
C LEU A 50 -24.85 -16.84 -33.39
N GLN A 51 -23.92 -17.80 -33.41
CA GLN A 51 -23.95 -18.90 -34.38
C GLN A 51 -25.16 -19.82 -34.19
N SER A 52 -25.51 -20.12 -32.94
CA SER A 52 -26.66 -20.98 -32.63
C SER A 52 -27.98 -20.32 -33.03
N GLU A 53 -28.11 -19.03 -32.70
CA GLU A 53 -29.29 -18.23 -33.07
C GLU A 53 -29.47 -18.18 -34.58
N SER A 54 -28.36 -18.02 -35.30
CA SER A 54 -28.35 -18.11 -36.75
C SER A 54 -26.91 -18.26 -37.25
N ASN A 55 -26.61 -19.37 -37.92
CA ASN A 55 -25.28 -19.58 -38.51
C ASN A 55 -25.08 -18.96 -39.90
N LYS A 56 -26.11 -18.24 -40.40
CA LYS A 56 -26.04 -17.53 -41.68
C LYS A 56 -26.03 -16.00 -41.55
N LYS A 57 -26.76 -15.46 -40.58
CA LYS A 57 -26.84 -14.01 -40.39
C LYS A 57 -25.48 -13.42 -40.02
N PRO A 58 -25.12 -12.24 -40.57
CA PRO A 58 -23.84 -11.63 -40.20
C PRO A 58 -23.69 -11.28 -38.72
N ILE A 59 -22.46 -11.40 -38.23
CA ILE A 59 -22.09 -10.93 -36.89
C ILE A 59 -21.23 -9.69 -37.08
N HIS A 60 -21.49 -8.65 -36.29
CA HIS A 60 -20.70 -7.42 -36.31
C HIS A 60 -19.71 -7.45 -35.15
N MET A 61 -18.42 -7.30 -35.46
CA MET A 61 -17.37 -7.26 -34.44
C MET A 61 -16.83 -5.83 -34.32
N TYR A 62 -17.20 -5.17 -33.23
CA TYR A 62 -16.68 -3.85 -32.88
C TYR A 62 -15.29 -4.02 -32.26
N ILE A 63 -14.29 -3.39 -32.86
CA ILE A 63 -12.90 -3.46 -32.39
C ILE A 63 -12.37 -2.07 -32.04
N ASN A 64 -12.18 -1.84 -30.74
CA ASN A 64 -11.51 -0.65 -30.22
C ASN A 64 -10.55 -1.13 -29.13
N SER A 65 -9.34 -1.48 -29.56
CA SER A 65 -8.39 -2.20 -28.71
C SER A 65 -6.97 -1.78 -29.00
N PRO A 66 -6.14 -1.63 -27.95
CA PRO A 66 -4.69 -1.51 -28.16
C PRO A 66 -3.98 -2.87 -28.36
N GLY A 67 -4.74 -3.97 -28.29
CA GLY A 67 -4.20 -5.32 -28.49
C GLY A 67 -4.15 -6.04 -27.17
N GLY A 68 -3.17 -6.92 -27.00
CA GLY A 68 -2.98 -7.63 -25.74
C GLY A 68 -2.39 -9.02 -25.92
N VAL A 69 -2.84 -9.95 -25.07
CA VAL A 69 -2.21 -11.27 -24.93
C VAL A 69 -2.39 -12.05 -26.23
N VAL A 70 -1.29 -12.54 -26.78
CA VAL A 70 -1.25 -13.10 -28.13
C VAL A 70 -2.15 -14.34 -28.24
N THR A 71 -2.02 -15.28 -27.30
CA THR A 71 -2.80 -16.51 -27.34
C THR A 71 -4.29 -16.25 -27.12
N ALA A 72 -4.62 -15.23 -26.33
CA ALA A 72 -6.01 -14.80 -26.16
C ALA A 72 -6.57 -14.27 -27.49
N GLY A 73 -5.80 -13.45 -28.17
CA GLY A 73 -6.16 -12.93 -29.49
C GLY A 73 -6.29 -14.02 -30.56
N LEU A 74 -5.36 -14.96 -30.55
CA LEU A 74 -5.41 -16.12 -31.44
C LEU A 74 -6.61 -17.03 -31.15
N ALA A 75 -6.98 -17.14 -29.88
CA ALA A 75 -8.20 -17.84 -29.47
C ALA A 75 -9.45 -17.23 -30.12
N ILE A 76 -9.52 -15.91 -30.13
CA ILE A 76 -10.62 -15.19 -30.77
C ILE A 76 -10.56 -15.42 -32.28
N TYR A 77 -9.37 -15.21 -32.86
CA TYR A 77 -9.14 -15.41 -34.30
C TYR A 77 -9.61 -16.78 -34.78
N ASP A 78 -9.17 -17.83 -34.09
CA ASP A 78 -9.52 -19.20 -34.45
C ASP A 78 -11.03 -19.46 -34.40
N THR A 79 -11.69 -18.88 -33.39
CA THR A 79 -13.13 -18.98 -33.25
C THR A 79 -13.87 -18.29 -34.40
N MET A 80 -13.38 -17.11 -34.80
CA MET A 80 -13.93 -16.37 -35.96
C MET A 80 -13.90 -17.21 -37.24
N GLN A 81 -12.78 -17.90 -37.47
CA GLN A 81 -12.65 -18.80 -38.62
C GLN A 81 -13.49 -20.08 -38.44
N TYR A 82 -13.57 -20.57 -37.20
CA TYR A 82 -14.31 -21.80 -36.89
C TYR A 82 -15.82 -21.68 -37.11
N ILE A 83 -16.42 -20.59 -36.66
CA ILE A 83 -17.86 -20.38 -36.88
C ILE A 83 -18.14 -20.12 -38.37
N LEU A 84 -19.33 -20.53 -38.81
CA LEU A 84 -19.69 -20.45 -40.22
C LEU A 84 -20.18 -19.05 -40.64
N ASN A 85 -20.51 -18.21 -39.66
CA ASN A 85 -21.11 -16.90 -39.94
C ASN A 85 -20.17 -15.96 -40.68
N PRO A 86 -20.71 -15.14 -41.60
CA PRO A 86 -19.94 -13.98 -42.05
C PRO A 86 -19.73 -13.01 -40.89
N ILE A 87 -18.51 -12.48 -40.75
CA ILE A 87 -18.17 -11.59 -39.64
C ILE A 87 -17.73 -10.24 -40.21
N CYS A 88 -18.51 -9.20 -39.90
CA CYS A 88 -18.15 -7.83 -40.27
C CYS A 88 -17.32 -7.24 -39.15
N THR A 89 -16.09 -6.86 -39.44
CA THR A 89 -15.23 -6.19 -38.46
C THR A 89 -15.33 -4.67 -38.65
N TRP A 90 -15.28 -3.94 -37.54
CA TRP A 90 -15.44 -2.48 -37.52
C TRP A 90 -14.39 -1.87 -36.61
N CYS A 91 -13.43 -1.17 -37.20
CA CYS A 91 -12.42 -0.45 -36.45
C CYS A 91 -12.92 0.97 -36.14
N VAL A 92 -13.12 1.23 -34.87
CA VAL A 92 -13.48 2.57 -34.39
C VAL A 92 -12.60 2.86 -33.17
N GLY A 93 -12.03 4.07 -33.16
CA GLY A 93 -11.00 4.42 -32.16
C GLY A 93 -9.66 3.92 -32.62
N GLN A 94 -9.37 2.64 -32.35
CA GLN A 94 -8.13 2.03 -32.83
C GLN A 94 -8.17 0.52 -32.88
N ALA A 95 -7.30 -0.04 -33.72
CA ALA A 95 -7.01 -1.47 -33.73
C ALA A 95 -5.49 -1.64 -33.79
N ALA A 96 -4.87 -1.88 -32.64
CA ALA A 96 -3.41 -2.05 -32.55
C ALA A 96 -3.05 -3.46 -32.14
N SER A 97 -1.92 -3.95 -32.66
CA SER A 97 -1.39 -5.28 -32.36
C SER A 97 -2.44 -6.36 -32.65
N MET A 98 -2.81 -7.19 -31.67
CA MET A 98 -3.75 -8.28 -31.90
C MET A 98 -5.14 -7.80 -32.35
N GLY A 99 -5.51 -6.57 -31.98
CA GLY A 99 -6.74 -5.95 -32.48
C GLY A 99 -6.75 -5.81 -34.00
N SER A 100 -5.62 -5.43 -34.58
CA SER A 100 -5.49 -5.33 -36.05
C SER A 100 -5.52 -6.70 -36.75
N LEU A 101 -5.05 -7.75 -36.05
CA LEU A 101 -5.15 -9.12 -36.57
C LEU A 101 -6.61 -9.55 -36.68
N LEU A 102 -7.37 -9.30 -35.62
CA LEU A 102 -8.81 -9.60 -35.60
C LEU A 102 -9.57 -8.80 -36.66
N LEU A 103 -9.23 -7.51 -36.80
CA LEU A 103 -9.77 -6.64 -37.85
C LEU A 103 -9.55 -7.23 -39.25
N ALA A 104 -8.31 -7.64 -39.52
CA ALA A 104 -7.94 -8.27 -40.79
C ALA A 104 -8.61 -9.63 -41.01
N ALA A 105 -8.95 -10.31 -39.93
CA ALA A 105 -9.58 -11.63 -39.98
C ALA A 105 -11.09 -11.64 -40.29
N GLY A 106 -11.70 -10.47 -40.48
CA GLY A 106 -13.10 -10.39 -40.92
C GLY A 106 -13.32 -10.99 -42.31
N THR A 107 -14.57 -11.30 -42.63
CA THR A 107 -14.92 -11.90 -43.92
C THR A 107 -14.51 -10.95 -45.04
N PRO A 108 -13.86 -11.46 -46.12
CA PRO A 108 -13.50 -10.58 -47.23
C PRO A 108 -14.68 -9.75 -47.72
N GLY A 109 -14.42 -8.46 -47.97
CA GLY A 109 -15.45 -7.49 -48.30
C GLY A 109 -16.16 -6.81 -47.13
N MET A 110 -15.99 -7.33 -45.92
CA MET A 110 -16.75 -6.90 -44.74
C MET A 110 -15.86 -6.40 -43.59
N ARG A 111 -14.68 -5.89 -43.93
CA ARG A 111 -13.74 -5.35 -42.94
C ARG A 111 -13.73 -3.84 -43.09
N HIS A 112 -14.15 -3.16 -42.02
CA HIS A 112 -14.48 -1.74 -42.07
C HIS A 112 -13.69 -0.92 -41.07
N SER A 113 -13.51 0.35 -41.40
CA SER A 113 -13.05 1.35 -40.44
C SER A 113 -13.82 2.65 -40.63
N LEU A 114 -14.03 3.37 -39.52
CA LEU A 114 -14.52 4.75 -39.57
C LEU A 114 -13.32 5.67 -39.85
N PRO A 115 -13.58 6.94 -40.23
CA PRO A 115 -12.52 7.76 -40.84
C PRO A 115 -11.31 8.16 -39.99
N ASN A 116 -11.47 8.26 -38.66
CA ASN A 116 -10.39 8.76 -37.79
C ASN A 116 -9.68 7.67 -36.97
N SER A 117 -9.99 6.40 -37.24
CA SER A 117 -9.35 5.29 -36.54
C SER A 117 -7.86 5.22 -36.83
N ARG A 118 -7.13 4.56 -35.94
CA ARG A 118 -5.70 4.31 -36.12
C ARG A 118 -5.46 2.80 -36.07
N ILE A 119 -4.67 2.28 -37.01
CA ILE A 119 -4.42 0.83 -37.13
C ILE A 119 -2.93 0.57 -37.03
N MET A 120 -2.55 -0.44 -36.23
CA MET A 120 -1.15 -0.81 -36.03
C MET A 120 -1.02 -2.34 -36.06
N ILE A 121 -0.10 -2.83 -36.90
CA ILE A 121 0.25 -4.25 -36.96
C ILE A 121 1.52 -4.59 -36.17
N HIS A 122 2.31 -3.56 -35.86
CA HIS A 122 3.42 -3.65 -34.91
C HIS A 122 2.96 -4.18 -33.54
N GLN A 123 3.76 -5.07 -32.95
CA GLN A 123 3.47 -5.64 -31.63
C GLN A 123 4.20 -4.85 -30.54
N ILE A 137 8.08 -16.19 -21.24
CA ILE A 137 8.23 -17.41 -22.01
C ILE A 137 9.61 -17.51 -22.67
N GLN A 138 9.93 -18.70 -23.19
CA GLN A 138 11.21 -18.96 -23.85
C GLN A 138 11.32 -18.22 -25.18
N ALA A 139 12.56 -17.93 -25.58
CA ALA A 139 12.84 -17.16 -26.80
C ALA A 139 12.34 -17.83 -28.08
N GLU A 140 12.40 -19.16 -28.10
CA GLU A 140 11.88 -19.93 -29.23
C GLU A 140 10.36 -19.79 -29.33
N GLU A 141 9.66 -19.82 -28.20
CA GLU A 141 8.20 -19.72 -28.19
C GLU A 141 7.67 -18.37 -28.66
N ILE A 142 8.25 -17.28 -28.17
CA ILE A 142 7.86 -15.93 -28.61
C ILE A 142 8.06 -15.80 -30.14
N MET A 143 9.14 -16.37 -30.66
CA MET A 143 9.42 -16.35 -32.09
C MET A 143 8.48 -17.28 -32.88
N LYS A 144 8.15 -18.43 -32.30
CA LYS A 144 7.14 -19.33 -32.88
C LYS A 144 5.75 -18.68 -32.92
N LEU A 145 5.36 -17.99 -31.85
CA LEU A 145 4.12 -17.21 -31.85
C LEU A 145 4.14 -16.10 -32.90
N LYS A 146 5.28 -15.41 -33.00
CA LYS A 146 5.45 -14.32 -33.98
C LYS A 146 5.29 -14.80 -35.42
N LYS A 147 5.80 -16.00 -35.72
CA LYS A 147 5.63 -16.60 -37.05
C LYS A 147 4.18 -16.99 -37.37
N GLN A 148 3.41 -17.38 -36.35
CA GLN A 148 1.97 -17.63 -36.52
C GLN A 148 1.25 -16.33 -36.93
N LEU A 149 1.63 -15.23 -36.29
CA LEU A 149 1.07 -13.91 -36.62
C LEU A 149 1.39 -13.51 -38.07
N TYR A 150 2.64 -13.74 -38.49
CA TYR A 150 3.06 -13.43 -39.87
C TYR A 150 2.24 -14.18 -40.90
N ASN A 151 2.03 -15.47 -40.68
CA ASN A 151 1.21 -16.30 -41.58
C ASN A 151 -0.26 -15.87 -41.61
N ILE A 152 -0.80 -15.48 -40.47
CA ILE A 152 -2.19 -14.99 -40.39
C ILE A 152 -2.35 -13.67 -41.15
N TYR A 153 -1.47 -12.70 -40.90
CA TYR A 153 -1.51 -11.42 -41.63
C TYR A 153 -1.31 -11.62 -43.14
N ALA A 154 -0.34 -12.46 -43.51
CA ALA A 154 -0.06 -12.75 -44.91
C ALA A 154 -1.26 -13.35 -45.62
N LYS A 155 -1.93 -14.29 -44.96
CA LYS A 155 -3.16 -14.91 -45.47
C LYS A 155 -4.28 -13.90 -45.74
N HIS A 156 -4.59 -13.08 -44.74
CA HIS A 156 -5.74 -12.18 -44.82
C HIS A 156 -5.47 -10.86 -45.56
N THR A 157 -4.23 -10.39 -45.56
CA THR A 157 -3.84 -9.18 -46.30
C THR A 157 -3.44 -9.44 -47.75
N LYS A 158 -3.13 -10.71 -48.07
CA LYS A 158 -2.59 -11.12 -49.39
C LYS A 158 -1.17 -10.59 -49.63
N GLN A 159 -0.47 -10.22 -48.55
CA GLN A 159 0.89 -9.70 -48.65
C GLN A 159 1.87 -10.85 -48.41
N SER A 160 3.10 -10.72 -48.93
CA SER A 160 4.14 -11.74 -48.73
C SER A 160 4.61 -11.78 -47.28
N LEU A 161 5.22 -12.89 -46.88
CA LEU A 161 5.76 -13.02 -45.52
C LEU A 161 6.83 -11.98 -45.20
N GLN A 162 7.66 -11.62 -46.18
CA GLN A 162 8.72 -10.61 -45.98
C GLN A 162 8.14 -9.22 -45.69
N VAL A 163 7.21 -8.75 -46.52
CA VAL A 163 6.65 -7.40 -46.32
C VAL A 163 5.83 -7.28 -45.03
N ILE A 164 5.20 -8.38 -44.60
CA ILE A 164 4.55 -8.45 -43.28
C ILE A 164 5.60 -8.31 -42.17
N GLU A 165 6.64 -9.13 -42.22
CA GLU A 165 7.76 -9.07 -41.26
C GLU A 165 8.38 -7.69 -41.15
N SER A 166 8.75 -7.13 -42.30
CA SER A 166 9.40 -5.83 -42.38
C SER A 166 8.49 -4.71 -41.86
N ALA A 167 7.20 -4.77 -42.20
CA ALA A 167 6.21 -3.78 -41.75
C ALA A 167 5.92 -3.86 -40.25
N MET A 168 5.80 -5.08 -39.71
CA MET A 168 5.56 -5.26 -38.26
C MET A 168 6.71 -4.79 -37.37
N GLU A 169 7.90 -4.62 -37.95
CA GLU A 169 9.04 -4.03 -37.25
C GLU A 169 8.92 -2.50 -37.06
N ARG A 170 8.18 -1.84 -37.95
CA ARG A 170 8.02 -0.38 -37.91
C ARG A 170 7.01 0.05 -36.85
N ASP A 171 7.48 0.78 -35.84
CA ASP A 171 6.63 1.32 -34.78
C ASP A 171 5.89 2.56 -35.29
N ARG A 172 4.71 2.32 -35.86
CA ARG A 172 3.87 3.38 -36.43
C ARG A 172 2.43 2.90 -36.59
N TYR A 173 1.50 3.85 -36.69
CA TYR A 173 0.12 3.53 -37.05
C TYR A 173 -0.11 3.85 -38.51
N MET A 174 -1.09 3.17 -39.09
CA MET A 174 -1.58 3.44 -40.43
C MET A 174 -2.92 4.15 -40.32
N SER A 175 -3.20 5.02 -41.29
CA SER A 175 -4.53 5.58 -41.47
C SER A 175 -5.47 4.47 -41.99
N PRO A 176 -6.79 4.70 -41.94
CA PRO A 176 -7.72 3.70 -42.51
C PRO A 176 -7.50 3.39 -44.00
N MET A 177 -7.15 4.41 -44.79
CA MET A 177 -6.85 4.24 -46.21
C MET A 177 -5.55 3.45 -46.44
N GLU A 178 -4.52 3.74 -45.64
CA GLU A 178 -3.25 3.00 -45.70
C GLU A 178 -3.46 1.51 -45.38
N ALA A 179 -4.25 1.24 -44.34
CA ALA A 179 -4.62 -0.12 -43.95
C ALA A 179 -5.44 -0.83 -45.05
N GLN A 180 -6.32 -0.08 -45.71
CA GLN A 180 -7.07 -0.59 -46.86
C GLN A 180 -6.13 -0.99 -48.01
N GLU A 181 -5.21 -0.10 -48.34
CA GLU A 181 -4.18 -0.38 -49.37
C GLU A 181 -3.31 -1.60 -49.01
N PHE A 182 -2.99 -1.74 -47.72
CA PHE A 182 -2.18 -2.86 -47.22
C PHE A 182 -2.93 -4.21 -47.21
N GLY A 183 -4.26 -4.20 -47.23
CA GLY A 183 -5.07 -5.42 -47.20
C GLY A 183 -5.65 -5.80 -45.84
N ILE A 184 -5.49 -4.92 -44.86
CA ILE A 184 -6.02 -5.13 -43.50
C ILE A 184 -7.55 -4.96 -43.47
N LEU A 185 -8.07 -4.07 -44.33
CA LEU A 185 -9.52 -3.87 -44.40
C LEU A 185 -9.97 -3.47 -45.80
N ASP A 186 -11.29 -3.45 -45.97
CA ASP A 186 -11.93 -3.29 -47.28
C ASP A 186 -12.56 -1.93 -47.52
N LYS A 187 -13.21 -1.37 -46.49
CA LYS A 187 -13.98 -0.13 -46.64
C LYS A 187 -13.70 0.89 -45.53
N VAL A 188 -13.52 2.15 -45.93
CA VAL A 188 -13.45 3.29 -45.02
C VAL A 188 -14.74 4.06 -45.22
N LEU A 189 -15.58 4.10 -44.18
CA LEU A 189 -16.95 4.63 -44.28
C LEU A 189 -17.16 5.82 -43.35
N VAL A 190 -17.63 6.94 -43.91
CA VAL A 190 -18.00 8.13 -43.15
C VAL A 190 -19.43 7.96 -42.60
N HIS A 191 -20.31 7.37 -43.44
CA HIS A 191 -21.68 7.02 -43.05
C HIS A 191 -22.10 5.72 -43.76
N PRO A 192 -23.24 5.11 -43.35
CA PRO A 192 -23.69 3.87 -43.99
C PRO A 192 -23.99 3.99 -45.50
N PRO A 193 -23.96 2.86 -46.23
CA PRO A 193 -24.23 2.88 -47.67
C PRO A 193 -25.72 3.02 -47.97
N ASP B 18 -24.38 -14.90 -16.78
CA ASP B 18 -25.54 -15.25 -17.66
C ASP B 18 -25.09 -16.07 -18.89
N ILE B 19 -24.10 -15.56 -19.61
CA ILE B 19 -23.60 -16.21 -20.83
C ILE B 19 -22.97 -17.59 -20.54
N TYR B 20 -22.33 -17.72 -19.37
CA TYR B 20 -21.73 -19.00 -18.96
C TYR B 20 -22.76 -20.01 -18.45
N SER B 21 -23.85 -19.53 -17.85
CA SER B 21 -25.00 -20.39 -17.52
C SER B 21 -25.78 -20.77 -18.78
N ARG B 22 -25.85 -19.86 -19.76
CA ARG B 22 -26.42 -20.15 -21.07
C ARG B 22 -25.60 -21.21 -21.82
N LEU B 23 -24.27 -21.10 -21.73
CA LEU B 23 -23.35 -22.15 -22.23
C LEU B 23 -23.63 -23.51 -21.57
N LEU B 24 -23.81 -23.49 -20.25
CA LEU B 24 -24.11 -24.72 -19.48
C LEU B 24 -25.40 -25.42 -19.93
N ARG B 25 -26.40 -24.66 -20.39
CA ARG B 25 -27.62 -25.23 -20.98
C ARG B 25 -27.34 -26.08 -22.23
N GLU B 26 -26.26 -25.74 -22.96
CA GLU B 26 -25.80 -26.50 -24.13
C GLU B 26 -24.73 -27.57 -23.80
N ARG B 27 -24.59 -27.92 -22.51
CA ARG B 27 -23.62 -28.93 -22.07
C ARG B 27 -22.17 -28.53 -22.38
N ILE B 28 -21.86 -27.25 -22.17
CA ILE B 28 -20.52 -26.72 -22.36
C ILE B 28 -20.00 -26.24 -21.01
N VAL B 29 -18.82 -26.75 -20.62
CA VAL B 29 -18.14 -26.35 -19.38
C VAL B 29 -16.85 -25.63 -19.77
N CYS B 30 -16.54 -24.54 -19.06
CA CYS B 30 -15.40 -23.70 -19.39
C CYS B 30 -14.31 -23.78 -18.31
N VAL B 31 -13.14 -24.27 -18.69
CA VAL B 31 -11.95 -24.23 -17.85
C VAL B 31 -11.10 -23.07 -18.36
N MET B 32 -11.23 -21.92 -17.70
CA MET B 32 -10.63 -20.65 -18.13
C MET B 32 -9.63 -20.16 -17.11
N GLY B 33 -8.46 -19.76 -17.57
CA GLY B 33 -7.47 -19.10 -16.72
C GLY B 33 -6.76 -20.01 -15.74
N PRO B 34 -6.07 -19.41 -14.74
CA PRO B 34 -5.39 -20.17 -13.69
C PRO B 34 -6.34 -21.12 -12.96
N ILE B 35 -5.99 -22.40 -12.93
CA ILE B 35 -6.80 -23.42 -12.27
C ILE B 35 -6.48 -23.40 -10.78
N ASP B 36 -7.46 -23.03 -9.96
CA ASP B 36 -7.38 -23.14 -8.50
C ASP B 36 -8.59 -23.91 -7.98
N ASP B 37 -8.68 -24.06 -6.66
CA ASP B 37 -9.73 -24.85 -6.03
C ASP B 37 -11.16 -24.35 -6.32
N SER B 38 -11.34 -23.03 -6.38
CA SER B 38 -12.65 -22.45 -6.71
C SER B 38 -13.05 -22.73 -8.16
N VAL B 39 -12.11 -22.60 -9.10
CA VAL B 39 -12.36 -22.93 -10.51
C VAL B 39 -12.66 -24.43 -10.66
N ALA B 40 -11.88 -25.27 -9.99
CA ALA B 40 -12.09 -26.72 -10.03
C ALA B 40 -13.45 -27.12 -9.48
N SER B 41 -13.77 -26.65 -8.28
CA SER B 41 -15.05 -26.95 -7.63
C SER B 41 -16.27 -26.48 -8.42
N LEU B 42 -16.14 -25.33 -9.10
CA LEU B 42 -17.19 -24.82 -9.97
C LEU B 42 -17.36 -25.73 -11.21
N VAL B 43 -16.23 -26.06 -11.85
CA VAL B 43 -16.21 -26.97 -13.01
C VAL B 43 -16.75 -28.36 -12.63
N ILE B 44 -16.37 -28.84 -11.45
CA ILE B 44 -16.82 -30.14 -10.92
C ILE B 44 -18.34 -30.17 -10.70
N ALA B 45 -18.88 -29.11 -10.09
CA ALA B 45 -20.32 -28.97 -9.89
C ALA B 45 -21.09 -28.98 -11.22
N GLN B 46 -20.57 -28.26 -12.21
CA GLN B 46 -21.16 -28.22 -13.55
C GLN B 46 -21.15 -29.58 -14.25
N LEU B 47 -20.08 -30.36 -14.05
CA LEU B 47 -19.99 -31.71 -14.62
C LEU B 47 -21.05 -32.66 -14.05
N LEU B 48 -21.27 -32.60 -12.74
CA LEU B 48 -22.29 -33.41 -12.08
C LEU B 48 -23.71 -33.02 -12.50
N PHE B 49 -23.94 -31.71 -12.68
CA PHE B 49 -25.22 -31.19 -13.18
C PHE B 49 -25.55 -31.77 -14.55
N LEU B 50 -24.61 -31.64 -15.48
CA LEU B 50 -24.79 -32.15 -16.85
C LEU B 50 -24.93 -33.68 -16.91
N GLN B 51 -24.34 -34.37 -15.94
CA GLN B 51 -24.50 -35.82 -15.83
C GLN B 51 -25.92 -36.22 -15.42
N SER B 52 -26.49 -35.51 -14.46
CA SER B 52 -27.87 -35.78 -14.00
C SER B 52 -28.93 -35.41 -15.05
N GLU B 53 -28.65 -34.40 -15.87
CA GLU B 53 -29.52 -34.03 -16.99
C GLU B 53 -29.55 -35.15 -18.04
N SER B 54 -28.38 -35.67 -18.37
CA SER B 54 -28.25 -36.84 -19.22
C SER B 54 -26.88 -37.48 -19.02
N ASN B 55 -26.87 -38.75 -18.62
CA ASN B 55 -25.61 -39.49 -18.38
C ASN B 55 -25.00 -40.13 -19.64
N LYS B 56 -25.65 -39.98 -20.79
CA LYS B 56 -25.15 -40.47 -22.08
C LYS B 56 -24.72 -39.36 -23.06
N LYS B 57 -25.40 -38.21 -23.04
CA LYS B 57 -25.10 -37.12 -23.98
C LYS B 57 -23.71 -36.51 -23.71
N PRO B 58 -22.97 -36.15 -24.79
CA PRO B 58 -21.65 -35.55 -24.59
C PRO B 58 -21.64 -34.23 -23.81
N ILE B 59 -20.58 -34.02 -23.03
CA ILE B 59 -20.26 -32.73 -22.43
C ILE B 59 -19.07 -32.16 -23.19
N HIS B 60 -19.13 -30.86 -23.50
CA HIS B 60 -18.01 -30.16 -24.12
C HIS B 60 -17.23 -29.44 -23.03
N MET B 61 -15.90 -29.59 -23.05
CA MET B 61 -15.01 -28.89 -22.10
C MET B 61 -14.07 -27.96 -22.86
N TYR B 62 -14.40 -26.67 -22.83
CA TYR B 62 -13.55 -25.61 -23.36
C TYR B 62 -12.35 -25.42 -22.43
N ILE B 63 -11.15 -25.49 -23.01
CA ILE B 63 -9.90 -25.31 -22.25
C ILE B 63 -9.10 -24.16 -22.87
N ASN B 64 -9.00 -23.07 -22.12
CA ASN B 64 -8.07 -21.98 -22.40
C ASN B 64 -7.44 -21.58 -21.08
N SER B 65 -6.25 -22.14 -20.79
CA SER B 65 -5.67 -22.08 -19.45
C SER B 65 -4.14 -22.21 -19.47
N PRO B 66 -3.43 -21.35 -18.69
CA PRO B 66 -1.98 -21.54 -18.50
C PRO B 66 -1.60 -22.64 -17.50
N GLY B 67 -2.58 -23.29 -16.87
CA GLY B 67 -2.35 -24.34 -15.88
C GLY B 67 -2.78 -23.83 -14.52
N GLY B 68 -2.14 -24.32 -13.47
CA GLY B 68 -2.43 -23.88 -12.11
C GLY B 68 -2.15 -24.95 -11.07
N VAL B 69 -2.97 -24.99 -10.02
CA VAL B 69 -2.71 -25.85 -8.87
C VAL B 69 -2.92 -27.32 -9.27
N VAL B 70 -1.97 -28.16 -8.87
CA VAL B 70 -1.91 -29.55 -9.33
C VAL B 70 -3.08 -30.35 -8.76
N THR B 71 -3.36 -30.20 -7.46
CA THR B 71 -4.46 -30.92 -6.81
C THR B 71 -5.83 -30.49 -7.36
N ALA B 72 -5.96 -29.20 -7.72
CA ALA B 72 -7.17 -28.69 -8.37
C ALA B 72 -7.40 -29.31 -9.75
N GLY B 73 -6.33 -29.42 -10.53
CA GLY B 73 -6.39 -30.08 -11.84
C GLY B 73 -6.71 -31.56 -11.72
N LEU B 74 -6.11 -32.22 -10.74
CA LEU B 74 -6.39 -33.64 -10.46
C LEU B 74 -7.82 -33.87 -9.95
N ALA B 75 -8.35 -32.90 -9.21
CA ALA B 75 -9.77 -32.92 -8.80
C ALA B 75 -10.69 -32.94 -10.01
N ILE B 76 -10.42 -32.05 -10.97
CA ILE B 76 -11.18 -32.00 -12.23
C ILE B 76 -10.99 -33.31 -13.02
N TYR B 77 -9.74 -33.74 -13.16
CA TYR B 77 -9.41 -34.97 -13.90
C TYR B 77 -10.18 -36.18 -13.39
N ASP B 78 -10.10 -36.41 -12.08
CA ASP B 78 -10.80 -37.51 -11.44
C ASP B 78 -12.32 -37.46 -11.62
N THR B 79 -12.89 -36.26 -11.57
CA THR B 79 -14.32 -36.07 -11.81
C THR B 79 -14.69 -36.39 -13.26
N MET B 80 -13.84 -35.99 -14.21
CA MET B 80 -14.02 -36.34 -15.62
C MET B 80 -14.11 -37.85 -15.84
N GLN B 81 -13.24 -38.61 -15.16
CA GLN B 81 -13.28 -40.08 -15.21
C GLN B 81 -14.47 -40.65 -14.44
N TYR B 82 -14.81 -40.03 -13.31
CA TYR B 82 -15.91 -40.47 -12.45
C TYR B 82 -17.28 -40.42 -13.13
N ILE B 83 -17.56 -39.34 -13.86
CA ILE B 83 -18.84 -39.23 -14.57
C ILE B 83 -18.88 -40.18 -15.78
N LEU B 84 -20.08 -40.64 -16.11
CA LEU B 84 -20.27 -41.62 -17.18
C LEU B 84 -20.19 -41.03 -18.59
N ASN B 85 -20.36 -39.71 -18.71
CA ASN B 85 -20.53 -39.06 -20.01
C ASN B 85 -19.26 -39.06 -20.87
N PRO B 86 -19.42 -39.11 -22.20
CA PRO B 86 -18.31 -38.72 -23.06
C PRO B 86 -18.00 -37.24 -22.86
N ILE B 87 -16.72 -36.89 -22.83
CA ILE B 87 -16.28 -35.51 -22.66
C ILE B 87 -15.45 -35.12 -23.85
N CYS B 88 -15.95 -34.17 -24.64
CA CYS B 88 -15.19 -33.58 -25.73
C CYS B 88 -14.37 -32.45 -25.14
N THR B 89 -13.04 -32.54 -25.24
CA THR B 89 -12.17 -31.44 -24.82
C THR B 89 -11.80 -30.60 -26.04
N TRP B 90 -11.84 -29.28 -25.87
CA TRP B 90 -11.53 -28.31 -26.93
C TRP B 90 -10.49 -27.32 -26.43
N CYS B 91 -9.29 -27.36 -27.02
CA CYS B 91 -8.23 -26.42 -26.70
C CYS B 91 -8.28 -25.22 -27.64
N VAL B 92 -8.56 -24.05 -27.05
CA VAL B 92 -8.56 -22.77 -27.76
C VAL B 92 -7.63 -21.83 -27.00
N GLY B 93 -6.76 -21.12 -27.71
CA GLY B 93 -5.77 -20.24 -27.09
C GLY B 93 -4.57 -21.04 -26.60
N GLN B 94 -4.71 -21.65 -25.43
CA GLN B 94 -3.67 -22.55 -24.92
C GLN B 94 -4.18 -23.56 -23.89
N ALA B 95 -3.42 -24.64 -23.75
CA ALA B 95 -3.58 -25.58 -22.65
C ALA B 95 -2.17 -25.93 -22.17
N ALA B 96 -1.74 -25.26 -21.11
CA ALA B 96 -0.41 -25.47 -20.54
C ALA B 96 -0.51 -26.12 -19.17
N SER B 97 0.51 -26.91 -18.82
CA SER B 97 0.60 -27.56 -17.50
C SER B 97 -0.64 -28.43 -17.28
N MET B 98 -1.38 -28.21 -16.19
CA MET B 98 -2.55 -29.04 -15.87
C MET B 98 -3.68 -28.91 -16.89
N GLY B 99 -3.73 -27.82 -17.64
CA GLY B 99 -4.69 -27.66 -18.72
C GLY B 99 -4.52 -28.65 -19.85
N SER B 100 -3.27 -29.01 -20.17
CA SER B 100 -3.00 -30.05 -21.18
C SER B 100 -3.32 -31.46 -20.67
N LEU B 101 -3.22 -31.67 -19.36
CA LEU B 101 -3.62 -32.94 -18.76
C LEU B 101 -5.12 -33.16 -18.93
N LEU B 102 -5.90 -32.12 -18.64
CA LEU B 102 -7.36 -32.16 -18.82
C LEU B 102 -7.73 -32.35 -20.29
N LEU B 103 -7.04 -31.63 -21.17
CA LEU B 103 -7.19 -31.81 -22.62
C LEU B 103 -7.00 -33.27 -23.04
N ALA B 104 -5.92 -33.88 -22.57
CA ALA B 104 -5.61 -35.28 -22.86
C ALA B 104 -6.58 -36.28 -22.24
N ALA B 105 -7.22 -35.87 -21.14
CA ALA B 105 -8.18 -36.72 -20.41
C ALA B 105 -9.57 -36.81 -21.02
N GLY B 106 -9.84 -36.07 -22.09
CA GLY B 106 -11.10 -36.21 -22.83
C GLY B 106 -11.28 -37.61 -23.39
N THR B 107 -12.51 -37.96 -23.74
CA THR B 107 -12.81 -39.29 -24.25
C THR B 107 -12.02 -39.56 -25.53
N PRO B 108 -11.45 -40.79 -25.68
CA PRO B 108 -10.75 -41.13 -26.91
C PRO B 108 -11.55 -40.81 -28.17
N GLY B 109 -10.89 -40.17 -29.14
CA GLY B 109 -11.53 -39.68 -30.37
C GLY B 109 -12.20 -38.31 -30.30
N MET B 110 -12.33 -37.75 -29.09
CA MET B 110 -13.10 -36.53 -28.87
C MET B 110 -12.23 -35.39 -28.27
N ARG B 111 -10.93 -35.44 -28.50
CA ARG B 111 -10.02 -34.43 -27.96
C ARG B 111 -9.57 -33.53 -29.12
N HIS B 112 -9.92 -32.24 -29.02
CA HIS B 112 -9.82 -31.31 -30.14
C HIS B 112 -8.96 -30.10 -29.82
N SER B 113 -8.38 -29.51 -30.87
CA SER B 113 -7.74 -28.21 -30.78
C SER B 113 -8.03 -27.40 -32.04
N LEU B 114 -8.15 -26.08 -31.88
CA LEU B 114 -8.21 -25.17 -33.01
C LEU B 114 -6.78 -24.91 -33.50
N PRO B 115 -6.62 -24.40 -34.75
CA PRO B 115 -5.31 -24.45 -35.43
C PRO B 115 -4.12 -23.70 -34.81
N ASN B 116 -4.36 -22.61 -34.07
CA ASN B 116 -3.29 -21.76 -33.53
C ASN B 116 -3.07 -21.89 -32.01
N SER B 117 -3.70 -22.89 -31.38
CA SER B 117 -3.51 -23.15 -29.96
C SER B 117 -2.08 -23.60 -29.66
N ARG B 118 -1.63 -23.36 -28.42
CA ARG B 118 -0.33 -23.81 -27.92
C ARG B 118 -0.57 -24.79 -26.78
N ILE B 119 0.11 -25.94 -26.81
CA ILE B 119 -0.08 -27.00 -25.82
C ILE B 119 1.25 -27.24 -25.12
N MET B 120 1.23 -27.30 -23.80
CA MET B 120 2.44 -27.54 -23.01
C MET B 120 2.14 -28.57 -21.93
N ILE B 121 2.96 -29.62 -21.88
CA ILE B 121 2.93 -30.60 -20.79
C ILE B 121 3.98 -30.31 -19.70
N HIS B 122 4.95 -29.45 -20.01
CA HIS B 122 5.95 -29.01 -19.04
C HIS B 122 5.29 -28.34 -17.83
N GLN B 123 5.85 -28.59 -16.65
CA GLN B 123 5.45 -27.95 -15.40
C GLN B 123 6.49 -26.88 -15.06
N PRO B 124 6.06 -25.59 -14.97
CA PRO B 124 7.02 -24.48 -14.88
C PRO B 124 7.76 -24.40 -13.55
N GLN B 138 6.68 -30.35 0.67
CA GLN B 138 7.87 -31.19 0.80
C GLN B 138 8.33 -31.77 -0.53
N ALA B 139 9.62 -32.10 -0.63
CA ALA B 139 10.23 -32.56 -1.88
C ALA B 139 9.69 -33.91 -2.34
N GLU B 140 9.59 -34.85 -1.40
CA GLU B 140 9.00 -36.16 -1.64
C GLU B 140 7.56 -36.05 -2.18
N GLU B 141 6.80 -35.09 -1.65
CA GLU B 141 5.40 -34.87 -2.06
C GLU B 141 5.25 -34.32 -3.49
N ILE B 142 6.13 -33.38 -3.87
CA ILE B 142 6.09 -32.81 -5.22
C ILE B 142 6.49 -33.90 -6.24
N MET B 143 7.39 -34.80 -5.83
CA MET B 143 7.78 -35.95 -6.62
C MET B 143 6.66 -37.01 -6.75
N LYS B 144 5.95 -37.26 -5.65
CA LYS B 144 4.79 -38.17 -5.67
C LYS B 144 3.70 -37.66 -6.61
N LEU B 145 3.39 -36.37 -6.54
CA LEU B 145 2.45 -35.73 -7.48
C LEU B 145 2.92 -35.86 -8.93
N LYS B 146 4.20 -35.59 -9.17
CA LYS B 146 4.77 -35.72 -10.52
C LYS B 146 4.63 -37.12 -11.10
N LYS B 147 4.87 -38.13 -10.28
CA LYS B 147 4.68 -39.53 -10.68
C LYS B 147 3.22 -39.82 -11.06
N GLN B 148 2.28 -39.23 -10.32
CA GLN B 148 0.85 -39.33 -10.68
C GLN B 148 0.57 -38.68 -12.04
N LEU B 149 1.18 -37.52 -12.28
CA LEU B 149 1.03 -36.84 -13.58
C LEU B 149 1.62 -37.68 -14.72
N TYR B 150 2.78 -38.29 -14.49
CA TYR B 150 3.40 -39.18 -15.50
C TYR B 150 2.46 -40.33 -15.87
N ASN B 151 1.92 -41.00 -14.85
CA ASN B 151 1.01 -42.14 -15.07
C ASN B 151 -0.25 -41.74 -15.84
N ILE B 152 -0.81 -40.57 -15.51
CA ILE B 152 -2.01 -40.05 -16.18
C ILE B 152 -1.71 -39.70 -17.64
N TYR B 153 -0.62 -38.96 -17.88
CA TYR B 153 -0.22 -38.64 -19.27
C TYR B 153 0.09 -39.91 -20.07
N ALA B 154 0.82 -40.84 -19.47
CA ALA B 154 1.16 -42.11 -20.12
C ALA B 154 -0.08 -42.86 -20.58
N LYS B 155 -1.05 -42.98 -19.69
CA LYS B 155 -2.32 -43.68 -19.96
C LYS B 155 -3.10 -43.07 -21.13
N HIS B 156 -3.28 -41.75 -21.11
CA HIS B 156 -4.12 -41.07 -22.09
C HIS B 156 -3.42 -40.79 -23.43
N THR B 157 -2.10 -40.64 -23.41
CA THR B 157 -1.31 -40.45 -24.65
C THR B 157 -0.79 -41.75 -25.27
N LYS B 158 -0.82 -42.84 -24.49
CA LYS B 158 -0.17 -44.12 -24.86
C LYS B 158 1.34 -44.04 -25.06
N GLN B 159 1.98 -43.02 -24.47
CA GLN B 159 3.43 -42.88 -24.47
C GLN B 159 3.95 -43.57 -23.23
N SER B 160 5.21 -44.00 -23.27
CA SER B 160 5.85 -44.66 -22.13
C SER B 160 6.16 -43.63 -21.04
N LEU B 161 6.35 -44.09 -19.82
CA LEU B 161 6.68 -43.23 -18.69
C LEU B 161 7.99 -42.46 -18.91
N GLN B 162 8.98 -43.12 -19.52
CA GLN B 162 10.27 -42.49 -19.83
C GLN B 162 10.15 -41.37 -20.87
N VAL B 163 9.34 -41.58 -21.90
CA VAL B 163 9.06 -40.56 -22.92
C VAL B 163 8.32 -39.36 -22.30
N ILE B 164 7.36 -39.64 -21.41
CA ILE B 164 6.61 -38.58 -20.71
C ILE B 164 7.54 -37.77 -19.79
N GLU B 165 8.37 -38.46 -19.00
CA GLU B 165 9.35 -37.80 -18.12
C GLU B 165 10.27 -36.84 -18.86
N SER B 166 10.91 -37.34 -19.91
CA SER B 166 11.86 -36.55 -20.71
C SER B 166 11.19 -35.36 -21.37
N ALA B 167 9.96 -35.55 -21.86
CA ALA B 167 9.20 -34.48 -22.53
C ALA B 167 8.78 -33.38 -21.56
N MET B 168 8.31 -33.75 -20.37
CA MET B 168 7.89 -32.77 -19.36
C MET B 168 9.02 -31.93 -18.77
N GLU B 169 10.26 -32.39 -18.92
CA GLU B 169 11.44 -31.62 -18.54
C GLU B 169 11.75 -30.47 -19.52
N ARG B 170 11.32 -30.61 -20.78
CA ARG B 170 11.59 -29.62 -21.83
C ARG B 170 10.63 -28.45 -21.75
N ASP B 171 11.16 -27.25 -21.51
CA ASP B 171 10.35 -26.04 -21.48
C ASP B 171 10.07 -25.58 -22.92
N ARG B 172 8.98 -26.08 -23.47
CA ARG B 172 8.55 -25.74 -24.83
C ARG B 172 7.06 -25.99 -24.97
N TYR B 173 6.44 -25.33 -25.95
CA TYR B 173 5.07 -25.62 -26.33
C TYR B 173 5.05 -26.46 -27.60
N MET B 174 3.97 -27.20 -27.78
CA MET B 174 3.70 -27.98 -28.97
C MET B 174 2.62 -27.28 -29.78
N SER B 175 2.71 -27.42 -31.10
CA SER B 175 1.60 -27.10 -31.98
C SER B 175 0.48 -28.12 -31.79
N PRO B 176 -0.73 -27.83 -32.29
CA PRO B 176 -1.80 -28.84 -32.22
C PRO B 176 -1.47 -30.16 -32.95
N MET B 177 -0.81 -30.07 -34.10
CA MET B 177 -0.35 -31.24 -34.84
C MET B 177 0.70 -32.05 -34.06
N GLU B 178 1.65 -31.35 -33.44
CA GLU B 178 2.63 -31.96 -32.54
C GLU B 178 1.95 -32.65 -31.35
N ALA B 179 0.96 -31.97 -30.76
CA ALA B 179 0.17 -32.55 -29.67
C ALA B 179 -0.62 -33.78 -30.13
N GLN B 180 -1.14 -33.72 -31.36
CA GLN B 180 -1.86 -34.85 -31.97
C GLN B 180 -1.00 -36.10 -32.09
N GLU B 181 0.18 -35.96 -32.69
CA GLU B 181 1.12 -37.09 -32.83
C GLU B 181 1.66 -37.62 -31.50
N PHE B 182 1.78 -36.74 -30.50
CA PHE B 182 2.18 -37.16 -29.14
C PHE B 182 1.10 -37.98 -28.43
N GLY B 183 -0.17 -37.79 -28.81
CA GLY B 183 -1.31 -38.48 -28.21
C GLY B 183 -2.11 -37.64 -27.22
N ILE B 184 -1.85 -36.33 -27.16
CA ILE B 184 -2.56 -35.41 -26.27
C ILE B 184 -3.96 -35.13 -26.82
N LEU B 185 -4.09 -35.04 -28.14
CA LEU B 185 -5.38 -34.82 -28.77
C LEU B 185 -5.54 -35.64 -30.04
N ASP B 186 -6.76 -35.66 -30.56
CA ASP B 186 -7.12 -36.49 -31.71
C ASP B 186 -7.30 -35.71 -33.00
N LYS B 187 -7.90 -34.52 -32.91
CA LYS B 187 -8.29 -33.76 -34.08
C LYS B 187 -7.89 -32.28 -33.97
N VAL B 188 -7.33 -31.76 -35.06
CA VAL B 188 -7.04 -30.35 -35.21
C VAL B 188 -8.00 -29.82 -36.28
N LEU B 189 -8.96 -28.99 -35.86
CA LEU B 189 -10.04 -28.55 -36.74
C LEU B 189 -9.97 -27.06 -37.02
N VAL B 190 -10.02 -26.70 -38.31
CA VAL B 190 -10.14 -25.30 -38.73
C VAL B 190 -11.62 -24.90 -38.74
N HIS B 191 -12.47 -25.82 -39.22
CA HIS B 191 -13.93 -25.65 -39.22
C HIS B 191 -14.61 -26.97 -38.77
N PRO B 192 -15.90 -26.92 -38.38
CA PRO B 192 -16.63 -28.15 -38.08
C PRO B 192 -17.14 -28.82 -39.37
N ILE C 19 -25.45 -22.11 -9.02
CA ILE C 19 -25.04 -23.55 -9.04
C ILE C 19 -24.96 -24.16 -7.62
N TYR C 20 -24.50 -23.38 -6.65
CA TYR C 20 -24.35 -23.86 -5.27
C TYR C 20 -25.69 -23.97 -4.51
N SER C 21 -26.71 -23.27 -4.99
CA SER C 21 -28.09 -23.49 -4.54
C SER C 21 -28.62 -24.83 -5.07
N ARG C 22 -28.33 -25.13 -6.34
CA ARG C 22 -28.77 -26.38 -6.98
C ARG C 22 -28.10 -27.61 -6.37
N LEU C 23 -26.84 -27.47 -5.93
CA LEU C 23 -26.15 -28.52 -5.17
C LEU C 23 -26.87 -28.82 -3.85
N LEU C 24 -27.31 -27.76 -3.16
CA LEU C 24 -28.01 -27.88 -1.88
C LEU C 24 -29.34 -28.64 -1.98
N ARG C 25 -30.01 -28.58 -3.14
CA ARG C 25 -31.23 -29.37 -3.40
C ARG C 25 -30.92 -30.87 -3.51
N GLU C 26 -29.75 -31.20 -4.07
CA GLU C 26 -29.31 -32.60 -4.19
C GLU C 26 -28.64 -33.17 -2.92
N ARG C 27 -28.71 -32.44 -1.80
CA ARG C 27 -28.14 -32.85 -0.53
C ARG C 27 -26.60 -32.95 -0.59
N ILE C 28 -26.01 -31.93 -1.22
CA ILE C 28 -24.56 -31.83 -1.39
C ILE C 28 -24.07 -30.58 -0.67
N VAL C 29 -23.09 -30.76 0.22
CA VAL C 29 -22.45 -29.67 0.93
C VAL C 29 -20.96 -29.68 0.59
N CYS C 30 -20.39 -28.50 0.35
CA CYS C 30 -19.01 -28.36 -0.11
C CYS C 30 -18.12 -27.72 0.94
N VAL C 31 -17.11 -28.45 1.40
CA VAL C 31 -16.08 -27.92 2.29
C VAL C 31 -14.88 -27.65 1.40
N MET C 32 -14.81 -26.42 0.90
CA MET C 32 -13.88 -26.03 -0.17
C MET C 32 -12.87 -25.02 0.33
N GLY C 33 -11.59 -25.32 0.13
CA GLY C 33 -10.53 -24.39 0.48
C GLY C 33 -10.28 -24.26 1.97
N PRO C 34 -9.58 -23.19 2.40
CA PRO C 34 -9.25 -23.02 3.81
C PRO C 34 -10.48 -22.94 4.72
N ILE C 35 -10.46 -23.72 5.80
CA ILE C 35 -11.58 -23.78 6.73
C ILE C 35 -11.39 -22.68 7.78
N ASP C 36 -12.27 -21.68 7.74
CA ASP C 36 -12.37 -20.64 8.78
C ASP C 36 -13.78 -20.68 9.39
N ASP C 37 -14.08 -19.77 10.31
CA ASP C 37 -15.41 -19.70 10.92
C ASP C 37 -16.53 -19.42 9.91
N SER C 38 -16.28 -18.56 8.93
CA SER C 38 -17.29 -18.25 7.89
C SER C 38 -17.68 -19.45 7.04
N VAL C 39 -16.68 -20.24 6.62
CA VAL C 39 -16.94 -21.48 5.88
C VAL C 39 -17.65 -22.50 6.79
N ALA C 40 -17.17 -22.64 8.02
CA ALA C 40 -17.75 -23.58 8.99
C ALA C 40 -19.24 -23.32 9.23
N SER C 41 -19.58 -22.07 9.54
CA SER C 41 -20.96 -21.71 9.84
C SER C 41 -21.90 -21.85 8.63
N LEU C 42 -21.38 -21.55 7.43
CA LEU C 42 -22.13 -21.80 6.19
C LEU C 42 -22.41 -23.29 5.99
N VAL C 43 -21.37 -24.12 6.15
CA VAL C 43 -21.49 -25.58 6.04
C VAL C 43 -22.43 -26.14 7.12
N ILE C 44 -22.27 -25.65 8.34
CA ILE C 44 -23.12 -26.02 9.48
C ILE C 44 -24.60 -25.65 9.24
N ALA C 45 -24.83 -24.43 8.79
CA ALA C 45 -26.19 -23.96 8.45
C ALA C 45 -26.85 -24.84 7.40
N GLN C 46 -26.07 -25.24 6.38
CA GLN C 46 -26.55 -26.14 5.33
C GLN C 46 -26.86 -27.55 5.84
N LEU C 47 -26.05 -28.06 6.77
CA LEU C 47 -26.28 -29.39 7.36
C LEU C 47 -27.60 -29.50 8.15
N LEU C 48 -27.99 -28.42 8.81
CA LEU C 48 -29.26 -28.36 9.54
C LEU C 48 -30.46 -28.30 8.60
N PHE C 49 -30.36 -27.47 7.56
CA PHE C 49 -31.37 -27.41 6.49
C PHE C 49 -31.66 -28.81 5.96
N LEU C 50 -30.60 -29.53 5.60
CA LEU C 50 -30.72 -30.87 5.03
C LEU C 50 -31.30 -31.90 6.02
N GLN C 51 -31.07 -31.76 7.31
CA GLN C 51 -31.71 -32.61 8.33
C GLN C 51 -33.19 -32.27 8.52
N SER C 52 -33.51 -30.95 8.53
CA SER C 52 -34.90 -30.52 8.65
C SER C 52 -35.74 -30.94 7.43
N GLU C 53 -35.13 -30.92 6.24
CA GLU C 53 -35.76 -31.44 5.02
C GLU C 53 -35.95 -32.96 5.06
N SER C 54 -34.97 -33.68 5.63
CA SER C 54 -35.08 -35.13 5.82
C SER C 54 -34.08 -35.63 6.86
N ASN C 55 -34.59 -36.26 7.92
CA ASN C 55 -33.73 -36.82 8.99
C ASN C 55 -32.91 -38.03 8.56
N LYS C 56 -33.39 -38.78 7.57
CA LYS C 56 -32.80 -40.08 7.19
C LYS C 56 -32.04 -40.12 5.86
N LYS C 57 -32.45 -39.31 4.88
CA LYS C 57 -31.81 -39.32 3.56
C LYS C 57 -30.35 -38.85 3.67
N PRO C 58 -29.40 -39.59 3.03
CA PRO C 58 -27.98 -39.23 3.10
C PRO C 58 -27.63 -37.81 2.66
N ILE C 59 -26.56 -37.26 3.25
CA ILE C 59 -25.99 -35.97 2.86
C ILE C 59 -24.59 -36.24 2.33
N HIS C 60 -24.26 -35.59 1.21
CA HIS C 60 -22.94 -35.73 0.58
C HIS C 60 -22.07 -34.54 0.93
N MET C 61 -20.89 -34.82 1.50
CA MET C 61 -19.92 -33.79 1.86
C MET C 61 -18.72 -33.87 0.93
N TYR C 62 -18.65 -32.92 0.00
CA TYR C 62 -17.48 -32.73 -0.86
C TYR C 62 -16.39 -32.03 -0.05
N ILE C 63 -15.22 -32.66 0.07
CA ILE C 63 -14.07 -32.08 0.78
C ILE C 63 -12.89 -31.92 -0.18
N ASN C 64 -12.57 -30.66 -0.51
CA ASN C 64 -11.36 -30.30 -1.25
C ASN C 64 -10.73 -29.14 -0.50
N SER C 65 -9.84 -29.45 0.45
CA SER C 65 -9.39 -28.46 1.44
C SER C 65 -7.98 -28.73 1.99
N PRO C 66 -7.14 -27.68 2.09
CA PRO C 66 -5.85 -27.83 2.78
C PRO C 66 -5.95 -27.83 4.32
N GLY C 67 -7.15 -27.64 4.86
CA GLY C 67 -7.35 -27.61 6.31
C GLY C 67 -7.69 -26.20 6.71
N GLY C 68 -7.44 -25.86 7.97
CA GLY C 68 -7.66 -24.50 8.46
C GLY C 68 -7.74 -24.43 9.96
N VAL C 69 -8.63 -23.58 10.46
CA VAL C 69 -8.71 -23.26 11.88
C VAL C 69 -9.28 -24.47 12.61
N VAL C 70 -8.64 -24.87 13.71
CA VAL C 70 -9.00 -26.11 14.42
C VAL C 70 -10.42 -26.05 14.99
N THR C 71 -10.76 -24.96 15.70
CA THR C 71 -12.12 -24.82 16.28
C THR C 71 -13.20 -24.82 15.21
N ALA C 72 -12.93 -24.22 14.05
CA ALA C 72 -13.85 -24.21 12.92
C ALA C 72 -14.09 -25.63 12.39
N GLY C 73 -13.01 -26.39 12.24
CA GLY C 73 -13.11 -27.79 11.85
C GLY C 73 -13.88 -28.64 12.85
N LEU C 74 -13.62 -28.43 14.15
CA LEU C 74 -14.35 -29.13 15.21
C LEU C 74 -15.84 -28.77 15.25
N ALA C 75 -16.16 -27.51 14.93
CA ALA C 75 -17.55 -27.05 14.80
C ALA C 75 -18.30 -27.86 13.74
N ILE C 76 -17.65 -28.07 12.60
CA ILE C 76 -18.24 -28.88 11.53
C ILE C 76 -18.35 -30.33 11.99
N TYR C 77 -17.26 -30.87 12.56
CA TYR C 77 -17.22 -32.24 13.04
C TYR C 77 -18.38 -32.53 14.01
N ASP C 78 -18.50 -31.70 15.04
CA ASP C 78 -19.57 -31.85 16.02
C ASP C 78 -20.96 -31.80 15.39
N THR C 79 -21.15 -30.89 14.43
CA THR C 79 -22.43 -30.80 13.71
C THR C 79 -22.71 -32.07 12.89
N MET C 80 -21.68 -32.61 12.25
CA MET C 80 -21.78 -33.88 11.53
C MET C 80 -22.25 -35.02 12.45
N GLN C 81 -21.69 -35.10 13.65
CA GLN C 81 -22.08 -36.13 14.63
C GLN C 81 -23.45 -35.84 15.26
N TYR C 82 -23.75 -34.56 15.45
CA TYR C 82 -25.01 -34.12 16.07
C TYR C 82 -26.23 -34.44 15.22
N ILE C 83 -26.15 -34.16 13.92
CA ILE C 83 -27.22 -34.55 13.00
C ILE C 83 -27.21 -36.08 12.89
N LEU C 84 -28.41 -36.67 12.79
CA LEU C 84 -28.54 -38.13 12.76
C LEU C 84 -28.44 -38.71 11.35
N ASN C 85 -28.35 -37.84 10.33
CA ASN C 85 -28.26 -38.27 8.93
C ASN C 85 -27.00 -39.07 8.65
N PRO C 86 -27.08 -40.07 7.76
CA PRO C 86 -25.84 -40.64 7.24
C PRO C 86 -25.12 -39.58 6.40
N ILE C 87 -23.80 -39.47 6.57
CA ILE C 87 -23.00 -38.49 5.82
C ILE C 87 -21.96 -39.22 4.98
N CYS C 88 -22.08 -39.08 3.66
CA CYS C 88 -21.08 -39.59 2.74
C CYS C 88 -20.04 -38.51 2.51
N THR C 89 -18.78 -38.79 2.86
CA THR C 89 -17.68 -37.85 2.63
C THR C 89 -16.93 -38.24 1.35
N TRP C 90 -16.52 -37.23 0.58
CA TRP C 90 -15.89 -37.42 -0.72
C TRP C 90 -14.63 -36.56 -0.83
N CYS C 91 -13.47 -37.20 -0.75
CA CYS C 91 -12.18 -36.52 -0.91
C CYS C 91 -11.87 -36.38 -2.40
N VAL C 92 -11.92 -35.15 -2.89
CA VAL C 92 -11.63 -34.82 -4.29
C VAL C 92 -10.58 -33.70 -4.28
N GLY C 93 -9.46 -33.92 -4.95
CA GLY C 93 -8.33 -32.99 -4.90
C GLY C 93 -7.46 -33.30 -3.70
N GLN C 94 -7.85 -32.78 -2.54
CA GLN C 94 -7.12 -33.06 -1.29
C GLN C 94 -7.96 -32.89 -0.03
N ALA C 95 -7.55 -33.59 1.03
CA ALA C 95 -8.05 -33.38 2.38
C ALA C 95 -6.85 -33.38 3.31
N ALA C 96 -6.38 -32.19 3.69
CA ALA C 96 -5.23 -32.03 4.58
C ALA C 96 -5.65 -31.42 5.91
N SER C 97 -4.94 -31.79 6.98
CA SER C 97 -5.18 -31.25 8.33
C SER C 97 -6.65 -31.47 8.73
N MET C 98 -7.39 -30.41 9.10
CA MET C 98 -8.79 -30.58 9.54
C MET C 98 -9.71 -31.15 8.46
N GLY C 99 -9.37 -30.95 7.19
CA GLY C 99 -10.08 -31.59 6.07
C GLY C 99 -10.12 -33.11 6.15
N SER C 100 -9.00 -33.71 6.55
CA SER C 100 -8.92 -35.18 6.71
C SER C 100 -9.68 -35.70 7.92
N LEU C 101 -9.79 -34.88 8.97
CA LEU C 101 -10.61 -35.19 10.14
C LEU C 101 -12.08 -35.30 9.74
N LEU C 102 -12.55 -34.34 8.96
CA LEU C 102 -13.93 -34.35 8.45
C LEU C 102 -14.19 -35.52 7.51
N LEU C 103 -13.23 -35.82 6.64
CA LEU C 103 -13.28 -37.02 5.79
C LEU C 103 -13.43 -38.30 6.63
N ALA C 104 -12.58 -38.45 7.64
CA ALA C 104 -12.63 -39.59 8.57
C ALA C 104 -13.90 -39.67 9.41
N ALA C 105 -14.55 -38.54 9.63
CA ALA C 105 -15.78 -38.45 10.43
C ALA C 105 -17.09 -38.80 9.70
N GLY C 106 -17.00 -39.15 8.41
CA GLY C 106 -18.18 -39.65 7.69
C GLY C 106 -18.72 -40.93 8.30
N THR C 107 -19.96 -41.28 7.96
CA THR C 107 -20.58 -42.51 8.45
C THR C 107 -19.74 -43.72 8.05
N PRO C 108 -19.54 -44.70 8.97
CA PRO C 108 -18.79 -45.90 8.58
C PRO C 108 -19.34 -46.55 7.31
N GLY C 109 -18.43 -46.98 6.43
CA GLY C 109 -18.78 -47.48 5.09
C GLY C 109 -19.09 -46.46 4.01
N MET C 110 -19.20 -45.17 4.38
CA MET C 110 -19.61 -44.11 3.45
C MET C 110 -18.54 -43.02 3.29
N ARG C 111 -17.28 -43.35 3.55
CA ARG C 111 -16.17 -42.40 3.43
C ARG C 111 -15.37 -42.72 2.17
N HIS C 112 -15.44 -41.82 1.19
CA HIS C 112 -14.94 -42.07 -0.17
C HIS C 112 -13.79 -41.14 -0.57
N SER C 113 -13.00 -41.59 -1.54
CA SER C 113 -12.03 -40.74 -2.23
C SER C 113 -11.93 -41.15 -3.69
N LEU C 114 -11.71 -40.16 -4.57
CA LEU C 114 -11.36 -40.43 -5.96
C LEU C 114 -9.86 -40.76 -6.01
N PRO C 115 -9.38 -41.38 -7.11
CA PRO C 115 -8.06 -42.06 -7.08
C PRO C 115 -6.80 -41.20 -6.92
N ASN C 116 -6.84 -39.94 -7.34
CA ASN C 116 -5.65 -39.08 -7.33
C ASN C 116 -5.64 -38.03 -6.21
N SER C 117 -6.59 -38.12 -5.27
CA SER C 117 -6.61 -37.25 -4.10
C SER C 117 -5.41 -37.50 -3.19
N ARG C 118 -5.07 -36.48 -2.40
CA ARG C 118 -3.99 -36.57 -1.39
C ARG C 118 -4.59 -36.31 -0.01
N ILE C 119 -4.22 -37.15 0.96
CA ILE C 119 -4.78 -37.07 2.32
C ILE C 119 -3.63 -36.87 3.32
N MET C 120 -3.75 -35.87 4.18
CA MET C 120 -2.76 -35.59 5.23
C MET C 120 -3.45 -35.31 6.56
N ILE C 121 -3.03 -36.01 7.61
CA ILE C 121 -3.51 -35.74 8.98
C ILE C 121 -2.58 -34.78 9.74
N HIS C 122 -1.34 -34.65 9.28
CA HIS C 122 -0.40 -33.64 9.81
C HIS C 122 -0.95 -32.22 9.64
N GLN C 123 -0.69 -31.37 10.64
CA GLN C 123 -1.11 -29.96 10.62
C GLN C 123 0.12 -29.05 10.49
N PRO C 124 0.40 -28.53 9.27
CA PRO C 124 1.61 -27.71 9.06
C PRO C 124 1.63 -26.39 9.85
N GLN C 138 -2.47 -20.13 24.27
CA GLN C 138 -1.50 -20.59 25.27
C GLN C 138 -0.98 -21.99 24.94
N ALA C 139 0.12 -22.36 25.58
CA ALA C 139 0.78 -23.65 25.37
C ALA C 139 -0.08 -24.82 25.83
N GLU C 140 -0.74 -24.67 26.97
CA GLU C 140 -1.64 -25.69 27.50
C GLU C 140 -2.88 -25.89 26.60
N GLU C 141 -3.40 -24.79 26.04
CA GLU C 141 -4.62 -24.83 25.20
C GLU C 141 -4.40 -25.57 23.88
N ILE C 142 -3.30 -25.27 23.20
CA ILE C 142 -3.01 -25.92 21.91
C ILE C 142 -2.79 -27.43 22.09
N MET C 143 -2.17 -27.82 23.21
CA MET C 143 -2.03 -29.24 23.58
C MET C 143 -3.36 -29.90 23.93
N LYS C 144 -4.24 -29.19 24.64
CA LYS C 144 -5.59 -29.70 24.93
C LYS C 144 -6.38 -29.95 23.64
N LEU C 145 -6.33 -29.00 22.71
CA LEU C 145 -6.98 -29.16 21.40
C LEU C 145 -6.34 -30.28 20.58
N LYS C 146 -5.03 -30.44 20.68
CA LYS C 146 -4.31 -31.51 19.98
C LYS C 146 -4.75 -32.89 20.48
N LYS C 147 -4.90 -33.03 21.79
CA LYS C 147 -5.43 -34.27 22.39
C LYS C 147 -6.87 -34.57 21.95
N GLN C 148 -7.71 -33.53 21.82
CA GLN C 148 -9.05 -33.69 21.24
C GLN C 148 -9.00 -34.27 19.83
N LEU C 149 -8.08 -33.75 19.02
CA LEU C 149 -7.88 -34.26 17.66
C LEU C 149 -7.39 -35.70 17.67
N TYR C 150 -6.48 -36.04 18.59
CA TYR C 150 -6.00 -37.43 18.74
C TYR C 150 -7.14 -38.37 19.09
N ASN C 151 -8.02 -37.95 19.99
CA ASN C 151 -9.17 -38.75 20.41
C ASN C 151 -10.18 -38.95 19.28
N ILE C 152 -10.44 -37.90 18.51
CA ILE C 152 -11.37 -37.97 17.37
C ILE C 152 -10.81 -38.90 16.29
N TYR C 153 -9.56 -38.67 15.89
CA TYR C 153 -8.91 -39.52 14.88
C TYR C 153 -8.87 -41.00 15.31
N ALA C 154 -8.46 -41.24 16.56
CA ALA C 154 -8.44 -42.58 17.14
C ALA C 154 -9.80 -43.28 17.03
N LYS C 155 -10.85 -42.58 17.45
CA LYS C 155 -12.23 -43.10 17.39
C LYS C 155 -12.62 -43.56 15.98
N HIS C 156 -12.47 -42.66 15.01
CA HIS C 156 -12.95 -42.90 13.65
C HIS C 156 -12.03 -43.76 12.75
N THR C 157 -10.74 -43.79 13.06
CA THR C 157 -9.79 -44.62 12.32
C THR C 157 -9.58 -46.02 12.92
N LYS C 158 -9.96 -46.20 14.19
CA LYS C 158 -9.66 -47.40 14.99
C LYS C 158 -8.16 -47.58 15.30
N GLN C 159 -7.36 -46.52 15.13
CA GLN C 159 -5.92 -46.57 15.44
C GLN C 159 -5.72 -46.15 16.90
N SER C 160 -4.59 -46.54 17.47
CA SER C 160 -4.24 -46.13 18.85
C SER C 160 -3.84 -44.65 18.92
N LEU C 161 -3.89 -44.10 20.12
CA LEU C 161 -3.49 -42.70 20.38
C LEU C 161 -2.01 -42.46 20.06
N GLN C 162 -1.17 -43.45 20.31
CA GLN C 162 0.25 -43.40 19.95
C GLN C 162 0.46 -43.28 18.44
N VAL C 163 -0.23 -44.13 17.68
CA VAL C 163 -0.09 -44.18 16.21
C VAL C 163 -0.64 -42.91 15.54
N ILE C 164 -1.75 -42.38 16.06
CA ILE C 164 -2.27 -41.08 15.60
C ILE C 164 -1.26 -39.96 15.88
N GLU C 165 -0.70 -39.94 17.08
CA GLU C 165 0.29 -38.92 17.46
C GLU C 165 1.53 -38.93 16.53
N SER C 166 2.08 -40.13 16.29
CA SER C 166 3.24 -40.27 15.40
C SER C 166 2.93 -39.83 13.97
N ALA C 167 1.78 -40.27 13.45
CA ALA C 167 1.37 -39.90 12.09
C ALA C 167 1.17 -38.39 11.92
N MET C 168 0.60 -37.74 12.94
CA MET C 168 0.36 -36.29 12.89
C MET C 168 1.64 -35.45 12.96
N GLU C 169 2.72 -36.02 13.51
CA GLU C 169 4.05 -35.39 13.45
C GLU C 169 4.69 -35.46 12.05
N ARG C 170 4.42 -36.55 11.32
CA ARG C 170 5.07 -36.81 10.02
C ARG C 170 4.48 -35.93 8.92
N ASP C 171 5.31 -35.02 8.39
CA ASP C 171 4.91 -34.14 7.31
C ASP C 171 4.98 -34.90 5.98
N ARG C 172 3.90 -35.60 5.67
CA ARG C 172 3.78 -36.34 4.41
C ARG C 172 2.30 -36.58 4.10
N TYR C 173 2.00 -36.76 2.83
CA TYR C 173 0.65 -37.07 2.39
C TYR C 173 0.52 -38.57 2.20
N MET C 174 -0.73 -39.03 2.31
CA MET C 174 -1.09 -40.42 2.06
C MET C 174 -1.81 -40.50 0.73
N SER C 175 -1.60 -41.59 0.00
CA SER C 175 -2.47 -41.94 -1.11
C SER C 175 -3.84 -42.35 -0.54
N PRO C 176 -4.89 -42.36 -1.38
CA PRO C 176 -6.20 -42.86 -0.93
C PRO C 176 -6.17 -44.29 -0.38
N MET C 177 -5.38 -45.16 -0.99
CA MET C 177 -5.20 -46.54 -0.50
C MET C 177 -4.49 -46.62 0.85
N GLU C 178 -3.48 -45.79 1.06
CA GLU C 178 -2.83 -45.67 2.37
C GLU C 178 -3.80 -45.13 3.44
N ALA C 179 -4.61 -44.14 3.05
CA ALA C 179 -5.65 -43.59 3.92
C ALA C 179 -6.72 -44.64 4.27
N GLN C 180 -7.06 -45.50 3.31
CA GLN C 180 -7.99 -46.61 3.53
C GLN C 180 -7.46 -47.59 4.57
N GLU C 181 -6.21 -48.03 4.39
CA GLU C 181 -5.54 -48.92 5.34
C GLU C 181 -5.38 -48.31 6.74
N PHE C 182 -5.15 -47.00 6.79
CA PHE C 182 -5.01 -46.29 8.06
C PHE C 182 -6.34 -46.14 8.80
N GLY C 183 -7.46 -46.20 8.08
CA GLY C 183 -8.80 -46.09 8.65
C GLY C 183 -9.48 -44.74 8.45
N ILE C 184 -8.89 -43.88 7.61
CA ILE C 184 -9.46 -42.56 7.32
C ILE C 184 -10.65 -42.66 6.37
N LEU C 185 -10.63 -43.63 5.46
CA LEU C 185 -11.73 -43.81 4.51
C LEU C 185 -12.00 -45.28 4.23
N ASP C 186 -13.11 -45.54 3.53
CA ASP C 186 -13.60 -46.90 3.28
C ASP C 186 -13.37 -47.35 1.84
N LYS C 187 -13.77 -46.51 0.88
CA LYS C 187 -13.73 -46.88 -0.55
C LYS C 187 -12.90 -45.89 -1.37
N VAL C 188 -12.05 -46.43 -2.24
CA VAL C 188 -11.32 -45.66 -3.25
C VAL C 188 -11.86 -46.09 -4.62
N LEU C 189 -12.59 -45.20 -5.27
CA LEU C 189 -13.33 -45.55 -6.48
C LEU C 189 -13.00 -44.66 -7.67
N VAL C 190 -12.95 -45.28 -8.85
CA VAL C 190 -12.69 -44.60 -10.12
C VAL C 190 -14.01 -44.17 -10.75
N HIS C 191 -15.03 -45.03 -10.67
CA HIS C 191 -16.39 -44.75 -11.16
C HIS C 191 -17.40 -45.13 -10.07
N PRO C 192 -18.70 -44.78 -10.26
CA PRO C 192 -19.73 -45.22 -9.30
C PRO C 192 -19.88 -46.75 -9.22
N PRO C 193 -20.36 -47.27 -8.07
CA PRO C 193 -20.44 -48.72 -7.88
C PRO C 193 -21.70 -49.32 -8.49
N ASP D 18 -28.56 -16.06 2.30
CA ASP D 18 -29.90 -16.69 2.08
C ASP D 18 -30.21 -17.77 3.13
N ILE D 19 -29.24 -18.64 3.40
CA ILE D 19 -29.42 -19.75 4.36
C ILE D 19 -29.67 -19.26 5.79
N TYR D 20 -29.11 -18.11 6.16
CA TYR D 20 -29.32 -17.53 7.49
C TYR D 20 -30.73 -16.94 7.65
N SER D 21 -31.29 -16.43 6.56
CA SER D 21 -32.71 -16.01 6.54
C SER D 21 -33.67 -17.22 6.58
N ARG D 22 -33.28 -18.33 5.94
CA ARG D 22 -34.03 -19.60 6.06
C ARG D 22 -34.02 -20.08 7.52
N LEU D 23 -32.87 -19.98 8.17
CA LEU D 23 -32.75 -20.31 9.60
C LEU D 23 -33.58 -19.38 10.49
N LEU D 24 -33.61 -18.10 10.14
CA LEU D 24 -34.44 -17.12 10.84
C LEU D 24 -35.93 -17.46 10.79
N ARG D 25 -36.39 -18.02 9.67
CA ARG D 25 -37.76 -18.53 9.54
C ARG D 25 -38.08 -19.60 10.57
N GLU D 26 -37.10 -20.45 10.88
CA GLU D 26 -37.21 -21.46 11.95
C GLU D 26 -36.70 -21.00 13.33
N ARG D 27 -36.73 -19.68 13.57
CA ARG D 27 -36.40 -19.09 14.88
C ARG D 27 -34.96 -19.34 15.36
N ILE D 28 -34.02 -19.40 14.41
CA ILE D 28 -32.61 -19.60 14.69
C ILE D 28 -31.85 -18.31 14.37
N VAL D 29 -31.18 -17.76 15.40
CA VAL D 29 -30.32 -16.58 15.25
C VAL D 29 -28.87 -17.04 15.44
N CYS D 30 -27.96 -16.51 14.61
CA CYS D 30 -26.56 -16.93 14.61
C CYS D 30 -25.64 -15.78 15.01
N VAL D 31 -24.89 -15.97 16.09
CA VAL D 31 -23.84 -15.03 16.53
C VAL D 31 -22.50 -15.62 16.10
N MET D 32 -22.03 -15.18 14.94
CA MET D 32 -20.91 -15.79 14.23
C MET D 32 -19.74 -14.83 14.15
N GLY D 33 -18.57 -15.30 14.57
CA GLY D 33 -17.34 -14.54 14.43
C GLY D 33 -17.25 -13.36 15.38
N PRO D 34 -16.35 -12.40 15.10
CA PRO D 34 -16.15 -11.27 15.99
C PRO D 34 -17.42 -10.43 16.15
N ILE D 35 -17.80 -10.14 17.39
CA ILE D 35 -18.98 -9.34 17.68
C ILE D 35 -18.57 -7.86 17.64
N ASP D 36 -19.16 -7.12 16.71
CA ASP D 36 -19.07 -5.66 16.67
C ASP D 36 -20.48 -5.08 16.63
N ASP D 37 -20.59 -3.76 16.50
CA ASP D 37 -21.88 -3.07 16.49
C ASP D 37 -22.81 -3.50 15.37
N SER D 38 -22.25 -3.81 14.19
CA SER D 38 -23.07 -4.24 13.04
C SER D 38 -23.62 -5.66 13.24
N VAL D 39 -22.78 -6.58 13.72
CA VAL D 39 -23.23 -7.95 14.06
C VAL D 39 -24.31 -7.89 15.16
N ALA D 40 -24.06 -7.11 16.20
CA ALA D 40 -24.99 -6.96 17.33
C ALA D 40 -26.32 -6.38 16.89
N SER D 41 -26.27 -5.31 16.10
CA SER D 41 -27.48 -4.67 15.57
C SER D 41 -28.36 -5.61 14.73
N LEU D 42 -27.74 -6.46 13.92
CA LEU D 42 -28.46 -7.47 13.15
C LEU D 42 -29.09 -8.53 14.05
N VAL D 43 -28.31 -9.05 15.00
CA VAL D 43 -28.80 -10.06 15.96
C VAL D 43 -29.99 -9.51 16.75
N ILE D 44 -29.87 -8.26 17.18
CA ILE D 44 -30.89 -7.56 17.96
C ILE D 44 -32.20 -7.39 17.18
N ALA D 45 -32.09 -6.94 15.93
CA ALA D 45 -33.26 -6.82 15.04
C ALA D 45 -33.96 -8.17 14.87
N GLN D 46 -33.19 -9.21 14.56
CA GLN D 46 -33.70 -10.58 14.43
C GLN D 46 -34.41 -11.09 15.68
N LEU D 47 -33.86 -10.79 16.85
CA LEU D 47 -34.50 -11.12 18.14
C LEU D 47 -35.86 -10.42 18.33
N LEU D 48 -35.96 -9.15 17.94
CA LEU D 48 -37.25 -8.44 17.99
C LEU D 48 -38.25 -9.01 16.99
N PHE D 49 -37.77 -9.37 15.80
CA PHE D 49 -38.59 -10.03 14.79
C PHE D 49 -39.23 -11.31 15.34
N LEU D 50 -38.42 -12.18 15.92
CA LEU D 50 -38.90 -13.47 16.42
C LEU D 50 -39.89 -13.34 17.59
N GLN D 51 -39.69 -12.35 18.46
CA GLN D 51 -40.67 -12.07 19.54
C GLN D 51 -42.01 -11.58 18.99
N SER D 52 -41.97 -10.71 17.98
CA SER D 52 -43.19 -10.19 17.35
C SER D 52 -44.08 -11.31 16.81
N GLU D 53 -43.45 -12.32 16.19
CA GLU D 53 -44.16 -13.49 15.67
C GLU D 53 -44.71 -14.36 16.80
N SER D 54 -43.89 -14.59 17.83
CA SER D 54 -44.34 -15.26 19.04
C SER D 54 -43.43 -14.91 20.21
N ASN D 55 -44.00 -14.29 21.25
CA ASN D 55 -43.27 -14.02 22.50
C ASN D 55 -43.19 -15.23 23.44
N LYS D 56 -43.79 -16.35 23.06
CA LYS D 56 -43.82 -17.59 23.84
C LYS D 56 -42.86 -18.66 23.32
N LYS D 57 -42.85 -18.87 22.00
CA LYS D 57 -42.01 -19.90 21.36
C LYS D 57 -40.51 -19.67 21.61
N PRO D 58 -39.75 -20.76 21.87
CA PRO D 58 -38.29 -20.64 22.01
C PRO D 58 -37.59 -20.04 20.80
N ILE D 59 -36.50 -19.29 21.06
CA ILE D 59 -35.58 -18.82 20.03
C ILE D 59 -34.27 -19.55 20.26
N HIS D 60 -33.63 -19.98 19.17
CA HIS D 60 -32.35 -20.68 19.24
C HIS D 60 -31.21 -19.76 18.82
N MET D 61 -30.28 -19.51 19.74
CA MET D 61 -29.09 -18.68 19.47
C MET D 61 -27.86 -19.55 19.29
N TYR D 62 -27.40 -19.64 18.04
CA TYR D 62 -26.17 -20.34 17.69
C TYR D 62 -25.00 -19.39 17.97
N ILE D 63 -24.02 -19.87 18.73
CA ILE D 63 -22.85 -19.07 19.10
C ILE D 63 -21.58 -19.80 18.68
N ASN D 64 -20.89 -19.25 17.69
CA ASN D 64 -19.53 -19.64 17.33
C ASN D 64 -18.72 -18.36 17.15
N SER D 65 -18.11 -17.89 18.24
CA SER D 65 -17.48 -16.56 18.26
C SER D 65 -16.26 -16.50 19.18
N PRO D 66 -15.20 -15.78 18.75
CA PRO D 66 -14.10 -15.46 19.66
C PRO D 66 -14.39 -14.26 20.59
N GLY D 67 -15.61 -13.72 20.55
CA GLY D 67 -15.99 -12.58 21.38
C GLY D 67 -15.90 -11.31 20.57
N GLY D 68 -15.59 -10.20 21.22
CA GLY D 68 -15.42 -8.91 20.53
C GLY D 68 -15.71 -7.71 21.40
N VAL D 69 -16.35 -6.69 20.81
CA VAL D 69 -16.54 -5.40 21.47
C VAL D 69 -17.53 -5.55 22.64
N VAL D 70 -17.13 -5.07 23.82
CA VAL D 70 -17.89 -5.26 25.07
C VAL D 70 -19.29 -4.63 25.01
N THR D 71 -19.38 -3.37 24.56
CA THR D 71 -20.69 -2.69 24.49
C THR D 71 -21.63 -3.36 23.50
N ALA D 72 -21.08 -3.84 22.37
CA ALA D 72 -21.86 -4.61 21.38
C ALA D 72 -22.39 -5.92 21.98
N GLY D 73 -21.55 -6.60 22.76
CA GLY D 73 -21.94 -7.82 23.46
C GLY D 73 -23.02 -7.56 24.49
N LEU D 74 -22.84 -6.48 25.27
CA LEU D 74 -23.85 -6.04 26.23
C LEU D 74 -25.17 -5.61 25.59
N ALA D 75 -25.10 -5.02 24.39
CA ALA D 75 -26.30 -4.68 23.60
C ALA D 75 -27.12 -5.92 23.29
N ILE D 76 -26.45 -6.98 22.82
CA ILE D 76 -27.10 -8.26 22.56
C ILE D 76 -27.65 -8.84 23.87
N TYR D 77 -26.82 -8.85 24.91
CA TYR D 77 -27.23 -9.37 26.24
C TYR D 77 -28.53 -8.73 26.74
N ASP D 78 -28.56 -7.39 26.76
CA ASP D 78 -29.73 -6.66 27.24
C ASP D 78 -30.99 -6.95 26.42
N THR D 79 -30.84 -7.14 25.11
CA THR D 79 -31.95 -7.50 24.24
C THR D 79 -32.46 -8.91 24.56
N MET D 80 -31.54 -9.85 24.77
CA MET D 80 -31.89 -11.21 25.19
C MET D 80 -32.73 -11.23 26.47
N GLN D 81 -32.38 -10.38 27.44
CA GLN D 81 -33.15 -10.27 28.68
C GLN D 81 -34.46 -9.48 28.48
N TYR D 82 -34.44 -8.46 27.63
CA TYR D 82 -35.59 -7.55 27.41
C TYR D 82 -36.78 -8.24 26.73
N ILE D 83 -36.50 -9.11 25.75
CA ILE D 83 -37.57 -9.91 25.12
C ILE D 83 -38.07 -10.97 26.09
N LEU D 84 -39.33 -11.37 25.94
CA LEU D 84 -39.97 -12.32 26.85
C LEU D 84 -39.62 -13.79 26.56
N ASN D 85 -39.15 -14.06 25.34
CA ASN D 85 -38.98 -15.45 24.85
C ASN D 85 -37.96 -16.25 25.65
N PRO D 86 -38.19 -17.58 25.77
CA PRO D 86 -37.08 -18.46 26.12
C PRO D 86 -36.03 -18.43 25.01
N ILE D 87 -34.75 -18.34 25.38
CA ILE D 87 -33.65 -18.36 24.41
C ILE D 87 -32.76 -19.56 24.72
N CYS D 88 -32.76 -20.53 23.80
CA CYS D 88 -31.86 -21.68 23.86
C CYS D 88 -30.53 -21.26 23.24
N THR D 89 -29.45 -21.29 24.01
CA THR D 89 -28.12 -21.00 23.48
C THR D 89 -27.41 -22.30 23.12
N TRP D 90 -26.62 -22.25 22.05
CA TRP D 90 -25.94 -23.42 21.51
C TRP D 90 -24.51 -23.04 21.16
N CYS D 91 -23.55 -23.59 21.92
CA CYS D 91 -22.14 -23.35 21.67
C CYS D 91 -21.56 -24.40 20.74
N VAL D 92 -21.09 -23.95 19.58
CA VAL D 92 -20.48 -24.81 18.57
C VAL D 92 -19.14 -24.16 18.19
N GLY D 93 -18.08 -24.94 18.16
CA GLY D 93 -16.74 -24.42 17.85
C GLY D 93 -16.14 -23.76 19.08
N GLN D 94 -16.53 -22.52 19.34
CA GLN D 94 -16.13 -21.82 20.56
C GLN D 94 -17.08 -20.71 21.01
N ALA D 95 -17.01 -20.39 22.29
CA ALA D 95 -17.61 -19.18 22.84
C ALA D 95 -16.58 -18.57 23.77
N ALA D 96 -15.88 -17.54 23.28
CA ALA D 96 -14.81 -16.90 24.05
C ALA D 96 -15.20 -15.46 24.35
N SER D 97 -14.77 -14.99 25.53
CA SER D 97 -15.00 -13.61 25.97
C SER D 97 -16.52 -13.28 25.93
N MET D 98 -16.94 -12.27 25.18
CA MET D 98 -18.37 -11.89 25.17
C MET D 98 -19.27 -13.00 24.63
N GLY D 99 -18.74 -13.86 23.77
CA GLY D 99 -19.46 -15.05 23.30
C GLY D 99 -19.92 -15.98 24.41
N SER D 100 -19.08 -16.16 25.44
CA SER D 100 -19.43 -16.98 26.60
C SER D 100 -20.47 -16.29 27.52
N LEU D 101 -20.43 -14.95 27.58
CA LEU D 101 -21.47 -14.20 28.30
C LEU D 101 -22.85 -14.47 27.71
N LEU D 102 -22.95 -14.39 26.39
CA LEU D 102 -24.21 -14.63 25.68
C LEU D 102 -24.67 -16.07 25.86
N LEU D 103 -23.74 -17.02 25.72
CA LEU D 103 -23.99 -18.43 25.99
C LEU D 103 -24.57 -18.65 27.39
N ALA D 104 -23.94 -18.03 28.39
CA ALA D 104 -24.40 -18.08 29.78
C ALA D 104 -25.75 -17.39 30.01
N ALA D 105 -26.06 -16.39 29.18
CA ALA D 105 -27.29 -15.60 29.29
C ALA D 105 -28.55 -16.26 28.71
N GLY D 106 -28.43 -17.44 28.13
CA GLY D 106 -29.60 -18.24 27.72
C GLY D 106 -30.51 -18.56 28.90
N THR D 107 -31.75 -18.92 28.60
CA THR D 107 -32.76 -19.26 29.60
C THR D 107 -32.29 -20.45 30.45
N PRO D 108 -32.48 -20.41 31.79
CA PRO D 108 -32.11 -21.53 32.66
C PRO D 108 -32.59 -22.90 32.16
N GLY D 109 -31.68 -23.86 32.16
CA GLY D 109 -31.94 -25.21 31.62
C GLY D 109 -31.84 -25.35 30.11
N MET D 110 -31.61 -24.24 29.38
CA MET D 110 -31.64 -24.24 27.91
C MET D 110 -30.32 -23.75 27.32
N ARG D 111 -29.22 -23.91 28.06
CA ARG D 111 -27.91 -23.48 27.60
C ARG D 111 -27.08 -24.70 27.25
N HIS D 112 -26.75 -24.85 25.96
CA HIS D 112 -26.17 -26.07 25.41
C HIS D 112 -24.79 -25.87 24.80
N SER D 113 -24.00 -26.96 24.77
CA SER D 113 -22.77 -27.03 24.00
C SER D 113 -22.61 -28.42 23.38
N LEU D 114 -21.99 -28.45 22.19
CA LEU D 114 -21.57 -29.71 21.58
C LEU D 114 -20.26 -30.18 22.23
N PRO D 115 -19.89 -31.46 22.04
CA PRO D 115 -18.85 -32.03 22.91
C PRO D 115 -17.43 -31.46 22.77
N ASN D 116 -17.08 -30.91 21.61
CA ASN D 116 -15.70 -30.43 21.35
C ASN D 116 -15.56 -28.91 21.35
N SER D 117 -16.60 -28.18 21.74
CA SER D 117 -16.52 -26.73 21.84
C SER D 117 -15.53 -26.30 22.93
N ARG D 118 -15.02 -25.08 22.80
CA ARG D 118 -14.11 -24.49 23.79
C ARG D 118 -14.72 -23.19 24.30
N ILE D 119 -14.78 -23.05 25.63
CA ILE D 119 -15.46 -21.94 26.27
C ILE D 119 -14.46 -21.17 27.12
N MET D 120 -14.39 -19.85 26.94
CA MET D 120 -13.47 -18.99 27.67
C MET D 120 -14.22 -17.77 28.19
N ILE D 121 -14.07 -17.50 29.48
CA ILE D 121 -14.61 -16.27 30.10
C ILE D 121 -13.55 -15.17 30.22
N HIS D 122 -12.28 -15.56 30.13
CA HIS D 122 -11.17 -14.60 30.07
C HIS D 122 -11.37 -13.58 28.93
N GLN D 123 -10.98 -12.34 29.18
CA GLN D 123 -11.09 -11.25 28.20
C GLN D 123 -9.72 -10.95 27.60
N ILE D 137 -10.78 2.68 25.54
CA ILE D 137 -11.42 3.52 26.54
C ILE D 137 -10.45 3.95 27.64
N GLN D 138 -10.92 4.82 28.53
CA GLN D 138 -10.12 5.29 29.68
C GLN D 138 -10.00 4.21 30.78
N ALA D 139 -9.11 4.47 31.73
CA ALA D 139 -8.82 3.55 32.84
C ALA D 139 -10.04 3.20 33.70
N GLU D 140 -10.83 4.21 34.03
CA GLU D 140 -12.03 4.03 34.85
C GLU D 140 -13.14 3.27 34.10
N GLU D 141 -13.32 3.57 32.82
CA GLU D 141 -14.41 3.00 32.03
C GLU D 141 -14.26 1.51 31.74
N ILE D 142 -13.03 1.10 31.39
CA ILE D 142 -12.75 -0.33 31.18
C ILE D 142 -13.02 -1.12 32.46
N MET D 143 -12.71 -0.53 33.62
CA MET D 143 -12.99 -1.15 34.93
C MET D 143 -14.50 -1.21 35.23
N LYS D 144 -15.21 -0.11 34.98
CA LYS D 144 -16.67 -0.07 35.14
C LYS D 144 -17.36 -1.15 34.28
N LEU D 145 -16.98 -1.24 33.01
CA LEU D 145 -17.51 -2.28 32.11
C LEU D 145 -17.16 -3.70 32.58
N LYS D 146 -15.94 -3.86 33.10
CA LYS D 146 -15.49 -5.14 33.64
C LYS D 146 -16.36 -5.59 34.82
N LYS D 147 -16.69 -4.65 35.71
CA LYS D 147 -17.58 -4.93 36.84
C LYS D 147 -19.01 -5.30 36.40
N GLN D 148 -19.48 -4.68 35.30
CA GLN D 148 -20.75 -5.09 34.70
C GLN D 148 -20.69 -6.54 34.21
N LEU D 149 -19.56 -6.94 33.61
CA LEU D 149 -19.37 -8.32 33.16
C LEU D 149 -19.35 -9.32 34.32
N TYR D 150 -18.65 -8.97 35.41
CA TYR D 150 -18.60 -9.82 36.62
C TYR D 150 -20.00 -10.05 37.18
N ASN D 151 -20.76 -8.98 37.31
CA ASN D 151 -22.15 -9.03 37.79
C ASN D 151 -23.04 -9.92 36.93
N ILE D 152 -22.94 -9.77 35.62
CA ILE D 152 -23.75 -10.58 34.69
C ILE D 152 -23.38 -12.06 34.79
N TYR D 153 -22.08 -12.36 34.75
CA TYR D 153 -21.61 -13.75 34.90
C TYR D 153 -22.04 -14.34 36.25
N ALA D 154 -21.86 -13.56 37.32
CA ALA D 154 -22.27 -13.99 38.67
C ALA D 154 -23.75 -14.36 38.70
N LYS D 155 -24.59 -13.49 38.13
CA LYS D 155 -26.04 -13.73 38.05
C LYS D 155 -26.43 -15.02 37.35
N HIS D 156 -25.87 -15.24 36.15
CA HIS D 156 -26.26 -16.37 35.31
C HIS D 156 -25.57 -17.70 35.63
N THR D 157 -24.35 -17.63 36.16
CA THR D 157 -23.63 -18.83 36.60
C THR D 157 -23.97 -19.26 38.03
N LYS D 158 -24.54 -18.33 38.81
CA LYS D 158 -24.75 -18.50 40.26
C LYS D 158 -23.43 -18.61 41.04
N GLN D 159 -22.32 -18.17 40.45
CA GLN D 159 -21.03 -18.17 41.12
C GLN D 159 -20.87 -16.84 41.85
N SER D 160 -20.07 -16.88 42.91
CA SER D 160 -19.62 -15.70 43.62
C SER D 160 -18.90 -14.72 42.70
N LEU D 161 -19.05 -13.42 42.96
CA LEU D 161 -18.36 -12.35 42.22
C LEU D 161 -16.83 -12.50 42.23
N GLN D 162 -16.30 -12.93 43.37
CA GLN D 162 -14.86 -13.22 43.52
C GLN D 162 -14.42 -14.40 42.66
N VAL D 163 -15.23 -15.47 42.62
CA VAL D 163 -14.92 -16.65 41.81
C VAL D 163 -14.88 -16.28 40.32
N ILE D 164 -15.81 -15.42 39.89
CA ILE D 164 -15.85 -14.93 38.51
C ILE D 164 -14.61 -14.08 38.22
N GLU D 165 -14.32 -13.12 39.10
CA GLU D 165 -13.12 -12.28 38.99
C GLU D 165 -11.83 -13.07 38.84
N SER D 166 -11.63 -14.02 39.74
CA SER D 166 -10.42 -14.85 39.75
C SER D 166 -10.28 -15.68 38.48
N ALA D 167 -11.37 -16.34 38.10
CA ALA D 167 -11.40 -17.17 36.90
C ALA D 167 -11.14 -16.39 35.61
N MET D 168 -11.70 -15.18 35.49
CA MET D 168 -11.50 -14.35 34.30
C MET D 168 -10.08 -13.82 34.13
N GLU D 169 -9.30 -13.84 35.21
CA GLU D 169 -7.87 -13.54 35.17
C GLU D 169 -7.05 -14.64 34.46
N ARG D 170 -7.49 -15.89 34.58
CA ARG D 170 -6.79 -17.06 34.02
C ARG D 170 -6.99 -17.18 32.52
N ASP D 171 -5.90 -17.11 31.77
CA ASP D 171 -5.92 -17.27 30.32
C ASP D 171 -5.99 -18.76 29.97
N ARG D 172 -7.21 -19.29 29.93
CA ARG D 172 -7.44 -20.69 29.56
C ARG D 172 -8.87 -20.89 29.07
N TYR D 173 -9.09 -22.00 28.35
CA TYR D 173 -10.42 -22.43 27.94
C TYR D 173 -10.93 -23.52 28.87
N MET D 174 -12.25 -23.64 28.93
CA MET D 174 -12.93 -24.71 29.62
C MET D 174 -13.52 -25.65 28.57
N SER D 175 -13.51 -26.94 28.88
CA SER D 175 -14.30 -27.91 28.15
C SER D 175 -15.79 -27.66 28.42
N PRO D 176 -16.70 -28.23 27.60
CA PRO D 176 -18.13 -28.08 27.86
C PRO D 176 -18.57 -28.55 29.25
N MET D 177 -18.05 -29.69 29.71
CA MET D 177 -18.38 -30.23 31.03
C MET D 177 -17.88 -29.34 32.17
N GLU D 178 -16.68 -28.77 32.03
CA GLU D 178 -16.17 -27.77 32.98
C GLU D 178 -17.06 -26.52 33.04
N ALA D 179 -17.48 -26.05 31.88
CA ALA D 179 -18.39 -24.91 31.78
C ALA D 179 -19.77 -25.22 32.40
N GLN D 180 -20.22 -26.46 32.25
CA GLN D 180 -21.45 -26.92 32.90
C GLN D 180 -21.32 -26.85 34.42
N GLU D 181 -20.23 -27.43 34.94
CA GLU D 181 -19.93 -27.38 36.39
C GLU D 181 -19.78 -25.95 36.92
N PHE D 182 -19.23 -25.06 36.09
CA PHE D 182 -19.08 -23.64 36.43
C PHE D 182 -20.40 -22.86 36.41
N GLY D 183 -21.40 -23.37 35.68
CA GLY D 183 -22.71 -22.75 35.57
C GLY D 183 -22.90 -21.89 34.33
N ILE D 184 -21.95 -21.97 33.38
CA ILE D 184 -22.06 -21.26 32.10
C ILE D 184 -23.11 -21.93 31.21
N LEU D 185 -23.30 -23.23 31.36
CA LEU D 185 -24.29 -23.95 30.55
C LEU D 185 -24.91 -25.12 31.31
N ASP D 186 -25.95 -25.70 30.73
CA ASP D 186 -26.73 -26.76 31.37
C ASP D 186 -26.50 -28.15 30.79
N LYS D 187 -26.40 -28.26 29.47
CA LYS D 187 -26.32 -29.56 28.80
C LYS D 187 -25.16 -29.64 27.81
N VAL D 188 -24.43 -30.76 27.84
CA VAL D 188 -23.45 -31.10 26.80
C VAL D 188 -24.04 -32.25 25.98
N LEU D 189 -24.37 -31.99 24.72
CA LEU D 189 -25.09 -32.93 23.88
C LEU D 189 -24.24 -33.44 22.72
N VAL D 190 -24.20 -34.76 22.54
CA VAL D 190 -23.57 -35.39 21.37
C VAL D 190 -24.56 -35.39 20.21
N HIS D 191 -25.83 -35.71 20.51
CA HIS D 191 -26.94 -35.62 19.57
C HIS D 191 -28.23 -35.24 20.31
N PRO D 192 -29.32 -34.93 19.57
CA PRO D 192 -30.61 -34.68 20.25
C PRO D 192 -31.14 -35.94 20.98
N PRO D 193 -31.87 -35.75 22.10
CA PRO D 193 -32.38 -36.89 22.87
C PRO D 193 -33.67 -37.46 22.28
N ASP E 18 -34.60 -7.57 3.22
CA ASP E 18 -35.91 -7.72 3.93
C ASP E 18 -35.74 -7.95 5.43
N ILE E 19 -34.94 -7.09 6.07
CA ILE E 19 -34.72 -7.11 7.53
C ILE E 19 -34.75 -5.70 8.15
N TYR E 20 -34.00 -4.75 7.58
CA TYR E 20 -34.04 -3.36 8.02
C TYR E 20 -35.23 -2.60 7.44
N SER E 21 -35.67 -2.99 6.23
CA SER E 21 -36.91 -2.48 5.65
C SER E 21 -38.14 -3.01 6.41
N ARG E 22 -38.06 -4.26 6.86
CA ARG E 22 -39.06 -4.84 7.78
C ARG E 22 -39.10 -4.05 9.09
N LEU E 23 -37.93 -3.69 9.58
CA LEU E 23 -37.77 -2.84 10.78
C LEU E 23 -38.44 -1.47 10.57
N LEU E 24 -38.25 -0.89 9.39
CA LEU E 24 -38.89 0.38 9.00
C LEU E 24 -40.43 0.30 9.00
N ARG E 25 -40.98 -0.85 8.63
CA ARG E 25 -42.44 -1.07 8.70
C ARG E 25 -43.01 -1.11 10.13
N GLU E 26 -42.16 -1.33 11.13
CA GLU E 26 -42.52 -1.17 12.54
C GLU E 26 -42.25 0.23 13.12
N ARG E 27 -41.98 1.20 12.23
CA ARG E 27 -41.65 2.57 12.61
C ARG E 27 -40.40 2.66 13.49
N ILE E 28 -39.43 1.80 13.20
CA ILE E 28 -38.16 1.75 13.93
C ILE E 28 -37.07 2.27 12.99
N VAL E 29 -36.35 3.28 13.45
CA VAL E 29 -35.20 3.83 12.74
C VAL E 29 -33.96 3.55 13.58
N CYS E 30 -32.88 3.15 12.92
CA CYS E 30 -31.63 2.80 13.60
C CYS E 30 -30.54 3.83 13.35
N VAL E 31 -29.96 4.33 14.45
CA VAL E 31 -28.77 5.16 14.42
C VAL E 31 -27.65 4.28 14.98
N MET E 32 -26.95 3.59 14.07
CA MET E 32 -25.95 2.60 14.46
C MET E 32 -24.58 2.98 13.91
N GLY E 33 -23.55 2.83 14.77
CA GLY E 33 -22.18 3.10 14.38
C GLY E 33 -21.86 4.58 14.27
N PRO E 34 -20.65 4.90 13.74
CA PRO E 34 -20.25 6.29 13.54
C PRO E 34 -21.25 7.08 12.71
N ILE E 35 -21.64 8.24 13.21
CA ILE E 35 -22.54 9.13 12.51
C ILE E 35 -21.71 9.97 11.53
N ASP E 36 -22.06 9.90 10.26
CA ASP E 36 -21.50 10.75 9.22
C ASP E 36 -22.65 11.24 8.34
N ASP E 37 -22.34 12.04 7.31
CA ASP E 37 -23.38 12.60 6.45
C ASP E 37 -24.23 11.53 5.75
N SER E 38 -23.61 10.42 5.37
CA SER E 38 -24.32 9.32 4.74
C SER E 38 -25.33 8.68 5.69
N VAL E 39 -24.88 8.34 6.90
CA VAL E 39 -25.75 7.77 7.93
C VAL E 39 -26.90 8.73 8.26
N ALA E 40 -26.57 10.01 8.46
CA ALA E 40 -27.57 11.02 8.77
C ALA E 40 -28.64 11.14 7.68
N SER E 41 -28.23 11.19 6.42
CA SER E 41 -29.16 11.36 5.31
C SER E 41 -30.14 10.18 5.18
N LEU E 42 -29.66 8.96 5.45
CA LEU E 42 -30.54 7.77 5.46
C LEU E 42 -31.57 7.84 6.59
N VAL E 43 -31.11 8.16 7.81
CA VAL E 43 -31.99 8.30 8.98
C VAL E 43 -33.03 9.40 8.76
N ILE E 44 -32.58 10.50 8.17
CA ILE E 44 -33.45 11.64 7.88
C ILE E 44 -34.56 11.25 6.90
N ALA E 45 -34.18 10.61 5.79
CA ALA E 45 -35.16 10.12 4.80
C ALA E 45 -36.19 9.16 5.42
N GLN E 46 -35.71 8.26 6.27
CA GLN E 46 -36.58 7.31 6.97
C GLN E 46 -37.56 8.00 7.91
N LEU E 47 -37.11 9.03 8.63
CA LEU E 47 -38.00 9.85 9.48
C LEU E 47 -39.09 10.58 8.68
N LEU E 48 -38.72 11.09 7.50
CA LEU E 48 -39.69 11.74 6.61
C LEU E 48 -40.69 10.73 6.04
N PHE E 49 -40.18 9.55 5.66
CA PHE E 49 -41.04 8.44 5.23
C PHE E 49 -42.05 8.08 6.31
N LEU E 50 -41.57 7.89 7.54
CA LEU E 50 -42.44 7.50 8.66
C LEU E 50 -43.45 8.60 9.03
N GLN E 51 -43.10 9.86 8.83
CA GLN E 51 -44.04 10.97 9.04
C GLN E 51 -45.17 10.98 8.01
N SER E 52 -44.86 10.72 6.75
CA SER E 52 -45.88 10.68 5.69
C SER E 52 -46.86 9.53 5.88
N GLU E 53 -46.36 8.41 6.41
CA GLU E 53 -47.20 7.27 6.76
C GLU E 53 -48.17 7.63 7.89
N SER E 54 -47.66 8.34 8.89
CA SER E 54 -48.50 8.88 9.97
C SER E 54 -47.73 9.96 10.73
N ASN E 55 -48.33 11.14 10.83
CA ASN E 55 -47.75 12.25 11.62
C ASN E 55 -48.13 12.19 13.11
N LYS E 56 -48.95 11.21 13.49
CA LYS E 56 -49.38 11.00 14.88
C LYS E 56 -48.62 9.86 15.57
N LYS E 57 -48.47 8.73 14.88
CA LYS E 57 -47.93 7.50 15.47
C LYS E 57 -46.46 7.63 15.91
N PRO E 58 -46.10 7.09 17.10
CA PRO E 58 -44.71 7.21 17.54
C PRO E 58 -43.69 6.54 16.63
N ILE E 59 -42.47 7.08 16.63
CA ILE E 59 -41.33 6.52 15.94
C ILE E 59 -40.31 6.10 16.99
N HIS E 60 -39.78 4.89 16.86
CA HIS E 60 -38.73 4.38 17.75
C HIS E 60 -37.36 4.61 17.13
N MET E 61 -36.49 5.31 17.85
CA MET E 61 -35.11 5.54 17.40
C MET E 61 -34.13 4.71 18.23
N TYR E 62 -33.62 3.65 17.62
CA TYR E 62 -32.57 2.79 18.21
C TYR E 62 -31.24 3.51 18.07
N ILE E 63 -30.58 3.77 19.19
CA ILE E 63 -29.28 4.44 19.22
C ILE E 63 -28.23 3.52 19.84
N ASN E 64 -27.29 3.07 19.02
CA ASN E 64 -26.12 2.33 19.46
C ASN E 64 -24.92 2.88 18.70
N SER E 65 -24.31 3.94 19.25
CA SER E 65 -23.39 4.77 18.50
C SER E 65 -22.28 5.37 19.37
N PRO E 66 -21.03 5.39 18.87
CA PRO E 66 -19.97 6.17 19.53
C PRO E 66 -20.03 7.68 19.23
N GLY E 67 -20.98 8.10 18.40
CA GLY E 67 -21.13 9.50 18.00
C GLY E 67 -20.64 9.65 16.59
N GLY E 68 -20.01 10.78 16.29
CA GLY E 68 -19.48 11.06 14.95
C GLY E 68 -19.51 12.54 14.59
N VAL E 69 -19.78 12.83 13.32
CA VAL E 69 -19.62 14.18 12.78
C VAL E 69 -20.72 15.08 13.35
N VAL E 70 -20.33 16.23 13.89
CA VAL E 70 -21.24 17.11 14.65
C VAL E 70 -22.39 17.62 13.78
N THR E 71 -22.07 18.14 12.59
CA THR E 71 -23.12 18.70 11.71
C THR E 71 -24.08 17.62 11.21
N ALA E 72 -23.56 16.41 10.99
CA ALA E 72 -24.39 15.25 10.66
C ALA E 72 -25.32 14.89 11.81
N GLY E 73 -24.80 14.91 13.04
CA GLY E 73 -25.62 14.72 14.24
C GLY E 73 -26.68 15.80 14.40
N LEU E 74 -26.30 17.05 14.14
CA LEU E 74 -27.25 18.16 14.14
C LEU E 74 -28.32 18.08 13.03
N ALA E 75 -27.97 17.47 11.88
CA ALA E 75 -28.93 17.22 10.80
C ALA E 75 -30.06 16.31 11.26
N ILE E 76 -29.70 15.22 11.94
CA ILE E 76 -30.67 14.28 12.49
C ILE E 76 -31.50 14.97 13.58
N TYR E 77 -30.81 15.63 14.51
CA TYR E 77 -31.46 16.36 15.61
C TYR E 77 -32.52 17.32 15.09
N ASP E 78 -32.14 18.20 14.15
CA ASP E 78 -33.08 19.16 13.56
C ASP E 78 -34.29 18.48 12.89
N THR E 79 -34.06 17.36 12.20
CA THR E 79 -35.13 16.61 11.55
C THR E 79 -36.09 16.00 12.58
N MET E 80 -35.55 15.42 13.65
CA MET E 80 -36.35 14.90 14.77
C MET E 80 -37.31 15.96 15.32
N GLN E 81 -36.80 17.17 15.53
CA GLN E 81 -37.64 18.29 16.00
C GLN E 81 -38.62 18.77 14.91
N TYR E 82 -38.18 18.75 13.65
CA TYR E 82 -38.99 19.22 12.50
C TYR E 82 -40.24 18.39 12.22
N ILE E 83 -40.15 17.06 12.36
CA ILE E 83 -41.31 16.20 12.18
C ILE E 83 -42.28 16.33 13.35
N LEU E 84 -43.56 16.04 13.09
CA LEU E 84 -44.61 16.15 14.12
C LEU E 84 -44.52 15.03 15.17
N ASN E 85 -44.05 13.86 14.74
CA ASN E 85 -44.25 12.61 15.48
C ASN E 85 -43.60 12.60 16.86
N PRO E 86 -44.23 11.88 17.82
CA PRO E 86 -43.49 11.55 19.02
C PRO E 86 -42.31 10.64 18.65
N ILE E 87 -41.16 10.87 19.25
CA ILE E 87 -39.99 10.03 18.98
C ILE E 87 -39.53 9.40 20.29
N CYS E 88 -39.63 8.08 20.36
CA CYS E 88 -39.11 7.31 21.48
C CYS E 88 -37.66 6.97 21.17
N THR E 89 -36.73 7.36 22.04
CA THR E 89 -35.32 6.98 21.86
C THR E 89 -34.98 5.82 22.78
N TRP E 90 -34.11 4.94 22.30
CA TRP E 90 -33.73 3.71 22.99
C TRP E 90 -32.21 3.52 22.93
N CYS E 91 -31.54 3.74 24.05
CA CYS E 91 -30.09 3.54 24.12
C CYS E 91 -29.78 2.07 24.42
N VAL E 92 -29.15 1.42 23.47
CA VAL E 92 -28.77 0.01 23.54
C VAL E 92 -27.28 -0.03 23.22
N GLY E 93 -26.49 -0.68 24.06
CA GLY E 93 -25.04 -0.71 23.90
C GLY E 93 -24.42 0.57 24.43
N GLN E 94 -24.47 1.63 23.61
CA GLN E 94 -24.01 2.94 24.04
C GLN E 94 -24.60 4.09 23.22
N ALA E 95 -24.58 5.27 23.83
CA ALA E 95 -24.86 6.53 23.15
C ALA E 95 -23.81 7.52 23.62
N ALA E 96 -22.75 7.67 22.83
CA ALA E 96 -21.65 8.56 23.16
C ALA E 96 -21.63 9.77 22.24
N SER E 97 -21.24 10.91 22.80
CA SER E 97 -21.08 12.17 22.09
C SER E 97 -22.38 12.57 21.38
N MET E 98 -22.36 12.74 20.05
CA MET E 98 -23.59 13.09 19.32
C MET E 98 -24.70 12.03 19.48
N GLY E 99 -24.33 10.78 19.75
CA GLY E 99 -25.32 9.74 20.09
C GLY E 99 -26.17 10.09 21.32
N SER E 100 -25.53 10.63 22.35
CA SER E 100 -26.24 11.04 23.57
C SER E 100 -27.12 12.27 23.35
N LEU E 101 -26.71 13.16 22.44
CA LEU E 101 -27.53 14.32 22.09
C LEU E 101 -28.85 13.88 21.46
N LEU E 102 -28.77 12.93 20.52
CA LEU E 102 -29.96 12.37 19.87
C LEU E 102 -30.84 11.60 20.85
N LEU E 103 -30.21 10.82 21.73
CA LEU E 103 -30.92 10.14 22.82
C LEU E 103 -31.72 11.13 23.67
N ALA E 104 -31.05 12.21 24.09
CA ALA E 104 -31.67 13.29 24.86
C ALA E 104 -32.76 14.07 24.11
N ALA E 105 -32.72 14.04 22.79
CA ALA E 105 -33.64 14.79 21.93
C ALA E 105 -34.97 14.10 21.63
N GLY E 106 -35.16 12.88 22.15
CA GLY E 106 -36.45 12.20 22.07
C GLY E 106 -37.53 12.96 22.83
N THR E 107 -38.79 12.66 22.50
CA THR E 107 -39.94 13.32 23.12
C THR E 107 -39.90 13.17 24.65
N PRO E 108 -40.19 14.25 25.41
CA PRO E 108 -40.17 14.14 26.88
C PRO E 108 -41.02 12.99 27.41
N GLY E 109 -40.44 12.24 28.34
CA GLY E 109 -41.05 10.99 28.84
C GLY E 109 -40.81 9.73 28.03
N MET E 110 -40.20 9.86 26.84
CA MET E 110 -40.05 8.74 25.89
C MET E 110 -38.59 8.41 25.58
N ARG E 111 -37.68 8.76 26.49
CA ARG E 111 -36.25 8.57 26.29
C ARG E 111 -35.80 7.45 27.20
N HIS E 112 -35.37 6.34 26.60
CA HIS E 112 -35.15 5.08 27.31
C HIS E 112 -33.70 4.60 27.22
N SER E 113 -33.28 3.83 28.22
CA SER E 113 -32.07 3.03 28.14
C SER E 113 -32.31 1.61 28.66
N LEU E 114 -31.63 0.65 28.04
CA LEU E 114 -31.53 -0.71 28.58
C LEU E 114 -30.49 -0.70 29.72
N PRO E 115 -30.49 -1.73 30.59
CA PRO E 115 -29.76 -1.62 31.87
C PRO E 115 -28.22 -1.46 31.81
N ASN E 116 -27.56 -2.08 30.83
CA ASN E 116 -26.08 -2.06 30.74
C ASN E 116 -25.50 -1.05 29.73
N SER E 117 -26.35 -0.16 29.22
CA SER E 117 -25.89 0.86 28.28
C SER E 117 -24.94 1.85 28.94
N ARG E 118 -24.10 2.49 28.13
CA ARG E 118 -23.16 3.50 28.59
C ARG E 118 -23.44 4.79 27.83
N ILE E 119 -23.55 5.92 28.55
CA ILE E 119 -23.90 7.21 27.95
C ILE E 119 -22.78 8.21 28.21
N MET E 120 -22.32 8.87 27.15
CA MET E 120 -21.26 9.88 27.24
C MET E 120 -21.71 11.16 26.54
N ILE E 121 -21.61 12.29 27.25
CA ILE E 121 -21.87 13.62 26.63
C ILE E 121 -20.60 14.38 26.27
N HIS E 122 -19.46 13.94 26.82
CA HIS E 122 -18.14 14.38 26.39
C HIS E 122 -17.92 14.12 24.88
N GLN E 123 -17.22 15.04 24.23
CA GLN E 123 -16.92 14.95 22.79
C GLN E 123 -15.44 14.60 22.56
N GLN E 138 -11.75 26.49 11.72
CA GLN E 138 -11.29 27.65 12.50
C GLN E 138 -11.63 27.50 13.98
N ALA E 139 -10.88 28.20 14.83
CA ALA E 139 -11.04 28.14 16.29
C ALA E 139 -12.37 28.74 16.77
N GLU E 140 -12.81 29.80 16.10
CA GLU E 140 -14.12 30.42 16.39
C GLU E 140 -15.29 29.48 16.05
N GLU E 141 -15.16 28.70 14.97
CA GLU E 141 -16.24 27.82 14.49
C GLU E 141 -16.54 26.66 15.43
N ILE E 142 -15.51 25.91 15.81
CA ILE E 142 -15.68 24.78 16.74
C ILE E 142 -16.29 25.23 18.09
N MET E 143 -15.97 26.46 18.51
CA MET E 143 -16.58 27.06 19.71
C MET E 143 -18.06 27.43 19.52
N LYS E 144 -18.41 27.94 18.34
CA LYS E 144 -19.81 28.20 17.99
C LYS E 144 -20.65 26.91 17.97
N LEU E 145 -20.10 25.84 17.37
CA LEU E 145 -20.77 24.54 17.37
C LEU E 145 -20.89 23.96 18.77
N LYS E 146 -19.87 24.17 19.60
CA LYS E 146 -19.89 23.73 21.01
C LYS E 146 -21.03 24.39 21.78
N LYS E 147 -21.20 25.69 21.60
CA LYS E 147 -22.29 26.44 22.24
C LYS E 147 -23.66 26.00 21.75
N GLN E 148 -23.78 25.61 20.47
CA GLN E 148 -25.02 25.01 19.95
C GLN E 148 -25.38 23.71 20.68
N LEU E 149 -24.37 22.88 20.94
CA LEU E 149 -24.54 21.62 21.69
C LEU E 149 -24.93 21.89 23.14
N TYR E 150 -24.28 22.88 23.76
CA TYR E 150 -24.64 23.29 25.13
C TYR E 150 -26.11 23.69 25.20
N ASN E 151 -26.55 24.53 24.27
CA ASN E 151 -27.94 24.99 24.22
C ASN E 151 -28.94 23.85 24.01
N ILE E 152 -28.61 22.89 23.16
CA ILE E 152 -29.49 21.74 22.90
C ILE E 152 -29.59 20.87 24.16
N TYR E 153 -28.45 20.53 24.76
CA TYR E 153 -28.45 19.77 26.02
C TYR E 153 -29.23 20.50 27.13
N ALA E 154 -29.08 21.81 27.22
CA ALA E 154 -29.79 22.62 28.22
C ALA E 154 -31.32 22.54 28.04
N LYS E 155 -31.77 22.63 26.80
CA LYS E 155 -33.20 22.54 26.47
C LYS E 155 -33.79 21.20 26.91
N HIS E 156 -33.11 20.11 26.55
CA HIS E 156 -33.64 18.76 26.75
C HIS E 156 -33.34 18.12 28.12
N THR E 157 -32.24 18.52 28.77
CA THR E 157 -31.87 17.97 30.09
C THR E 157 -32.33 18.80 31.29
N LYS E 158 -32.65 20.07 31.05
CA LYS E 158 -32.96 21.04 32.12
C LYS E 158 -31.79 21.39 33.06
N GLN E 159 -30.56 20.97 32.73
CA GLN E 159 -29.36 21.37 33.48
C GLN E 159 -28.91 22.72 32.96
N SER E 160 -28.19 23.48 33.79
CA SER E 160 -27.67 24.79 33.40
C SER E 160 -26.58 24.67 32.33
N LEU E 161 -26.41 25.73 31.53
CA LEU E 161 -25.32 25.80 30.56
C LEU E 161 -23.95 25.66 31.22
N GLN E 162 -23.83 26.25 32.41
CA GLN E 162 -22.63 26.17 33.23
C GLN E 162 -22.27 24.71 33.57
N VAL E 163 -23.27 23.93 33.97
CA VAL E 163 -23.06 22.52 34.35
C VAL E 163 -22.81 21.64 33.12
N ILE E 164 -23.56 21.87 32.05
CA ILE E 164 -23.40 21.16 30.76
C ILE E 164 -21.95 21.29 30.27
N GLU E 165 -21.47 22.53 30.21
CA GLU E 165 -20.09 22.84 29.79
C GLU E 165 -19.07 22.07 30.63
N SER E 166 -19.22 22.13 31.95
CA SER E 166 -18.34 21.39 32.86
C SER E 166 -18.41 19.90 32.60
N ALA E 167 -19.62 19.36 32.51
CA ALA E 167 -19.82 17.92 32.29
C ALA E 167 -19.19 17.44 30.98
N MET E 168 -19.32 18.24 29.92
CA MET E 168 -18.74 17.89 28.61
C MET E 168 -17.21 17.87 28.56
N GLU E 169 -16.54 18.54 29.50
CA GLU E 169 -15.08 18.42 29.66
C GLU E 169 -14.63 17.07 30.19
N ARG E 170 -15.51 16.38 30.92
CA ARG E 170 -15.13 15.20 31.69
C ARG E 170 -15.20 13.95 30.83
N ASP E 171 -14.03 13.33 30.60
CA ASP E 171 -13.93 12.13 29.79
C ASP E 171 -14.36 10.89 30.59
N ARG E 172 -15.67 10.69 30.65
CA ARG E 172 -16.27 9.59 31.40
C ARG E 172 -17.60 9.22 30.78
N TYR E 173 -18.03 7.99 31.05
CA TYR E 173 -19.38 7.55 30.71
C TYR E 173 -20.24 7.58 31.97
N MET E 174 -21.54 7.76 31.75
CA MET E 174 -22.57 7.71 32.77
C MET E 174 -23.30 6.39 32.66
N SER E 175 -23.77 5.89 33.80
CA SER E 175 -24.75 4.81 33.83
C SER E 175 -26.12 5.35 33.40
N PRO E 176 -27.06 4.45 33.04
CA PRO E 176 -28.42 4.90 32.73
C PRO E 176 -29.11 5.71 33.84
N MET E 177 -28.89 5.31 35.11
CA MET E 177 -29.45 6.05 36.24
C MET E 177 -28.83 7.43 36.37
N GLU E 178 -27.51 7.53 36.18
CA GLU E 178 -26.84 8.83 36.17
C GLU E 178 -27.36 9.73 35.05
N ALA E 179 -27.51 9.15 33.86
CA ALA E 179 -28.05 9.86 32.70
C ALA E 179 -29.50 10.32 32.94
N GLN E 180 -30.29 9.47 33.62
CA GLN E 180 -31.65 9.83 34.01
C GLN E 180 -31.65 11.02 34.98
N GLU E 181 -30.81 10.93 36.02
CA GLU E 181 -30.66 12.02 36.98
C GLU E 181 -30.23 13.32 36.27
N PHE E 182 -29.32 13.21 35.32
CA PHE E 182 -28.84 14.38 34.54
C PHE E 182 -29.92 14.97 33.62
N GLY E 183 -30.86 14.14 33.16
CA GLY E 183 -31.93 14.59 32.28
C GLY E 183 -31.77 14.20 30.81
N ILE E 184 -30.80 13.32 30.53
CA ILE E 184 -30.57 12.80 29.18
C ILE E 184 -31.66 11.78 28.81
N LEU E 185 -32.21 11.10 29.81
CA LEU E 185 -33.27 10.14 29.57
C LEU E 185 -34.26 10.05 30.73
N ASP E 186 -35.39 9.40 30.46
CA ASP E 186 -36.51 9.34 31.40
C ASP E 186 -36.69 7.98 32.08
N LYS E 187 -36.39 6.88 31.37
CA LYS E 187 -36.67 5.53 31.86
C LYS E 187 -35.50 4.58 31.64
N VAL E 188 -35.14 3.83 32.68
CA VAL E 188 -34.18 2.73 32.60
C VAL E 188 -34.99 1.44 32.72
N LEU E 189 -35.03 0.64 31.65
CA LEU E 189 -35.93 -0.51 31.56
C LEU E 189 -35.21 -1.84 31.46
N VAL E 190 -35.59 -2.80 32.32
CA VAL E 190 -35.11 -4.18 32.25
C VAL E 190 -36.01 -4.98 31.28
N HIS E 191 -37.33 -4.82 31.45
CA HIS E 191 -38.34 -5.37 30.55
C HIS E 191 -39.30 -4.23 30.15
N PRO E 192 -40.22 -4.46 29.18
CA PRO E 192 -41.19 -3.39 28.83
C PRO E 192 -42.15 -3.00 29.96
N ASP F 18 -35.56 0.47 -2.51
CA ASP F 18 -34.61 1.61 -2.31
C ASP F 18 -35.34 2.85 -1.80
N ILE F 19 -34.78 3.49 -0.77
CA ILE F 19 -35.37 4.68 -0.16
C ILE F 19 -35.04 5.97 -0.91
N TYR F 20 -33.89 6.03 -1.57
CA TYR F 20 -33.52 7.18 -2.42
C TYR F 20 -34.33 7.24 -3.72
N SER F 21 -34.80 6.09 -4.21
CA SER F 21 -35.78 6.05 -5.30
C SER F 21 -37.16 6.55 -4.84
N ARG F 22 -37.53 6.21 -3.61
CA ARG F 22 -38.76 6.72 -2.98
C ARG F 22 -38.73 8.25 -2.80
N LEU F 23 -37.55 8.77 -2.42
CA LEU F 23 -37.33 10.23 -2.32
C LEU F 23 -37.59 10.93 -3.66
N LEU F 24 -37.04 10.37 -4.73
CA LEU F 24 -37.25 10.90 -6.08
C LEU F 24 -38.72 10.90 -6.51
N ARG F 25 -39.48 9.90 -6.06
CA ARG F 25 -40.94 9.87 -6.26
C ARG F 25 -41.67 11.01 -5.54
N GLU F 26 -41.13 11.45 -4.40
CA GLU F 26 -41.66 12.61 -3.66
C GLU F 26 -41.15 13.98 -4.15
N ARG F 27 -40.48 14.01 -5.31
CA ARG F 27 -39.89 15.23 -5.88
C ARG F 27 -38.76 15.81 -4.99
N ILE F 28 -38.07 14.92 -4.27
CA ILE F 28 -36.95 15.29 -3.41
C ILE F 28 -35.65 14.85 -4.08
N VAL F 29 -34.71 15.78 -4.22
CA VAL F 29 -33.39 15.50 -4.74
C VAL F 29 -32.38 15.87 -3.66
N CYS F 30 -31.31 15.08 -3.56
CA CYS F 30 -30.30 15.25 -2.52
C CYS F 30 -28.97 15.66 -3.12
N VAL F 31 -28.40 16.72 -2.55
CA VAL F 31 -27.04 17.12 -2.82
C VAL F 31 -26.33 16.95 -1.48
N MET F 32 -25.71 15.79 -1.29
CA MET F 32 -25.08 15.45 -0.01
C MET F 32 -23.65 14.96 -0.20
N GLY F 33 -22.78 15.40 0.70
CA GLY F 33 -21.37 15.09 0.63
C GLY F 33 -20.64 15.97 -0.38
N PRO F 34 -19.34 15.68 -0.60
CA PRO F 34 -18.56 16.43 -1.57
C PRO F 34 -19.19 16.38 -2.98
N ILE F 35 -19.30 17.55 -3.61
CA ILE F 35 -19.85 17.68 -4.94
C ILE F 35 -18.75 17.40 -5.96
N ASP F 36 -18.98 16.44 -6.83
CA ASP F 36 -18.12 16.18 -7.98
C ASP F 36 -18.99 15.98 -9.22
N ASP F 37 -18.38 15.66 -10.35
CA ASP F 37 -19.11 15.49 -11.61
C ASP F 37 -20.16 14.38 -11.57
N SER F 38 -19.85 13.25 -10.91
CA SER F 38 -20.83 12.15 -10.80
C SER F 38 -22.04 12.53 -9.94
N VAL F 39 -21.81 13.23 -8.83
CA VAL F 39 -22.91 13.76 -8.01
C VAL F 39 -23.73 14.77 -8.83
N ALA F 40 -23.06 15.69 -9.51
CA ALA F 40 -23.73 16.71 -10.32
C ALA F 40 -24.57 16.11 -11.45
N SER F 41 -23.99 15.20 -12.23
CA SER F 41 -24.73 14.56 -13.33
C SER F 41 -25.93 13.73 -12.85
N LEU F 42 -25.80 13.13 -11.67
CA LEU F 42 -26.93 12.43 -11.04
C LEU F 42 -28.04 13.39 -10.63
N VAL F 43 -27.67 14.47 -9.95
CA VAL F 43 -28.64 15.49 -9.52
C VAL F 43 -29.28 16.16 -10.74
N ILE F 44 -28.47 16.44 -11.76
CA ILE F 44 -28.96 17.03 -13.01
C ILE F 44 -29.99 16.11 -13.69
N ALA F 45 -29.68 14.82 -13.76
CA ALA F 45 -30.59 13.84 -14.36
C ALA F 45 -31.94 13.78 -13.64
N GLN F 46 -31.89 13.77 -12.30
CA GLN F 46 -33.09 13.74 -11.47
C GLN F 46 -33.96 15.01 -11.63
N LEU F 47 -33.32 16.16 -11.80
CA LEU F 47 -34.04 17.43 -11.99
C LEU F 47 -34.87 17.44 -13.29
N LEU F 48 -34.29 16.91 -14.36
CA LEU F 48 -35.01 16.78 -15.64
C LEU F 48 -36.19 15.82 -15.53
N PHE F 49 -36.00 14.70 -14.83
CA PHE F 49 -37.06 13.71 -14.60
C PHE F 49 -38.26 14.36 -13.93
N LEU F 50 -38.02 15.11 -12.87
CA LEU F 50 -39.09 15.75 -12.13
C LEU F 50 -39.81 16.81 -12.96
N GLN F 51 -39.06 17.53 -13.80
CA GLN F 51 -39.65 18.48 -14.75
C GLN F 51 -40.56 17.79 -15.78
N SER F 52 -40.17 16.60 -16.24
CA SER F 52 -40.98 15.81 -17.18
C SER F 52 -42.31 15.35 -16.56
N GLU F 53 -42.27 14.96 -15.29
CA GLU F 53 -43.49 14.55 -14.55
C GLU F 53 -44.42 15.74 -14.37
N SER F 54 -43.85 16.87 -13.97
CA SER F 54 -44.58 18.14 -13.87
C SER F 54 -43.60 19.31 -13.92
N ASN F 55 -43.81 20.21 -14.87
CA ASN F 55 -43.01 21.45 -14.97
C ASN F 55 -43.50 22.56 -14.02
N LYS F 56 -44.61 22.32 -13.32
CA LYS F 56 -45.16 23.26 -12.33
C LYS F 56 -44.92 22.87 -10.87
N LYS F 57 -44.91 21.57 -10.57
CA LYS F 57 -44.81 21.11 -9.17
C LYS F 57 -43.42 21.41 -8.57
N PRO F 58 -43.38 21.93 -7.32
CA PRO F 58 -42.09 22.20 -6.69
C PRO F 58 -41.16 20.98 -6.61
N ILE F 59 -39.86 21.23 -6.72
CA ILE F 59 -38.83 20.23 -6.44
C ILE F 59 -38.15 20.65 -5.15
N HIS F 60 -37.96 19.70 -4.23
CA HIS F 60 -37.24 19.95 -2.98
C HIS F 60 -35.80 19.50 -3.15
N MET F 61 -34.86 20.40 -2.83
CA MET F 61 -33.44 20.09 -2.90
C MET F 61 -32.84 20.11 -1.49
N TYR F 62 -32.56 18.91 -0.98
CA TYR F 62 -31.86 18.72 0.28
C TYR F 62 -30.37 18.97 0.06
N ILE F 63 -29.81 19.91 0.82
CA ILE F 63 -28.39 20.27 0.72
C ILE F 63 -27.74 20.04 2.07
N ASN F 64 -26.91 19.01 2.13
CA ASN F 64 -26.05 18.73 3.27
C ASN F 64 -24.66 18.43 2.72
N SER F 65 -23.87 19.50 2.52
CA SER F 65 -22.63 19.37 1.76
C SER F 65 -21.57 20.36 2.19
N PRO F 66 -20.29 19.91 2.23
CA PRO F 66 -19.17 20.81 2.47
C PRO F 66 -18.67 21.52 1.19
N GLY F 67 -19.36 21.33 0.07
CA GLY F 67 -18.98 21.96 -1.19
C GLY F 67 -18.33 20.93 -2.10
N GLY F 68 -17.45 21.38 -2.98
CA GLY F 68 -16.79 20.50 -3.92
C GLY F 68 -16.32 21.21 -5.17
N VAL F 69 -16.29 20.49 -6.29
CA VAL F 69 -15.68 20.98 -7.52
C VAL F 69 -16.55 22.12 -8.07
N VAL F 70 -15.92 23.25 -8.39
CA VAL F 70 -16.64 24.46 -8.80
C VAL F 70 -17.48 24.22 -10.07
N THR F 71 -16.87 23.64 -11.11
CA THR F 71 -17.59 23.43 -12.37
C THR F 71 -18.77 22.46 -12.21
N ALA F 72 -18.63 21.46 -11.34
CA ALA F 72 -19.73 20.54 -11.01
C ALA F 72 -20.89 21.25 -10.29
N GLY F 73 -20.56 22.14 -9.36
CA GLY F 73 -21.57 22.96 -8.67
C GLY F 73 -22.24 23.94 -9.61
N LEU F 74 -21.45 24.57 -10.47
CA LEU F 74 -21.99 25.47 -11.51
C LEU F 74 -22.88 24.73 -12.50
N ALA F 75 -22.56 23.47 -12.78
CA ALA F 75 -23.41 22.60 -13.62
C ALA F 75 -24.78 22.40 -13.00
N ILE F 76 -24.81 22.11 -11.69
CA ILE F 76 -26.08 21.98 -10.97
C ILE F 76 -26.78 23.33 -10.95
N TYR F 77 -26.04 24.40 -10.65
CA TYR F 77 -26.60 25.77 -10.60
C TYR F 77 -27.32 26.14 -11.89
N ASP F 78 -26.66 25.96 -13.03
CA ASP F 78 -27.24 26.31 -14.33
C ASP F 78 -28.49 25.49 -14.64
N THR F 79 -28.47 24.21 -14.29
CA THR F 79 -29.61 23.32 -14.48
C THR F 79 -30.81 23.74 -13.61
N MET F 80 -30.54 24.16 -12.37
CA MET F 80 -31.58 24.72 -11.50
C MET F 80 -32.26 25.93 -12.14
N GLN F 81 -31.47 26.83 -12.73
CA GLN F 81 -32.01 28.02 -13.40
C GLN F 81 -32.70 27.66 -14.74
N TYR F 82 -32.19 26.63 -15.42
CA TYR F 82 -32.74 26.20 -16.72
C TYR F 82 -34.12 25.56 -16.66
N ILE F 83 -34.33 24.63 -15.72
CA ILE F 83 -35.65 23.99 -15.58
C ILE F 83 -36.70 25.00 -15.14
N LEU F 84 -37.96 24.72 -15.46
CA LEU F 84 -39.06 25.64 -15.19
C LEU F 84 -39.56 25.59 -13.74
N ASN F 85 -39.26 24.51 -13.02
CA ASN F 85 -39.90 24.24 -11.73
C ASN F 85 -39.45 25.19 -10.64
N PRO F 86 -40.35 25.54 -9.71
CA PRO F 86 -39.88 26.13 -8.47
C PRO F 86 -39.05 25.10 -7.71
N ILE F 87 -37.91 25.53 -7.17
CA ILE F 87 -37.01 24.65 -6.44
C ILE F 87 -36.91 25.18 -5.01
N CYS F 88 -37.38 24.38 -4.07
CA CYS F 88 -37.23 24.68 -2.65
C CYS F 88 -35.92 24.09 -2.18
N THR F 89 -35.00 24.94 -1.72
CA THR F 89 -33.73 24.45 -1.18
C THR F 89 -33.84 24.33 0.33
N TRP F 90 -33.21 23.30 0.88
CA TRP F 90 -33.28 22.97 2.30
C TRP F 90 -31.90 22.68 2.83
N CYS F 91 -31.36 23.60 3.62
CA CYS F 91 -30.07 23.40 4.27
C CYS F 91 -30.25 22.66 5.60
N VAL F 92 -29.72 21.45 5.66
CA VAL F 92 -29.73 20.67 6.90
C VAL F 92 -28.33 20.10 7.09
N GLY F 93 -27.80 20.26 8.31
CA GLY F 93 -26.42 19.93 8.61
C GLY F 93 -25.53 21.11 8.26
N GLN F 94 -25.17 21.20 6.98
CA GLN F 94 -24.38 22.33 6.49
C GLN F 94 -24.52 22.55 4.99
N ALA F 95 -24.26 23.78 4.57
CA ALA F 95 -24.06 24.09 3.16
C ALA F 95 -22.85 25.00 3.10
N ALA F 96 -21.70 24.43 2.72
CA ALA F 96 -20.44 25.16 2.68
C ALA F 96 -19.92 25.29 1.26
N SER F 97 -19.30 26.44 0.99
CA SER F 97 -18.69 26.75 -0.30
C SER F 97 -19.72 26.58 -1.42
N MET F 98 -19.49 25.70 -2.41
CA MET F 98 -20.43 25.52 -3.51
C MET F 98 -21.82 25.03 -3.08
N GLY F 99 -21.92 24.37 -1.93
CA GLY F 99 -23.21 23.99 -1.35
C GLY F 99 -24.08 25.20 -1.00
N SER F 100 -23.48 26.25 -0.45
CA SER F 100 -24.22 27.48 -0.09
C SER F 100 -24.65 28.28 -1.33
N LEU F 101 -23.89 28.17 -2.41
CA LEU F 101 -24.29 28.76 -3.70
C LEU F 101 -25.57 28.10 -4.21
N LEU F 102 -25.63 26.78 -4.15
CA LEU F 102 -26.83 26.03 -4.56
C LEU F 102 -28.00 26.34 -3.63
N LEU F 103 -27.74 26.40 -2.33
CA LEU F 103 -28.75 26.86 -1.36
C LEU F 103 -29.32 28.22 -1.74
N ALA F 104 -28.44 29.19 -1.97
CA ALA F 104 -28.82 30.55 -2.37
C ALA F 104 -29.54 30.64 -3.72
N ALA F 105 -29.31 29.66 -4.59
CA ALA F 105 -29.91 29.63 -5.93
C ALA F 105 -31.30 29.00 -6.00
N GLY F 106 -31.86 28.57 -4.86
CA GLY F 106 -33.27 28.17 -4.83
C GLY F 106 -34.20 29.29 -5.30
N THR F 107 -35.43 28.94 -5.66
CA THR F 107 -36.43 29.90 -6.10
C THR F 107 -36.63 30.96 -5.00
N PRO F 108 -36.70 32.25 -5.39
CA PRO F 108 -36.94 33.29 -4.38
C PRO F 108 -38.19 33.02 -3.53
N GLY F 109 -38.02 33.13 -2.22
CA GLY F 109 -39.05 32.78 -1.24
C GLY F 109 -39.07 31.33 -0.78
N MET F 110 -38.25 30.47 -1.41
CA MET F 110 -38.29 29.01 -1.18
C MET F 110 -36.93 28.46 -0.73
N ARG F 111 -36.10 29.30 -0.12
CA ARG F 111 -34.77 28.90 0.32
C ARG F 111 -34.83 28.78 1.83
N HIS F 112 -34.57 27.57 2.33
CA HIS F 112 -34.82 27.21 3.74
C HIS F 112 -33.58 26.66 4.42
N SER F 113 -33.52 26.87 5.73
CA SER F 113 -32.59 26.16 6.60
C SER F 113 -33.31 25.71 7.88
N LEU F 114 -32.89 24.57 8.41
CA LEU F 114 -33.29 24.16 9.76
C LEU F 114 -32.38 24.89 10.76
N PRO F 115 -32.77 24.93 12.06
CA PRO F 115 -32.16 25.88 13.00
C PRO F 115 -30.67 25.75 13.33
N ASN F 116 -30.11 24.54 13.28
CA ASN F 116 -28.71 24.29 13.67
C ASN F 116 -27.73 24.10 12.51
N SER F 117 -28.18 24.36 11.28
CA SER F 117 -27.30 24.28 10.11
C SER F 117 -26.16 25.31 10.18
N ARG F 118 -25.04 25.01 9.53
CA ARG F 118 -23.94 25.95 9.36
C ARG F 118 -23.82 26.29 7.88
N ILE F 119 -23.63 27.56 7.56
CA ILE F 119 -23.58 28.03 6.16
C ILE F 119 -22.28 28.80 5.94
N MET F 120 -21.54 28.43 4.90
CA MET F 120 -20.28 29.09 4.55
C MET F 120 -20.28 29.46 3.08
N ILE F 121 -19.99 30.74 2.80
CA ILE F 121 -19.78 31.23 1.43
C ILE F 121 -18.29 31.37 1.07
N HIS F 122 -17.43 31.40 2.08
CA HIS F 122 -15.98 31.32 1.89
C HIS F 122 -15.61 30.10 1.06
N GLN F 123 -14.64 30.26 0.16
CA GLN F 123 -14.13 29.17 -0.67
C GLN F 123 -12.76 28.79 -0.13
N PRO F 124 -12.70 27.72 0.68
CA PRO F 124 -11.49 27.24 1.36
C PRO F 124 -10.69 26.27 0.49
N ILE F 137 -5.29 23.98 -12.60
CA ILE F 137 -5.63 24.98 -13.61
C ILE F 137 -4.82 26.27 -13.43
N GLN F 138 -4.82 27.11 -14.47
CA GLN F 138 -4.05 28.35 -14.48
C GLN F 138 -4.59 29.41 -13.51
N ALA F 139 -3.73 30.38 -13.20
CA ALA F 139 -4.05 31.51 -12.31
C ALA F 139 -5.26 32.29 -12.80
N GLU F 140 -5.25 32.62 -14.10
CA GLU F 140 -6.35 33.34 -14.74
C GLU F 140 -7.67 32.59 -14.61
N GLU F 141 -7.62 31.27 -14.77
CA GLU F 141 -8.83 30.44 -14.73
C GLU F 141 -9.49 30.34 -13.36
N ILE F 142 -8.67 30.22 -12.31
CA ILE F 142 -9.20 30.16 -10.94
C ILE F 142 -9.92 31.49 -10.61
N MET F 143 -9.34 32.60 -11.06
CA MET F 143 -9.95 33.92 -10.91
C MET F 143 -11.23 34.09 -11.73
N LYS F 144 -11.20 33.66 -13.00
CA LYS F 144 -12.41 33.69 -13.84
C LYS F 144 -13.59 32.94 -13.20
N LEU F 145 -13.31 31.75 -12.66
CA LEU F 145 -14.33 30.99 -11.92
C LEU F 145 -14.80 31.74 -10.69
N LYS F 146 -13.86 32.30 -9.94
CA LYS F 146 -14.17 33.05 -8.71
C LYS F 146 -15.07 34.26 -8.99
N LYS F 147 -14.76 34.99 -10.06
CA LYS F 147 -15.58 36.11 -10.52
C LYS F 147 -17.01 35.68 -10.91
N GLN F 148 -17.15 34.50 -11.51
CA GLN F 148 -18.48 33.91 -11.78
C GLN F 148 -19.24 33.65 -10.48
N LEU F 149 -18.55 33.16 -9.45
CA LEU F 149 -19.16 32.95 -8.13
C LEU F 149 -19.64 34.26 -7.50
N TYR F 150 -18.83 35.31 -7.60
CA TYR F 150 -19.22 36.64 -7.08
C TYR F 150 -20.50 37.14 -7.76
N ASN F 151 -20.57 37.01 -9.09
CA ASN F 151 -21.76 37.39 -9.85
C ASN F 151 -23.00 36.60 -9.42
N ILE F 152 -22.86 35.29 -9.25
CA ILE F 152 -23.98 34.43 -8.84
C ILE F 152 -24.45 34.76 -7.42
N TYR F 153 -23.53 34.85 -6.47
CA TYR F 153 -23.87 35.19 -5.08
C TYR F 153 -24.56 36.56 -4.97
N ALA F 154 -24.05 37.56 -5.69
CA ALA F 154 -24.63 38.90 -5.69
C ALA F 154 -26.06 38.89 -6.22
N LYS F 155 -26.25 38.26 -7.38
CA LYS F 155 -27.56 38.07 -7.99
C LYS F 155 -28.57 37.45 -7.03
N HIS F 156 -28.19 36.34 -6.41
CA HIS F 156 -29.14 35.56 -5.61
C HIS F 156 -29.31 36.05 -4.16
N THR F 157 -28.26 36.60 -3.56
CA THR F 157 -28.40 37.25 -2.25
C THR F 157 -29.10 38.62 -2.34
N LYS F 158 -29.05 39.23 -3.54
CA LYS F 158 -29.56 40.58 -3.79
C LYS F 158 -28.68 41.66 -3.18
N GLN F 159 -27.45 41.30 -2.82
CA GLN F 159 -26.48 42.23 -2.25
C GLN F 159 -25.52 42.67 -3.35
N SER F 160 -24.78 43.75 -3.06
CA SER F 160 -23.79 44.26 -4.01
C SER F 160 -22.63 43.29 -4.13
N LEU F 161 -22.03 43.26 -5.32
CA LEU F 161 -20.89 42.40 -5.55
C LEU F 161 -19.71 42.79 -4.64
N GLN F 162 -19.57 44.09 -4.34
CA GLN F 162 -18.52 44.57 -3.43
C GLN F 162 -18.64 43.93 -2.04
N VAL F 163 -19.85 43.88 -1.51
CA VAL F 163 -20.13 43.19 -0.24
C VAL F 163 -19.78 41.70 -0.32
N ILE F 164 -20.19 41.04 -1.41
CA ILE F 164 -19.93 39.60 -1.62
C ILE F 164 -18.45 39.29 -1.65
N GLU F 165 -17.71 40.04 -2.47
CA GLU F 165 -16.27 39.84 -2.60
C GLU F 165 -15.55 40.01 -1.25
N SER F 166 -15.91 41.05 -0.49
CA SER F 166 -15.33 41.27 0.85
C SER F 166 -15.68 40.16 1.83
N ALA F 167 -16.96 39.80 1.87
CA ALA F 167 -17.46 38.75 2.78
C ALA F 167 -16.85 37.38 2.52
N MET F 168 -16.61 37.06 1.26
CA MET F 168 -16.08 35.75 0.89
C MET F 168 -14.61 35.50 1.29
N GLU F 169 -13.85 36.57 1.56
CA GLU F 169 -12.50 36.44 2.15
C GLU F 169 -12.51 35.88 3.57
N ARG F 170 -13.58 36.14 4.33
CA ARG F 170 -13.64 35.77 5.75
C ARG F 170 -13.86 34.25 5.89
N ASP F 171 -12.90 33.57 6.49
CA ASP F 171 -13.00 32.14 6.78
C ASP F 171 -13.85 31.91 8.03
N ARG F 172 -15.16 31.81 7.83
CA ARG F 172 -16.11 31.64 8.93
C ARG F 172 -17.42 31.04 8.43
N TYR F 173 -18.19 30.46 9.35
CA TYR F 173 -19.56 30.03 9.06
C TYR F 173 -20.57 31.05 9.57
N MET F 174 -21.77 30.99 8.96
CA MET F 174 -22.92 31.77 9.38
C MET F 174 -23.95 30.82 9.97
N SER F 175 -24.66 31.31 10.97
CA SER F 175 -25.88 30.67 11.44
C SER F 175 -26.99 30.87 10.40
N PRO F 176 -28.08 30.08 10.49
CA PRO F 176 -29.20 30.29 9.59
C PRO F 176 -29.78 31.72 9.62
N MET F 177 -29.83 32.33 10.80
CA MET F 177 -30.34 33.71 10.93
C MET F 177 -29.39 34.72 10.29
N GLU F 178 -28.09 34.53 10.45
CA GLU F 178 -27.09 35.34 9.74
C GLU F 178 -27.22 35.18 8.22
N ALA F 179 -27.36 33.94 7.77
CA ALA F 179 -27.54 33.64 6.34
C ALA F 179 -28.84 34.24 5.80
N GLN F 180 -29.91 34.26 6.60
CA GLN F 180 -31.15 34.94 6.22
C GLN F 180 -30.92 36.44 6.05
N GLU F 181 -30.31 37.05 7.06
CA GLU F 181 -29.91 38.45 7.02
C GLU F 181 -29.07 38.77 5.77
N PHE F 182 -28.15 37.87 5.42
CA PHE F 182 -27.25 38.08 4.27
C PHE F 182 -27.93 37.91 2.89
N GLY F 183 -29.09 37.26 2.86
CA GLY F 183 -29.83 37.04 1.63
C GLY F 183 -29.56 35.69 0.98
N ILE F 184 -28.83 34.81 1.68
CA ILE F 184 -28.58 33.44 1.22
C ILE F 184 -29.86 32.61 1.29
N LEU F 185 -30.70 32.89 2.28
CA LEU F 185 -31.97 32.18 2.40
C LEU F 185 -33.12 33.06 2.87
N ASP F 186 -34.32 32.50 2.75
CA ASP F 186 -35.57 33.21 3.04
C ASP F 186 -36.19 32.86 4.38
N LYS F 187 -36.06 31.60 4.79
CA LYS F 187 -36.76 31.09 5.98
C LYS F 187 -35.86 30.19 6.83
N VAL F 188 -35.91 30.39 8.15
CA VAL F 188 -35.34 29.45 9.11
C VAL F 188 -36.53 28.80 9.83
N LEU F 189 -36.69 27.48 9.68
CA LEU F 189 -37.84 26.76 10.19
C LEU F 189 -37.46 25.69 11.21
N VAL F 190 -38.09 25.74 12.38
CA VAL F 190 -37.96 24.68 13.40
C VAL F 190 -38.87 23.51 13.02
N HIS F 191 -40.10 23.82 12.58
CA HIS F 191 -41.04 22.84 12.01
C HIS F 191 -41.84 23.53 10.87
N PRO F 192 -42.62 22.76 10.08
CA PRO F 192 -43.45 23.40 9.05
C PRO F 192 -44.48 24.38 9.64
N PRO F 193 -44.88 25.40 8.87
CA PRO F 193 -45.77 26.44 9.40
C PRO F 193 -47.24 26.03 9.50
N ILE G 19 -31.26 5.83 -13.30
CA ILE G 19 -31.70 7.13 -13.93
C ILE G 19 -31.16 7.30 -15.35
N TYR G 20 -29.93 6.85 -15.60
CA TYR G 20 -29.30 7.00 -16.93
C TYR G 20 -29.96 6.13 -18.00
N SER G 21 -30.50 4.98 -17.59
CA SER G 21 -31.31 4.13 -18.46
C SER G 21 -32.65 4.82 -18.81
N ARG G 22 -33.25 5.48 -17.83
CA ARG G 22 -34.48 6.25 -18.05
C ARG G 22 -34.21 7.47 -18.95
N LEU G 23 -33.06 8.11 -18.77
CA LEU G 23 -32.58 9.17 -19.69
C LEU G 23 -32.49 8.69 -21.13
N LEU G 24 -31.96 7.47 -21.31
CA LEU G 24 -31.82 6.85 -22.64
C LEU G 24 -33.16 6.63 -23.36
N ARG G 25 -34.24 6.42 -22.60
CA ARG G 25 -35.59 6.36 -23.16
C ARG G 25 -36.05 7.70 -23.75
N GLU G 26 -35.50 8.81 -23.25
CA GLU G 26 -35.80 10.16 -23.74
C GLU G 26 -34.78 10.71 -24.77
N ARG G 27 -33.98 9.83 -25.36
CA ARG G 27 -32.98 10.19 -26.38
C ARG G 27 -31.87 11.12 -25.86
N ILE G 28 -31.51 10.92 -24.59
CA ILE G 28 -30.43 11.65 -23.94
C ILE G 28 -29.26 10.67 -23.72
N VAL G 29 -28.06 11.07 -24.17
CA VAL G 29 -26.83 10.33 -23.93
C VAL G 29 -25.90 11.24 -23.13
N CYS G 30 -25.21 10.67 -22.14
CA CYS G 30 -24.36 11.45 -21.23
C CYS G 30 -22.89 11.13 -21.42
N VAL G 31 -22.11 12.14 -21.80
CA VAL G 31 -20.65 12.06 -21.85
C VAL G 31 -20.13 12.80 -20.60
N MET G 32 -19.87 12.04 -19.55
CA MET G 32 -19.60 12.59 -18.22
C MET G 32 -18.31 12.03 -17.64
N GLY G 33 -17.47 12.94 -17.14
CA GLY G 33 -16.18 12.57 -16.56
C GLY G 33 -15.14 12.30 -17.63
N PRO G 34 -13.96 11.79 -17.20
CA PRO G 34 -12.88 11.45 -18.12
C PRO G 34 -13.30 10.47 -19.21
N ILE G 35 -12.96 10.79 -20.45
CA ILE G 35 -13.29 9.93 -21.58
C ILE G 35 -12.20 8.87 -21.72
N ASP G 36 -12.61 7.60 -21.74
CA ASP G 36 -11.72 6.49 -22.02
C ASP G 36 -12.47 5.50 -22.92
N ASP G 37 -11.86 4.36 -23.22
CA ASP G 37 -12.47 3.37 -24.11
C ASP G 37 -13.81 2.82 -23.61
N SER G 38 -13.93 2.60 -22.30
CA SER G 38 -15.18 2.08 -21.72
C SER G 38 -16.31 3.10 -21.79
N VAL G 39 -16.02 4.34 -21.42
CA VAL G 39 -16.99 5.44 -21.52
C VAL G 39 -17.42 5.60 -22.98
N ALA G 40 -16.46 5.62 -23.89
CA ALA G 40 -16.73 5.75 -25.33
C ALA G 40 -17.62 4.64 -25.88
N SER G 41 -17.31 3.39 -25.56
CA SER G 41 -18.10 2.25 -26.06
C SER G 41 -19.57 2.27 -25.58
N LEU G 42 -19.79 2.70 -24.35
CA LEU G 42 -21.15 2.84 -23.81
C LEU G 42 -21.89 3.96 -24.54
N VAL G 43 -21.23 5.10 -24.74
CA VAL G 43 -21.82 6.23 -25.46
C VAL G 43 -22.15 5.82 -26.90
N ILE G 44 -21.20 5.13 -27.54
CA ILE G 44 -21.37 4.60 -28.89
C ILE G 44 -22.56 3.64 -28.96
N ALA G 45 -22.59 2.64 -28.07
CA ALA G 45 -23.70 1.69 -27.98
C ALA G 45 -25.06 2.39 -27.84
N GLN G 46 -25.11 3.39 -26.96
CA GLN G 46 -26.32 4.21 -26.77
C GLN G 46 -26.74 4.97 -28.04
N LEU G 47 -25.77 5.54 -28.76
CA LEU G 47 -26.05 6.24 -30.02
C LEU G 47 -26.66 5.33 -31.08
N LEU G 48 -26.15 4.11 -31.18
CA LEU G 48 -26.71 3.11 -32.11
C LEU G 48 -28.12 2.68 -31.70
N PHE G 49 -28.32 2.49 -30.39
CA PHE G 49 -29.65 2.17 -29.84
C PHE G 49 -30.68 3.21 -30.27
N LEU G 50 -30.36 4.48 -30.06
CA LEU G 50 -31.27 5.58 -30.39
C LEU G 50 -31.52 5.71 -31.89
N GLN G 51 -30.49 5.48 -32.71
CA GLN G 51 -30.61 5.49 -34.17
C GLN G 51 -31.54 4.39 -34.70
N SER G 52 -31.52 3.21 -34.05
CA SER G 52 -32.40 2.10 -34.43
C SER G 52 -33.86 2.38 -34.10
N GLU G 53 -34.11 3.01 -32.95
CA GLU G 53 -35.47 3.42 -32.56
C GLU G 53 -36.03 4.50 -33.51
N SER G 54 -35.17 5.43 -33.90
CA SER G 54 -35.48 6.40 -34.94
C SER G 54 -34.21 7.04 -35.49
N ASN G 55 -34.04 6.99 -36.81
CA ASN G 55 -32.93 7.68 -37.48
C ASN G 55 -33.26 9.15 -37.80
N LYS G 56 -34.49 9.59 -37.52
CA LYS G 56 -34.94 10.98 -37.75
C LYS G 56 -34.85 11.85 -36.50
N LYS G 57 -35.35 11.33 -35.37
CA LYS G 57 -35.53 12.14 -34.16
C LYS G 57 -34.21 12.58 -33.52
N PRO G 58 -34.12 13.85 -33.07
CA PRO G 58 -32.87 14.32 -32.47
C PRO G 58 -32.42 13.51 -31.24
N ILE G 59 -31.10 13.39 -31.08
CA ILE G 59 -30.48 12.83 -29.89
C ILE G 59 -29.80 13.97 -29.15
N HIS G 60 -29.98 14.01 -27.84
CA HIS G 60 -29.34 15.01 -26.99
C HIS G 60 -28.08 14.41 -26.35
N MET G 61 -26.94 15.07 -26.57
CA MET G 61 -25.68 14.68 -25.95
C MET G 61 -25.33 15.69 -24.85
N TYR G 62 -25.42 15.22 -23.61
CA TYR G 62 -24.99 15.97 -22.44
C TYR G 62 -23.49 15.82 -22.27
N ILE G 63 -22.75 16.93 -22.26
CA ILE G 63 -21.29 16.92 -22.12
C ILE G 63 -20.85 17.69 -20.89
N ASN G 64 -20.34 16.96 -19.90
CA ASN G 64 -19.65 17.54 -18.75
C ASN G 64 -18.37 16.73 -18.54
N SER G 65 -17.26 17.17 -19.14
CA SER G 65 -16.06 16.35 -19.23
C SER G 65 -14.78 17.19 -19.23
N PRO G 66 -13.74 16.74 -18.51
CA PRO G 66 -12.41 17.36 -18.68
C PRO G 66 -11.64 16.85 -19.91
N GLY G 67 -12.25 15.97 -20.70
CA GLY G 67 -11.59 15.38 -21.87
C GLY G 67 -11.16 13.97 -21.54
N GLY G 68 -10.05 13.53 -22.11
CA GLY G 68 -9.55 12.18 -21.90
C GLY G 68 -8.85 11.63 -23.13
N VAL G 69 -8.94 10.31 -23.31
CA VAL G 69 -8.14 9.59 -24.29
C VAL G 69 -8.55 9.99 -25.71
N VAL G 70 -7.57 10.38 -26.52
CA VAL G 70 -7.80 10.97 -27.83
C VAL G 70 -8.50 10.00 -28.77
N THR G 71 -8.01 8.76 -28.87
CA THR G 71 -8.63 7.78 -29.75
C THR G 71 -10.07 7.46 -29.33
N ALA G 72 -10.33 7.46 -28.01
CA ALA G 72 -11.67 7.21 -27.47
C ALA G 72 -12.62 8.35 -27.79
N GLY G 73 -12.12 9.58 -27.71
CA GLY G 73 -12.87 10.76 -28.16
C GLY G 73 -13.16 10.71 -29.65
N LEU G 74 -12.16 10.33 -30.45
CA LEU G 74 -12.33 10.18 -31.90
C LEU G 74 -13.32 9.06 -32.25
N ALA G 75 -13.35 8.01 -31.44
CA ALA G 75 -14.33 6.93 -31.58
C ALA G 75 -15.76 7.46 -31.45
N ILE G 76 -16.01 8.28 -30.43
CA ILE G 76 -17.32 8.90 -30.25
C ILE G 76 -17.59 9.88 -31.40
N TYR G 77 -16.58 10.67 -31.78
CA TYR G 77 -16.75 11.64 -32.87
C TYR G 77 -17.21 10.96 -34.15
N ASP G 78 -16.52 9.88 -34.53
CA ASP G 78 -16.86 9.15 -35.76
C ASP G 78 -18.25 8.54 -35.72
N THR G 79 -18.64 8.03 -34.56
CA THR G 79 -19.99 7.48 -34.40
C THR G 79 -21.07 8.56 -34.54
N MET G 80 -20.82 9.74 -33.95
CA MET G 80 -21.73 10.89 -34.11
C MET G 80 -21.96 11.25 -35.58
N GLN G 81 -20.88 11.28 -36.35
CA GLN G 81 -20.95 11.56 -37.78
C GLN G 81 -21.59 10.42 -38.56
N TYR G 82 -21.33 9.18 -38.13
CA TYR G 82 -21.80 7.97 -38.81
C TYR G 82 -23.33 7.81 -38.74
N ILE G 83 -23.92 8.04 -37.58
CA ILE G 83 -25.38 7.92 -37.44
C ILE G 83 -26.09 9.05 -38.19
N LEU G 84 -27.31 8.78 -38.64
CA LEU G 84 -28.09 9.72 -39.44
C LEU G 84 -28.66 10.89 -38.62
N ASN G 85 -28.87 10.66 -37.32
CA ASN G 85 -29.67 11.56 -36.49
C ASN G 85 -29.08 12.96 -36.34
N PRO G 86 -29.95 13.97 -36.15
CA PRO G 86 -29.46 15.24 -35.63
C PRO G 86 -28.96 15.02 -34.20
N ILE G 87 -27.85 15.65 -33.84
CA ILE G 87 -27.30 15.54 -32.49
C ILE G 87 -27.23 16.93 -31.88
N CYS G 88 -28.04 17.15 -30.85
CA CYS G 88 -27.97 18.36 -30.05
C CYS G 88 -26.92 18.12 -28.96
N THR G 89 -25.88 18.94 -28.95
CA THR G 89 -24.90 18.89 -27.87
C THR G 89 -25.22 19.97 -26.84
N TRP G 90 -24.98 19.64 -25.57
CA TRP G 90 -25.26 20.55 -24.45
C TRP G 90 -24.07 20.54 -23.50
N CYS G 91 -23.37 21.67 -23.40
CA CYS G 91 -22.26 21.82 -22.46
C CYS G 91 -22.76 22.36 -21.13
N VAL G 92 -22.68 21.55 -20.09
CA VAL G 92 -22.94 22.01 -18.73
C VAL G 92 -21.76 21.61 -17.84
N GLY G 93 -21.35 22.51 -16.96
CA GLY G 93 -20.13 22.34 -16.18
C GLY G 93 -18.92 22.71 -17.00
N GLN G 94 -18.44 21.76 -17.80
CA GLN G 94 -17.30 22.03 -18.68
C GLN G 94 -17.21 21.08 -19.87
N ALA G 95 -16.56 21.55 -20.93
CA ALA G 95 -16.15 20.71 -22.06
C ALA G 95 -14.71 21.07 -22.39
N ALA G 96 -13.77 20.23 -21.95
CA ALA G 96 -12.35 20.50 -22.12
C ALA G 96 -11.70 19.40 -22.96
N SER G 97 -10.70 19.78 -23.76
CA SER G 97 -9.93 18.87 -24.60
C SER G 97 -10.90 18.13 -25.56
N MET G 98 -10.90 16.80 -25.56
CA MET G 98 -11.81 16.04 -26.42
C MET G 98 -13.29 16.30 -26.16
N GLY G 99 -13.64 16.73 -24.95
CA GLY G 99 -15.00 17.14 -24.62
C GLY G 99 -15.53 18.28 -25.49
N SER G 100 -14.68 19.27 -25.77
CA SER G 100 -15.04 20.40 -26.63
C SER G 100 -15.13 20.02 -28.10
N LEU G 101 -14.35 19.03 -28.52
CA LEU G 101 -14.43 18.51 -29.88
C LEU G 101 -15.80 17.89 -30.12
N LEU G 102 -16.24 17.07 -29.16
CA LEU G 102 -17.56 16.45 -29.22
C LEU G 102 -18.68 17.50 -29.21
N LEU G 103 -18.54 18.51 -28.34
CA LEU G 103 -19.47 19.65 -28.30
C LEU G 103 -19.58 20.33 -29.67
N ALA G 104 -18.44 20.64 -30.27
CA ALA G 104 -18.37 21.27 -31.61
C ALA G 104 -18.90 20.39 -32.75
N ALA G 105 -18.87 19.07 -32.55
CA ALA G 105 -19.31 18.10 -33.54
C ALA G 105 -20.82 17.87 -33.59
N GLY G 106 -21.59 18.53 -32.71
CA GLY G 106 -23.05 18.49 -32.80
C GLY G 106 -23.56 19.09 -34.10
N THR G 107 -24.78 18.73 -34.48
CA THR G 107 -25.39 19.20 -35.72
C THR G 107 -25.41 20.74 -35.76
N PRO G 108 -25.01 21.35 -36.90
CA PRO G 108 -25.00 22.82 -36.99
C PRO G 108 -26.34 23.45 -36.58
N GLY G 109 -26.27 24.48 -35.74
CA GLY G 109 -27.44 25.11 -35.14
C GLY G 109 -27.96 24.47 -33.86
N MET G 110 -27.45 23.29 -33.50
CA MET G 110 -27.94 22.52 -32.36
C MET G 110 -26.86 22.30 -31.29
N ARG G 111 -25.87 23.18 -31.23
CA ARG G 111 -24.79 23.07 -30.26
C ARG G 111 -25.00 24.14 -29.19
N HIS G 112 -25.22 23.70 -27.95
CA HIS G 112 -25.64 24.57 -26.86
C HIS G 112 -24.66 24.56 -25.69
N SER G 113 -24.66 25.65 -24.93
CA SER G 113 -24.05 25.70 -23.60
C SER G 113 -24.99 26.42 -22.65
N LEU G 114 -24.92 26.05 -21.38
CA LEU G 114 -25.58 26.81 -20.33
C LEU G 114 -24.61 27.93 -19.91
N PRO G 115 -25.10 28.95 -19.18
CA PRO G 115 -24.35 30.22 -19.02
C PRO G 115 -22.96 30.18 -18.37
N ASN G 116 -22.75 29.28 -17.40
CA ASN G 116 -21.53 29.27 -16.59
C ASN G 116 -20.57 28.15 -16.95
N SER G 117 -20.81 27.46 -18.07
CA SER G 117 -19.91 26.41 -18.53
C SER G 117 -18.58 26.99 -18.96
N ARG G 118 -17.53 26.17 -18.89
CA ARG G 118 -16.19 26.53 -19.35
C ARG G 118 -15.82 25.60 -20.51
N ILE G 119 -15.29 26.17 -21.59
CA ILE G 119 -14.92 25.40 -22.78
C ILE G 119 -13.42 25.58 -23.06
N MET G 120 -12.71 24.46 -23.22
CA MET G 120 -11.28 24.47 -23.53
C MET G 120 -11.00 23.58 -24.75
N ILE G 121 -10.34 24.15 -25.75
CA ILE G 121 -9.84 23.38 -26.91
C ILE G 121 -8.37 22.99 -26.76
N HIS G 122 -7.65 23.63 -25.84
CA HIS G 122 -6.29 23.22 -25.48
C HIS G 122 -6.24 21.76 -25.00
N GLN G 123 -5.16 21.07 -25.38
CA GLN G 123 -4.92 19.66 -25.01
C GLN G 123 -3.87 19.59 -23.90
N PRO G 124 -4.12 18.79 -22.84
CA PRO G 124 -3.19 18.76 -21.70
C PRO G 124 -1.91 18.00 -22.03
N ILE G 137 3.32 6.27 -27.18
CA ILE G 137 3.33 6.36 -28.65
C ILE G 137 4.46 7.26 -29.18
N GLN G 138 4.79 7.07 -30.46
CA GLN G 138 5.90 7.78 -31.09
C GLN G 138 5.58 9.25 -31.34
N ALA G 139 6.63 10.04 -31.51
CA ALA G 139 6.51 11.49 -31.75
C ALA G 139 5.68 11.81 -32.99
N GLU G 140 5.92 11.06 -34.06
CA GLU G 140 5.17 11.22 -35.31
C GLU G 140 3.68 10.91 -35.14
N GLU G 141 3.37 9.90 -34.32
CA GLU G 141 1.98 9.52 -34.06
C GLU G 141 1.19 10.55 -33.26
N ILE G 142 1.84 11.17 -32.27
CA ILE G 142 1.19 12.20 -31.46
C ILE G 142 0.83 13.38 -32.36
N MET G 143 1.76 13.72 -33.27
CA MET G 143 1.55 14.80 -34.24
C MET G 143 0.47 14.48 -35.29
N LYS G 144 0.44 13.23 -35.75
CA LYS G 144 -0.63 12.78 -36.67
C LYS G 144 -2.00 12.92 -36.03
N LEU G 145 -2.13 12.48 -34.79
CA LEU G 145 -3.38 12.64 -34.03
C LEU G 145 -3.76 14.11 -33.85
N LYS G 146 -2.77 14.94 -33.53
CA LYS G 146 -2.99 16.38 -33.34
C LYS G 146 -3.48 17.05 -34.65
N LYS G 147 -2.91 16.64 -35.78
CA LYS G 147 -3.38 17.15 -37.09
C LYS G 147 -4.81 16.69 -37.40
N GLN G 148 -5.17 15.48 -36.99
CA GLN G 148 -6.56 15.02 -37.10
C GLN G 148 -7.50 15.91 -36.27
N LEU G 149 -7.06 16.28 -35.07
CA LEU G 149 -7.85 17.18 -34.21
C LEU G 149 -8.01 18.54 -34.86
N TYR G 150 -6.94 19.09 -35.44
CA TYR G 150 -6.99 20.37 -36.15
C TYR G 150 -8.03 20.35 -37.27
N ASN G 151 -7.98 19.30 -38.10
CA ASN G 151 -8.90 19.16 -39.22
C ASN G 151 -10.37 19.07 -38.78
N ILE G 152 -10.63 18.39 -37.66
CA ILE G 152 -11.98 18.30 -37.10
C ILE G 152 -12.43 19.66 -36.54
N TYR G 153 -11.59 20.30 -35.73
CA TYR G 153 -11.93 21.63 -35.18
C TYR G 153 -12.11 22.67 -36.30
N ALA G 154 -11.23 22.64 -37.30
CA ALA G 154 -11.31 23.58 -38.44
C ALA G 154 -12.62 23.46 -39.18
N LYS G 155 -13.01 22.22 -39.47
CA LYS G 155 -14.29 21.89 -40.10
C LYS G 155 -15.49 22.45 -39.33
N HIS G 156 -15.67 22.01 -38.10
CA HIS G 156 -16.88 22.31 -37.34
C HIS G 156 -16.98 23.75 -36.81
N THR G 157 -15.84 24.39 -36.58
CA THR G 157 -15.79 25.80 -36.13
C THR G 157 -15.69 26.82 -37.27
N LYS G 158 -15.31 26.36 -38.47
CA LYS G 158 -15.02 27.21 -39.64
C LYS G 158 -13.78 28.13 -39.50
N GLN G 159 -13.03 28.03 -38.40
CA GLN G 159 -11.80 28.80 -38.24
C GLN G 159 -10.72 28.12 -39.07
N SER G 160 -9.74 28.90 -39.54
CA SER G 160 -8.63 28.35 -40.31
C SER G 160 -7.80 27.36 -39.49
N LEU G 161 -7.07 26.49 -40.18
CA LEU G 161 -6.13 25.58 -39.52
C LEU G 161 -5.09 26.32 -38.67
N GLN G 162 -4.60 27.47 -39.15
CA GLN G 162 -3.62 28.26 -38.39
C GLN G 162 -4.21 28.85 -37.09
N VAL G 163 -5.46 29.30 -37.16
CA VAL G 163 -6.16 29.89 -36.00
C VAL G 163 -6.48 28.80 -34.96
N ILE G 164 -6.88 27.62 -35.43
CA ILE G 164 -7.09 26.46 -34.56
C ILE G 164 -5.79 26.04 -33.88
N GLU G 165 -4.73 25.90 -34.67
CA GLU G 165 -3.42 25.51 -34.15
C GLU G 165 -2.89 26.50 -33.10
N SER G 166 -2.99 27.80 -33.39
CA SER G 166 -2.55 28.84 -32.45
C SER G 166 -3.36 28.86 -31.15
N ALA G 167 -4.67 28.69 -31.28
CA ALA G 167 -5.59 28.71 -30.14
C ALA G 167 -5.43 27.48 -29.24
N MET G 168 -5.22 26.31 -29.83
CA MET G 168 -5.00 25.08 -29.06
C MET G 168 -3.68 25.05 -28.27
N GLU G 169 -2.77 25.95 -28.62
CA GLU G 169 -1.53 26.18 -27.88
C GLU G 169 -1.76 26.95 -26.56
N ARG G 170 -2.78 27.82 -26.54
CA ARG G 170 -3.08 28.66 -25.39
C ARG G 170 -3.78 27.88 -24.29
N ASP G 171 -3.16 27.82 -23.12
CA ASP G 171 -3.74 27.14 -21.97
C ASP G 171 -4.73 28.07 -21.26
N ARG G 172 -5.99 27.97 -21.66
CA ARG G 172 -7.06 28.82 -21.14
C ARG G 172 -8.43 28.24 -21.48
N TYR G 173 -9.44 28.62 -20.70
CA TYR G 173 -10.83 28.29 -21.02
C TYR G 173 -11.50 29.50 -21.69
N MET G 174 -12.58 29.20 -22.41
CA MET G 174 -13.44 30.20 -23.02
C MET G 174 -14.78 30.19 -22.29
N SER G 175 -15.41 31.36 -22.18
CA SER G 175 -16.82 31.44 -21.80
C SER G 175 -17.68 30.89 -22.96
N PRO G 176 -18.97 30.60 -22.69
CA PRO G 176 -19.86 30.16 -23.76
C PRO G 176 -19.98 31.16 -24.93
N MET G 177 -20.01 32.46 -24.63
CA MET G 177 -20.07 33.50 -25.67
C MET G 177 -18.81 33.50 -26.53
N GLU G 178 -17.64 33.37 -25.90
CA GLU G 178 -16.37 33.22 -26.64
C GLU G 178 -16.37 31.97 -27.51
N ALA G 179 -16.86 30.85 -26.96
CA ALA G 179 -17.01 29.60 -27.71
C ALA G 179 -17.99 29.75 -28.88
N GLN G 180 -19.07 30.50 -28.67
CA GLN G 180 -20.00 30.83 -29.76
C GLN G 180 -19.31 31.62 -30.87
N GLU G 181 -18.67 32.73 -30.49
CA GLU G 181 -17.88 33.57 -31.40
C GLU G 181 -16.85 32.74 -32.19
N PHE G 182 -16.17 31.82 -31.50
CA PHE G 182 -15.14 30.97 -32.11
C PHE G 182 -15.72 29.93 -33.08
N GLY G 183 -16.97 29.50 -32.85
CA GLY G 183 -17.65 28.51 -33.67
C GLY G 183 -17.71 27.11 -33.08
N ILE G 184 -17.38 26.98 -31.79
CA ILE G 184 -17.50 25.70 -31.07
C ILE G 184 -18.97 25.39 -30.79
N LEU G 185 -19.79 26.41 -30.59
CA LEU G 185 -21.22 26.21 -30.35
C LEU G 185 -22.06 27.34 -30.94
N ASP G 186 -23.38 27.14 -30.96
CA ASP G 186 -24.34 28.01 -31.63
C ASP G 186 -25.16 28.90 -30.69
N LYS G 187 -25.58 28.35 -29.55
CA LYS G 187 -26.52 29.01 -28.65
C LYS G 187 -26.11 28.90 -27.18
N VAL G 188 -26.14 30.03 -26.48
CA VAL G 188 -25.95 30.09 -25.04
C VAL G 188 -27.32 30.37 -24.43
N LEU G 189 -27.84 29.41 -23.66
CA LEU G 189 -29.21 29.45 -23.14
C LEU G 189 -29.25 29.47 -21.60
N VAL G 190 -29.88 30.49 -21.04
CA VAL G 190 -30.13 30.58 -19.59
C VAL G 190 -31.36 29.75 -19.24
N HIS G 191 -32.41 29.93 -20.04
CA HIS G 191 -33.68 29.21 -19.93
C HIS G 191 -34.02 28.70 -21.33
N PRO G 192 -34.95 27.72 -21.45
CA PRO G 192 -35.32 27.27 -22.80
C PRO G 192 -36.02 28.37 -23.61
N PRO G 193 -35.98 28.27 -24.96
CA PRO G 193 -36.67 29.29 -25.78
C PRO G 193 -38.19 29.21 -25.64
N GLN G 194 -38.74 28.02 -25.91
CA GLN G 194 -40.18 27.75 -25.80
C GLN G 194 -40.45 26.95 -24.54
N ASP H 18 31.52 -1.48 14.43
CA ASP H 18 30.52 -2.48 14.93
C ASP H 18 31.15 -3.49 15.89
N ILE H 19 30.34 -4.01 16.80
CA ILE H 19 30.77 -5.05 17.74
C ILE H 19 31.00 -6.41 17.06
N TYR H 20 30.33 -6.64 15.93
CA TYR H 20 30.55 -7.86 15.14
C TYR H 20 31.91 -7.88 14.43
N SER H 21 32.52 -6.71 14.24
CA SER H 21 33.91 -6.60 13.78
C SER H 21 34.89 -6.99 14.89
N ARG H 22 34.60 -6.56 16.12
CA ARG H 22 35.39 -6.94 17.30
C ARG H 22 35.33 -8.47 17.55
N LEU H 23 34.14 -9.05 17.35
CA LEU H 23 33.97 -10.52 17.38
C LEU H 23 34.87 -11.24 16.37
N LEU H 24 34.97 -10.68 15.17
CA LEU H 24 35.81 -11.25 14.11
C LEU H 24 37.29 -11.30 14.48
N ARG H 25 37.79 -10.29 15.20
CA ARG H 25 39.15 -10.32 15.75
C ARG H 25 39.38 -11.45 16.79
N GLU H 26 38.30 -11.88 17.46
CA GLU H 26 38.34 -13.07 18.33
C GLU H 26 37.99 -14.38 17.61
N ARG H 27 38.04 -14.37 16.28
CA ARG H 27 37.77 -15.55 15.44
C ARG H 27 36.36 -16.12 15.63
N ILE H 28 35.39 -15.23 15.87
CA ILE H 28 33.98 -15.60 16.01
C ILE H 28 33.25 -15.15 14.74
N VAL H 29 32.49 -16.08 14.17
CA VAL H 29 31.62 -15.80 13.02
C VAL H 29 30.18 -16.14 13.46
N CYS H 30 29.24 -15.30 13.07
CA CYS H 30 27.85 -15.42 13.52
C CYS H 30 26.94 -15.78 12.35
N VAL H 31 26.24 -16.92 12.49
CA VAL H 31 25.18 -17.32 11.58
C VAL H 31 23.87 -17.06 12.33
N MET H 32 23.30 -15.87 12.08
CA MET H 32 22.17 -15.37 12.86
C MET H 32 21.02 -14.97 11.95
N GLY H 33 19.82 -15.39 12.34
CA GLY H 33 18.61 -15.11 11.57
C GLY H 33 18.49 -15.98 10.34
N PRO H 34 17.52 -15.66 9.46
CA PRO H 34 17.32 -16.44 8.24
C PRO H 34 18.53 -16.43 7.33
N ILE H 35 18.95 -17.61 6.87
CA ILE H 35 20.09 -17.74 5.98
C ILE H 35 19.65 -17.48 4.54
N ASP H 36 20.23 -16.45 3.93
CA ASP H 36 20.05 -16.16 2.51
C ASP H 36 21.44 -15.98 1.87
N ASP H 37 21.46 -15.66 0.57
CA ASP H 37 22.72 -15.48 -0.16
C ASP H 37 23.65 -14.40 0.43
N SER H 38 23.08 -13.29 0.91
CA SER H 38 23.88 -12.19 1.46
C SER H 38 24.48 -12.54 2.82
N VAL H 39 23.68 -13.18 3.68
CA VAL H 39 24.15 -13.72 4.96
C VAL H 39 25.27 -14.75 4.73
N ALA H 40 25.03 -15.69 3.83
CA ALA H 40 26.01 -16.73 3.52
C ALA H 40 27.31 -16.15 2.95
N SER H 41 27.18 -15.24 1.98
CA SER H 41 28.36 -14.64 1.36
C SER H 41 29.26 -13.88 2.35
N LEU H 42 28.65 -13.20 3.34
CA LEU H 42 29.40 -12.52 4.41
C LEU H 42 30.08 -13.53 5.34
N VAL H 43 29.34 -14.54 5.77
CA VAL H 43 29.89 -15.63 6.61
C VAL H 43 31.09 -16.30 5.90
N ILE H 44 30.94 -16.54 4.60
CA ILE H 44 31.97 -17.16 3.79
C ILE H 44 33.23 -16.29 3.69
N ALA H 45 33.04 -15.00 3.43
CA ALA H 45 34.17 -14.04 3.37
C ALA H 45 34.91 -13.97 4.71
N GLN H 46 34.15 -13.99 5.81
CA GLN H 46 34.72 -14.03 7.15
C GLN H 46 35.51 -15.32 7.42
N LEU H 47 35.01 -16.45 6.91
CA LEU H 47 35.71 -17.73 7.05
C LEU H 47 37.06 -17.75 6.32
N LEU H 48 37.11 -17.14 5.13
CA LEU H 48 38.36 -17.03 4.38
C LEU H 48 39.36 -16.10 5.06
N PHE H 49 38.88 -14.97 5.57
CA PHE H 49 39.71 -14.03 6.33
C PHE H 49 40.40 -14.71 7.50
N LEU H 50 39.61 -15.34 8.36
CA LEU H 50 40.13 -16.03 9.55
C LEU H 50 41.14 -17.13 9.22
N GLN H 51 40.91 -17.85 8.12
CA GLN H 51 41.86 -18.86 7.65
C GLN H 51 43.20 -18.24 7.22
N SER H 52 43.16 -17.09 6.54
CA SER H 52 44.38 -16.38 6.12
C SER H 52 45.16 -15.77 7.29
N GLU H 53 44.46 -15.40 8.35
CA GLU H 53 45.09 -14.95 9.61
C GLU H 53 45.80 -16.11 10.31
N SER H 54 45.13 -17.27 10.36
CA SER H 54 45.70 -18.49 10.89
C SER H 54 44.94 -19.70 10.37
N ASN H 55 45.62 -20.56 9.61
CA ASN H 55 45.00 -21.77 9.06
C ASN H 55 44.88 -22.94 10.06
N LYS H 56 45.43 -22.76 11.28
CA LYS H 56 45.37 -23.78 12.33
C LYS H 56 44.52 -23.40 13.55
N LYS H 57 44.39 -22.10 13.85
CA LYS H 57 43.62 -21.66 15.03
C LYS H 57 42.12 -21.92 14.84
N PRO H 58 41.43 -22.38 15.90
CA PRO H 58 40.00 -22.68 15.72
C PRO H 58 39.14 -21.45 15.44
N ILE H 59 38.05 -21.66 14.72
CA ILE H 59 37.06 -20.63 14.42
C ILE H 59 35.77 -20.98 15.16
N HIS H 60 35.17 -20.00 15.83
CA HIS H 60 33.92 -20.20 16.56
C HIS H 60 32.73 -19.76 15.73
N MET H 61 31.83 -20.70 15.42
CA MET H 61 30.62 -20.40 14.66
C MET H 61 29.43 -20.37 15.61
N TYR H 62 28.95 -19.16 15.89
CA TYR H 62 27.71 -18.93 16.62
C TYR H 62 26.54 -19.17 15.68
N ILE H 63 25.64 -20.08 16.05
CA ILE H 63 24.46 -20.41 15.23
C ILE H 63 23.20 -20.16 16.05
N ASN H 64 22.47 -19.11 15.67
CA ASN H 64 21.14 -18.82 16.20
C ASN H 64 20.25 -18.50 15.02
N SER H 65 19.66 -19.53 14.42
CA SER H 65 19.03 -19.40 13.10
C SER H 65 17.86 -20.37 12.95
N PRO H 66 16.75 -19.90 12.32
CA PRO H 66 15.66 -20.79 11.98
C PRO H 66 15.87 -21.57 10.67
N GLY H 67 17.03 -21.36 10.01
CA GLY H 67 17.30 -21.97 8.72
C GLY H 67 17.20 -20.92 7.64
N GLY H 68 16.85 -21.34 6.42
CA GLY H 68 16.75 -20.44 5.28
C GLY H 68 17.02 -21.14 3.96
N VAL H 69 17.61 -20.42 3.02
CA VAL H 69 17.73 -20.91 1.64
C VAL H 69 18.77 -22.03 1.58
N VAL H 70 18.38 -23.14 0.95
CA VAL H 70 19.17 -24.38 1.01
C VAL H 70 20.55 -24.19 0.38
N THR H 71 20.60 -23.65 -0.84
CA THR H 71 21.88 -23.49 -1.55
C THR H 71 22.82 -22.52 -0.82
N ALA H 72 22.25 -21.49 -0.17
CA ALA H 72 23.03 -20.58 0.67
C ALA H 72 23.61 -21.29 1.90
N GLY H 73 22.83 -22.18 2.50
CA GLY H 73 23.31 -23.02 3.60
C GLY H 73 24.40 -23.98 3.16
N LEU H 74 24.21 -24.58 1.99
CA LEU H 74 25.21 -25.46 1.38
C LEU H 74 26.51 -24.71 1.01
N ALA H 75 26.38 -23.44 0.62
CA ALA H 75 27.55 -22.59 0.36
C ALA H 75 28.40 -22.41 1.61
N ILE H 76 27.74 -22.15 2.75
CA ILE H 76 28.44 -22.04 4.03
C ILE H 76 29.02 -23.41 4.40
N TYR H 77 28.21 -24.46 4.29
CA TYR H 77 28.66 -25.83 4.61
C TYR H 77 29.92 -26.21 3.84
N ASP H 78 29.90 -26.00 2.53
CA ASP H 78 31.03 -26.34 1.67
C ASP H 78 32.28 -25.55 2.02
N THR H 79 32.11 -24.26 2.32
CA THR H 79 33.23 -23.40 2.73
C THR H 79 33.83 -23.87 4.06
N MET H 80 32.97 -24.23 5.02
CA MET H 80 33.43 -24.83 6.29
C MET H 80 34.34 -26.04 6.07
N GLN H 81 33.97 -26.91 5.13
CA GLN H 81 34.78 -28.08 4.78
C GLN H 81 36.03 -27.70 3.98
N TYR H 82 35.90 -26.69 3.12
CA TYR H 82 36.99 -26.22 2.26
C TYR H 82 38.16 -25.63 3.04
N ILE H 83 37.89 -24.81 4.05
CA ILE H 83 38.97 -24.26 4.89
C ILE H 83 39.59 -25.34 5.79
N LEU H 84 40.84 -25.13 6.17
CA LEU H 84 41.61 -26.12 6.94
C LEU H 84 41.30 -26.13 8.44
N ASN H 85 40.71 -25.05 8.94
CA ASN H 85 40.65 -24.82 10.39
C ASN H 85 39.73 -25.76 11.14
N PRO H 86 40.03 -26.00 12.43
CA PRO H 86 38.98 -26.54 13.28
C PRO H 86 37.85 -25.52 13.39
N ILE H 87 36.59 -25.98 13.35
CA ILE H 87 35.44 -25.10 13.50
C ILE H 87 34.62 -25.59 14.68
N CYS H 88 34.58 -24.78 15.73
CA CYS H 88 33.69 -25.02 16.87
C CYS H 88 32.33 -24.39 16.54
N THR H 89 31.28 -25.20 16.55
CA THR H 89 29.93 -24.69 16.34
C THR H 89 29.24 -24.54 17.70
N TRP H 90 28.51 -23.45 17.88
CA TRP H 90 27.79 -23.17 19.13
C TRP H 90 26.34 -22.85 18.84
N CYS H 91 25.45 -23.73 19.27
CA CYS H 91 24.01 -23.50 19.15
C CYS H 91 23.50 -22.76 20.38
N VAL H 92 23.01 -21.55 20.16
CA VAL H 92 22.38 -20.77 21.23
C VAL H 92 21.08 -20.19 20.67
N GLY H 93 20.00 -20.34 21.45
CA GLY H 93 18.66 -20.04 20.97
C GLY H 93 18.11 -21.23 20.19
N GLN H 94 18.45 -21.29 18.90
CA GLN H 94 18.04 -22.42 18.07
C GLN H 94 18.94 -22.64 16.85
N ALA H 95 18.93 -23.87 16.38
CA ALA H 95 19.50 -24.21 15.07
C ALA H 95 18.46 -25.09 14.39
N ALA H 96 17.66 -24.49 13.50
CA ALA H 96 16.61 -25.21 12.80
C ALA H 96 16.91 -25.31 11.32
N SER H 97 16.51 -26.43 10.73
CA SER H 97 16.66 -26.68 9.29
C SER H 97 18.14 -26.55 8.89
N MET H 98 18.46 -25.65 7.95
CA MET H 98 19.84 -25.50 7.49
C MET H 98 20.80 -25.06 8.60
N GLY H 99 20.30 -24.38 9.62
CA GLY H 99 21.08 -24.07 10.82
C GLY H 99 21.65 -25.30 11.52
N SER H 100 20.85 -26.35 11.63
CA SER H 100 21.27 -27.60 12.28
C SER H 100 22.28 -28.39 11.44
N LEU H 101 22.23 -28.24 10.12
CA LEU H 101 23.24 -28.81 9.22
C LEU H 101 24.59 -28.15 9.45
N LEU H 102 24.59 -26.82 9.54
CA LEU H 102 25.83 -26.07 9.85
C LEU H 102 26.37 -26.44 11.24
N LEU H 103 25.46 -26.55 12.22
CA LEU H 103 25.82 -27.00 13.57
C LEU H 103 26.48 -28.39 13.59
N ALA H 104 25.83 -29.34 12.91
CA ALA H 104 26.36 -30.70 12.75
C ALA H 104 27.68 -30.78 11.95
N ALA H 105 27.93 -29.78 11.11
CA ALA H 105 29.12 -29.75 10.25
C ALA H 105 30.40 -29.22 10.90
N GLY H 106 30.33 -28.82 12.18
CA GLY H 106 31.54 -28.42 12.91
C GLY H 106 32.49 -29.60 13.09
N THR H 107 33.74 -29.29 13.43
CA THR H 107 34.76 -30.33 13.63
C THR H 107 34.32 -31.31 14.70
N PRO H 108 34.42 -32.64 14.43
CA PRO H 108 34.08 -33.64 15.45
C PRO H 108 34.73 -33.35 16.80
N GLY H 109 33.96 -33.47 17.86
CA GLY H 109 34.36 -33.08 19.21
C GLY H 109 34.16 -31.61 19.58
N MET H 110 33.86 -30.75 18.60
CA MET H 110 33.78 -29.31 18.79
C MET H 110 32.40 -28.72 18.45
N ARG H 111 31.36 -29.55 18.53
CA ARG H 111 30.00 -29.11 18.22
C ARG H 111 29.26 -28.99 19.54
N HIS H 112 28.84 -27.77 19.86
CA HIS H 112 28.33 -27.43 21.19
C HIS H 112 26.93 -26.84 21.14
N SER H 113 26.19 -27.03 22.23
CA SER H 113 24.94 -26.31 22.46
C SER H 113 24.85 -25.85 23.92
N LEU H 114 24.23 -24.70 24.13
CA LEU H 114 23.87 -24.25 25.47
C LEU H 114 22.59 -24.99 25.88
N PRO H 115 22.27 -24.99 27.20
CA PRO H 115 21.29 -25.98 27.70
C PRO H 115 19.84 -25.87 27.21
N ASN H 116 19.39 -24.66 26.86
CA ASN H 116 17.99 -24.42 26.49
C ASN H 116 17.77 -24.23 24.99
N SER H 117 18.80 -24.46 24.18
CA SER H 117 18.66 -24.38 22.72
C SER H 117 17.69 -25.44 22.19
N ARG H 118 17.11 -25.17 21.03
CA ARG H 118 16.23 -26.11 20.31
C ARG H 118 16.85 -26.40 18.94
N ILE H 119 16.90 -27.68 18.58
CA ILE H 119 17.50 -28.10 17.30
C ILE H 119 16.46 -28.83 16.46
N MET H 120 16.36 -28.46 15.18
CA MET H 120 15.44 -29.08 14.24
C MET H 120 16.18 -29.42 12.94
N ILE H 121 16.06 -30.68 12.50
CA ILE H 121 16.56 -31.09 11.18
C ILE H 121 15.46 -31.16 10.13
N HIS H 122 14.20 -31.24 10.57
CA HIS H 122 13.04 -31.11 9.71
C HIS H 122 13.10 -29.82 8.87
N GLN H 123 12.61 -29.90 7.63
CA GLN H 123 12.61 -28.77 6.69
C GLN H 123 11.20 -28.19 6.55
N GLN H 138 11.50 -27.23 -9.45
CA GLN H 138 11.05 -28.49 -10.02
C GLN H 138 11.08 -29.63 -9.01
N ALA H 139 10.42 -30.73 -9.36
CA ALA H 139 10.19 -31.87 -8.44
C ALA H 139 11.42 -32.73 -8.23
N GLU H 140 12.07 -33.09 -9.33
CA GLU H 140 13.31 -33.88 -9.29
C GLU H 140 14.45 -33.10 -8.63
N GLU H 141 14.47 -31.78 -8.84
CA GLU H 141 15.60 -30.94 -8.42
C GLU H 141 15.59 -30.65 -6.92
N ILE H 142 14.41 -30.35 -6.39
CA ILE H 142 14.23 -30.23 -4.93
C ILE H 142 14.45 -31.58 -4.22
N MET H 143 14.10 -32.69 -4.89
CA MET H 143 14.40 -34.04 -4.37
C MET H 143 15.90 -34.38 -4.44
N LYS H 144 16.58 -33.94 -5.50
CA LYS H 144 18.03 -34.09 -5.61
C LYS H 144 18.77 -33.27 -4.52
N LEU H 145 18.32 -32.04 -4.30
CA LEU H 145 18.82 -31.23 -3.16
C LEU H 145 18.57 -31.92 -1.82
N LYS H 146 17.37 -32.47 -1.65
CA LYS H 146 17.02 -33.21 -0.44
C LYS H 146 17.98 -34.39 -0.21
N LYS H 147 18.35 -35.10 -1.28
CA LYS H 147 19.31 -36.21 -1.16
C LYS H 147 20.72 -35.75 -0.75
N GLN H 148 21.14 -34.59 -1.25
CA GLN H 148 22.40 -33.98 -0.79
C GLN H 148 22.40 -33.73 0.71
N LEU H 149 21.26 -33.26 1.23
CA LEU H 149 21.09 -33.00 2.66
C LEU H 149 21.15 -34.29 3.48
N TYR H 150 20.50 -35.35 2.98
CA TYR H 150 20.56 -36.67 3.63
C TYR H 150 22.00 -37.16 3.74
N ASN H 151 22.75 -37.09 2.64
CA ASN H 151 24.16 -37.50 2.61
C ASN H 151 25.04 -36.70 3.58
N ILE H 152 24.82 -35.39 3.65
CA ILE H 152 25.58 -34.53 4.59
C ILE H 152 25.22 -34.88 6.04
N TYR H 153 23.94 -34.96 6.36
CA TYR H 153 23.51 -35.32 7.72
C TYR H 153 24.01 -36.72 8.11
N ALA H 154 23.92 -37.69 7.19
CA ALA H 154 24.43 -39.04 7.44
C ALA H 154 25.92 -39.03 7.78
N LYS H 155 26.70 -38.33 6.97
CA LYS H 155 28.15 -38.18 7.17
C LYS H 155 28.49 -37.66 8.58
N HIS H 156 27.86 -36.55 8.97
CA HIS H 156 28.22 -35.86 10.22
C HIS H 156 27.57 -36.43 11.49
N THR H 157 26.37 -37.00 11.37
CA THR H 157 25.65 -37.59 12.51
C THR H 157 25.97 -39.08 12.72
N LYS H 158 26.50 -39.73 11.68
CA LYS H 158 26.70 -41.19 11.66
C LYS H 158 25.40 -42.00 11.69
N GLN H 159 24.25 -41.35 11.47
CA GLN H 159 22.99 -42.07 11.33
C GLN H 159 22.91 -42.57 9.91
N SER H 160 22.14 -43.64 9.69
CA SER H 160 21.94 -44.19 8.37
C SER H 160 21.09 -43.24 7.51
N LEU H 161 21.16 -43.41 6.20
CA LEU H 161 20.39 -42.59 5.28
C LEU H 161 18.88 -42.71 5.50
N GLN H 162 18.39 -43.93 5.78
CA GLN H 162 16.97 -44.13 6.02
C GLN H 162 16.50 -43.47 7.34
N VAL H 163 17.38 -43.44 8.35
CA VAL H 163 17.11 -42.75 9.62
C VAL H 163 17.00 -41.24 9.40
N ILE H 164 17.94 -40.68 8.63
CA ILE H 164 17.91 -39.26 8.29
C ILE H 164 16.63 -38.91 7.50
N GLU H 165 16.32 -39.73 6.50
CA GLU H 165 15.07 -39.57 5.71
C GLU H 165 13.85 -39.52 6.61
N SER H 166 13.75 -40.51 7.51
CA SER H 166 12.62 -40.64 8.42
C SER H 166 12.54 -39.46 9.39
N ALA H 167 13.66 -39.19 10.06
CA ALA H 167 13.76 -38.10 11.02
C ALA H 167 13.42 -36.73 10.42
N MET H 168 13.86 -36.48 9.18
CA MET H 168 13.57 -35.20 8.52
C MET H 168 12.10 -34.96 8.17
N GLU H 169 11.29 -36.01 8.08
CA GLU H 169 9.84 -35.88 7.93
C GLU H 169 9.13 -35.43 9.21
N ARG H 170 9.76 -35.65 10.36
CA ARG H 170 9.11 -35.46 11.66
C ARG H 170 9.19 -34.01 12.10
N ASP H 171 8.05 -33.32 12.08
CA ASP H 171 7.96 -31.91 12.49
C ASP H 171 8.06 -31.80 14.01
N ARG H 172 9.30 -31.72 14.49
CA ARG H 172 9.57 -31.57 15.91
C ARG H 172 10.96 -30.97 16.14
N TYR H 173 11.15 -30.39 17.31
CA TYR H 173 12.47 -29.95 17.76
C TYR H 173 13.06 -31.00 18.69
N MET H 174 14.40 -31.00 18.76
CA MET H 174 15.14 -31.82 19.69
C MET H 174 15.75 -30.92 20.75
N SER H 175 15.83 -31.46 21.97
CA SER H 175 16.65 -30.86 23.02
C SER H 175 18.13 -31.03 22.66
N PRO H 176 19.03 -30.30 23.35
CA PRO H 176 20.45 -30.49 23.10
C PRO H 176 20.93 -31.93 23.38
N MET H 177 20.45 -32.53 24.46
CA MET H 177 20.79 -33.93 24.78
C MET H 177 20.26 -34.90 23.73
N GLU H 178 19.05 -34.67 23.20
CA GLU H 178 18.53 -35.46 22.08
C GLU H 178 19.39 -35.26 20.81
N ALA H 179 19.77 -34.01 20.54
CA ALA H 179 20.66 -33.70 19.41
C ALA H 179 22.05 -34.35 19.57
N GLN H 180 22.56 -34.40 20.81
CA GLN H 180 23.79 -35.15 21.10
C GLN H 180 23.61 -36.64 20.75
N GLU H 181 22.54 -37.25 21.25
CA GLU H 181 22.24 -38.67 20.98
C GLU H 181 22.07 -38.95 19.49
N PHE H 182 21.45 -38.02 18.77
CA PHE H 182 21.27 -38.14 17.33
C PHE H 182 22.57 -38.08 16.53
N GLY H 183 23.56 -37.35 17.05
CA GLY H 183 24.83 -37.12 16.36
C GLY H 183 25.03 -35.71 15.79
N ILE H 184 24.14 -34.78 16.11
CA ILE H 184 24.21 -33.41 15.60
C ILE H 184 25.25 -32.59 16.36
N LEU H 185 25.38 -32.85 17.66
CA LEU H 185 26.37 -32.18 18.47
C LEU H 185 27.04 -33.13 19.46
N ASP H 186 28.11 -32.65 20.07
CA ASP H 186 28.97 -33.46 20.95
C ASP H 186 28.83 -33.13 22.42
N LYS H 187 28.73 -31.83 22.73
CA LYS H 187 28.72 -31.37 24.11
C LYS H 187 27.59 -30.37 24.37
N VAL H 188 26.88 -30.58 25.49
CA VAL H 188 25.91 -29.63 26.01
C VAL H 188 26.55 -28.98 27.24
N LEU H 189 26.85 -27.69 27.15
CA LEU H 189 27.58 -26.96 28.20
C LEU H 189 26.69 -25.95 28.90
N VAL H 190 26.67 -25.99 30.23
CA VAL H 190 26.01 -24.96 31.04
C VAL H 190 26.97 -23.77 31.20
N HIS H 191 28.24 -24.07 31.47
CA HIS H 191 29.33 -23.07 31.52
C HIS H 191 30.64 -23.73 31.07
N PRO H 192 31.74 -22.93 30.93
CA PRO H 192 33.03 -23.55 30.58
C PRO H 192 33.59 -24.48 31.66
N ILE I 19 35.68 -5.47 4.91
CA ILE I 19 35.50 -6.91 4.57
C ILE I 19 35.36 -7.15 3.06
N TYR I 20 34.69 -6.25 2.35
CA TYR I 20 34.53 -6.33 0.89
C TYR I 20 35.70 -5.69 0.13
N SER I 21 36.19 -4.56 0.65
CA SER I 21 37.44 -3.97 0.15
C SER I 21 38.66 -4.84 0.52
N ARG I 22 38.57 -5.53 1.65
CA ARG I 22 39.57 -6.53 2.06
C ARG I 22 39.63 -7.68 1.06
N LEU I 23 38.47 -8.17 0.64
CA LEU I 23 38.36 -9.17 -0.44
C LEU I 23 38.98 -8.68 -1.75
N LEU I 24 38.69 -7.42 -2.10
CA LEU I 24 39.21 -6.81 -3.32
C LEU I 24 40.73 -6.70 -3.33
N ARG I 25 41.35 -6.45 -2.17
CA ARG I 25 42.82 -6.46 -2.05
C ARG I 25 43.42 -7.85 -2.25
N GLU I 26 42.65 -8.90 -1.94
CA GLU I 26 43.03 -10.29 -2.24
C GLU I 26 42.72 -10.74 -3.68
N ARG I 27 42.32 -9.79 -4.55
CA ARG I 27 41.96 -10.06 -5.94
C ARG I 27 40.76 -11.01 -6.06
N ILE I 28 39.76 -10.78 -5.19
CA ILE I 28 38.51 -11.53 -5.20
C ILE I 28 37.37 -10.59 -5.61
N VAL I 29 36.65 -10.96 -6.65
CA VAL I 29 35.44 -10.26 -7.09
C VAL I 29 34.26 -11.21 -6.84
N CYS I 30 33.16 -10.65 -6.36
CA CYS I 30 31.99 -11.44 -5.98
C CYS I 30 30.79 -11.08 -6.87
N VAL I 31 30.24 -12.11 -7.52
CA VAL I 31 29.00 -12.01 -8.28
C VAL I 31 27.94 -12.73 -7.43
N MET I 32 27.29 -11.94 -6.57
CA MET I 32 26.35 -12.44 -5.55
C MET I 32 24.93 -12.08 -5.95
N GLY I 33 24.02 -13.05 -5.85
CA GLY I 33 22.60 -12.78 -6.05
C GLY I 33 22.23 -12.40 -7.48
N PRO I 34 20.99 -11.89 -7.68
CA PRO I 34 20.50 -11.51 -9.00
C PRO I 34 21.40 -10.51 -9.75
N ILE I 35 21.76 -10.84 -10.98
CA ILE I 35 22.62 -9.97 -11.79
C ILE I 35 21.76 -8.91 -12.46
N ASP I 36 22.08 -7.65 -12.19
CA ASP I 36 21.49 -6.52 -12.90
C ASP I 36 22.62 -5.58 -13.33
N ASP I 37 22.26 -4.44 -13.93
CA ASP I 37 23.26 -3.47 -14.40
C ASP I 37 24.11 -2.90 -13.27
N SER I 38 23.51 -2.69 -12.10
CA SER I 38 24.24 -2.21 -10.93
C SER I 38 25.30 -3.21 -10.44
N VAL I 39 24.93 -4.49 -10.36
CA VAL I 39 25.89 -5.54 -9.98
C VAL I 39 27.00 -5.64 -11.02
N ALA I 40 26.61 -5.69 -12.29
CA ALA I 40 27.56 -5.80 -13.41
C ALA I 40 28.57 -4.67 -13.44
N SER I 41 28.10 -3.43 -13.33
CA SER I 41 28.99 -2.25 -13.37
C SER I 41 29.99 -2.21 -12.21
N LEU I 42 29.60 -2.69 -11.03
CA LEU I 42 30.53 -2.82 -9.90
C LEU I 42 31.56 -3.93 -10.14
N VAL I 43 31.09 -5.08 -10.62
CA VAL I 43 31.97 -6.21 -10.98
C VAL I 43 32.96 -5.79 -12.07
N ILE I 44 32.45 -5.09 -13.08
CA ILE I 44 33.26 -4.59 -14.19
C ILE I 44 34.32 -3.59 -13.71
N ALA I 45 33.92 -2.66 -12.84
CA ALA I 45 34.85 -1.69 -12.23
C ALA I 45 35.97 -2.36 -11.43
N GLN I 46 35.61 -3.37 -10.64
CA GLN I 46 36.59 -4.14 -9.87
C GLN I 46 37.56 -4.94 -10.75
N LEU I 47 37.07 -5.47 -11.87
CA LEU I 47 37.92 -6.20 -12.81
C LEU I 47 38.98 -5.29 -13.47
N LEU I 48 38.63 -4.02 -13.73
CA LEU I 48 39.61 -3.05 -14.23
C LEU I 48 40.65 -2.68 -13.17
N PHE I 49 40.19 -2.45 -11.94
CA PHE I 49 41.06 -2.13 -10.80
C PHE I 49 42.15 -3.18 -10.59
N LEU I 50 41.76 -4.45 -10.62
CA LEU I 50 42.69 -5.56 -10.40
C LEU I 50 43.69 -5.73 -11.54
N GLN I 51 43.25 -5.45 -12.78
CA GLN I 51 44.15 -5.48 -13.93
C GLN I 51 45.23 -4.40 -13.88
N SER I 52 44.85 -3.18 -13.50
CA SER I 52 45.81 -2.09 -13.34
C SER I 52 46.82 -2.36 -12.22
N GLU I 53 46.39 -3.01 -11.15
CA GLU I 53 47.29 -3.47 -10.08
C GLU I 53 48.29 -4.50 -10.62
N SER I 54 47.77 -5.47 -11.39
CA SER I 54 48.59 -6.46 -12.07
C SER I 54 47.79 -7.13 -13.19
N ASN I 55 48.28 -7.00 -14.43
CA ASN I 55 47.60 -7.59 -15.59
C ASN I 55 47.91 -9.08 -15.81
N LYS I 56 48.80 -9.65 -15.00
CA LYS I 56 49.12 -11.08 -15.07
C LYS I 56 48.73 -11.91 -13.84
N LYS I 57 48.52 -11.26 -12.68
CA LYS I 57 48.12 -11.98 -11.47
C LYS I 57 46.66 -12.45 -11.56
N PRO I 58 46.38 -13.72 -11.18
CA PRO I 58 45.00 -14.23 -11.25
C PRO I 58 43.98 -13.39 -10.46
N ILE I 59 42.75 -13.34 -10.99
CA ILE I 59 41.60 -12.75 -10.30
C ILE I 59 40.66 -13.91 -9.94
N HIS I 60 40.21 -13.93 -8.69
CA HIS I 60 39.25 -14.95 -8.23
C HIS I 60 37.84 -14.39 -8.32
N MET I 61 36.97 -15.09 -9.05
CA MET I 61 35.57 -14.69 -9.20
C MET I 61 34.64 -15.67 -8.47
N TYR I 62 34.12 -15.23 -7.34
CA TYR I 62 33.11 -15.95 -6.56
C TYR I 62 31.76 -15.80 -7.25
N ILE I 63 31.14 -16.93 -7.59
CA ILE I 63 29.83 -16.94 -8.27
C ILE I 63 28.83 -17.71 -7.41
N ASN I 64 27.89 -16.97 -6.82
CA ASN I 64 26.73 -17.53 -6.10
C ASN I 64 25.50 -16.73 -6.53
N SER I 65 24.89 -17.14 -7.63
CA SER I 65 23.86 -16.35 -8.30
C SER I 65 22.80 -17.21 -8.95
N PRO I 66 21.52 -16.82 -8.86
CA PRO I 66 20.47 -17.48 -9.64
C PRO I 66 20.39 -17.02 -11.10
N GLY I 67 21.22 -16.05 -11.49
CA GLY I 67 21.23 -15.52 -12.85
C GLY I 67 20.77 -14.09 -12.81
N GLY I 68 20.19 -13.62 -13.91
CA GLY I 68 19.65 -12.27 -13.97
C GLY I 68 19.58 -11.73 -15.38
N VAL I 69 19.79 -10.43 -15.52
CA VAL I 69 19.57 -9.73 -16.77
C VAL I 69 20.65 -10.15 -17.77
N VAL I 70 20.22 -10.57 -18.96
CA VAL I 70 21.10 -11.16 -19.98
C VAL I 70 22.18 -10.17 -20.45
N THR I 71 21.79 -8.94 -20.79
CA THR I 71 22.77 -7.95 -21.25
C THR I 71 23.77 -7.58 -20.14
N ALA I 72 23.32 -7.54 -18.89
CA ALA I 72 24.20 -7.29 -17.74
C ALA I 72 25.21 -8.43 -17.56
N GLY I 73 24.75 -9.66 -17.73
CA GLY I 73 25.63 -10.84 -17.72
C GLY I 73 26.63 -10.85 -18.87
N LEU I 74 26.18 -10.46 -20.05
CA LEU I 74 27.05 -10.33 -21.21
C LEU I 74 28.07 -9.20 -21.06
N ALA I 75 27.70 -8.13 -20.36
CA ALA I 75 28.63 -7.05 -20.00
C ALA I 75 29.79 -7.58 -19.14
N ILE I 76 29.47 -8.40 -18.14
CA ILE I 76 30.49 -9.02 -17.30
C ILE I 76 31.34 -9.99 -18.14
N TYR I 77 30.67 -10.84 -18.93
CA TYR I 77 31.35 -11.81 -19.80
C TYR I 77 32.38 -11.13 -20.71
N ASP I 78 31.93 -10.11 -21.43
CA ASP I 78 32.81 -9.40 -22.35
C ASP I 78 34.01 -8.78 -21.64
N THR I 79 33.78 -8.22 -20.45
CA THR I 79 34.84 -7.63 -19.65
C THR I 79 35.86 -8.66 -19.16
N MET I 80 35.38 -9.86 -18.81
CA MET I 80 36.27 -10.97 -18.47
C MET I 80 37.19 -11.33 -19.64
N GLN I 81 36.63 -11.39 -20.84
CA GLN I 81 37.41 -11.68 -22.06
C GLN I 81 38.34 -10.52 -22.44
N TYR I 82 37.91 -9.29 -22.16
CA TYR I 82 38.68 -8.08 -22.51
C TYR I 82 39.95 -7.92 -21.68
N ILE I 83 39.85 -8.09 -20.37
CA ILE I 83 41.03 -7.98 -19.49
C ILE I 83 42.03 -9.11 -19.77
N LEU I 84 43.31 -8.83 -19.51
CA LEU I 84 44.40 -9.76 -19.82
C LEU I 84 44.55 -10.88 -18.77
N ASN I 85 44.05 -10.66 -17.56
CA ASN I 85 44.34 -11.53 -16.42
C ASN I 85 43.76 -12.93 -16.56
N PRO I 86 44.44 -13.94 -15.98
CA PRO I 86 43.75 -15.21 -15.73
C PRO I 86 42.61 -14.98 -14.75
N ILE I 87 41.45 -15.59 -14.99
CA ILE I 87 40.31 -15.47 -14.11
C ILE I 87 39.93 -16.85 -13.61
N CYS I 88 40.08 -17.06 -12.30
CA CYS I 88 39.61 -18.26 -11.65
C CYS I 88 38.14 -18.06 -11.27
N THR I 89 37.25 -18.88 -11.81
CA THR I 89 35.83 -18.84 -11.40
C THR I 89 35.57 -19.90 -10.33
N TRP I 90 34.72 -19.55 -9.37
CA TRP I 90 34.41 -20.42 -8.23
C TRP I 90 32.91 -20.44 -7.99
N CYS I 91 32.29 -21.57 -8.30
CA CYS I 91 30.87 -21.78 -8.04
C CYS I 91 30.64 -22.34 -6.64
N VAL I 92 29.87 -21.61 -5.85
CA VAL I 92 29.56 -22.01 -4.46
C VAL I 92 28.14 -21.56 -4.18
N GLY I 93 27.33 -22.48 -3.63
CA GLY I 93 25.89 -22.33 -3.58
C GLY I 93 25.32 -22.72 -4.92
N GLN I 94 25.30 -21.77 -5.86
CA GLN I 94 24.79 -22.06 -7.20
C GLN I 94 25.29 -21.09 -8.26
N ALA I 95 25.32 -21.55 -9.50
CA ALA I 95 25.50 -20.70 -10.67
C ALA I 95 24.42 -21.11 -11.66
N ALA I 96 23.36 -20.31 -11.73
CA ALA I 96 22.22 -20.60 -12.59
C ALA I 96 22.10 -19.54 -13.67
N SER I 97 21.66 -19.96 -14.86
CA SER I 97 21.39 -19.08 -15.99
C SER I 97 22.67 -18.29 -16.31
N MET I 98 22.61 -16.96 -16.30
CA MET I 98 23.78 -16.14 -16.64
C MET I 98 24.97 -16.35 -15.70
N GLY I 99 24.71 -16.77 -14.45
CA GLY I 99 25.75 -17.18 -13.52
C GLY I 99 26.63 -18.31 -14.04
N SER I 100 26.01 -19.32 -14.65
CA SER I 100 26.75 -20.46 -15.20
C SER I 100 27.56 -20.12 -16.45
N LEU I 101 27.11 -19.13 -17.22
CA LEU I 101 27.85 -18.63 -18.38
C LEU I 101 29.16 -17.99 -17.92
N LEU I 102 29.07 -17.17 -16.89
CA LEU I 102 30.22 -16.54 -16.27
C LEU I 102 31.17 -17.57 -15.65
N LEU I 103 30.61 -18.58 -14.99
CA LEU I 103 31.39 -19.72 -14.48
C LEU I 103 32.17 -20.40 -15.62
N ALA I 104 31.46 -20.72 -16.70
CA ALA I 104 32.07 -21.36 -17.87
C ALA I 104 33.12 -20.48 -18.59
N ALA I 105 32.99 -19.16 -18.45
CA ALA I 105 33.87 -18.19 -19.12
C ALA I 105 35.18 -17.90 -18.39
N GLY I 106 35.43 -18.55 -17.25
CA GLY I 106 36.72 -18.47 -16.58
C GLY I 106 37.84 -19.03 -17.47
N THR I 107 39.08 -18.69 -17.12
CA THR I 107 40.25 -19.16 -17.86
C THR I 107 40.27 -20.69 -17.83
N PRO I 108 40.46 -21.34 -19.01
CA PRO I 108 40.58 -22.80 -19.03
C PRO I 108 41.58 -23.32 -18.00
N GLY I 109 41.26 -24.47 -17.40
CA GLY I 109 41.99 -25.00 -16.26
C GLY I 109 41.67 -24.40 -14.88
N MET I 110 40.99 -23.25 -14.84
CA MET I 110 40.82 -22.47 -13.61
C MET I 110 39.34 -22.24 -13.26
N ARG I 111 38.47 -23.17 -13.68
CA ARG I 111 37.05 -23.06 -13.42
C ARG I 111 36.67 -24.11 -12.40
N HIS I 112 36.20 -23.66 -11.24
CA HIS I 112 36.06 -24.49 -10.05
C HIS I 112 34.63 -24.50 -9.52
N SER I 113 34.29 -25.59 -8.85
CA SER I 113 33.07 -25.66 -8.03
C SER I 113 33.38 -26.40 -6.73
N LEU I 114 32.74 -25.97 -5.64
CA LEU I 114 32.72 -26.75 -4.40
C LEU I 114 31.68 -27.87 -4.55
N PRO I 115 31.74 -28.90 -3.68
CA PRO I 115 31.03 -30.16 -3.96
C PRO I 115 29.50 -30.15 -4.05
N ASN I 116 28.83 -29.28 -3.30
CA ASN I 116 27.36 -29.27 -3.21
C ASN I 116 26.66 -28.14 -4.00
N SER I 117 27.41 -27.43 -4.85
CA SER I 117 26.81 -26.41 -5.73
C SER I 117 25.85 -27.01 -6.76
N ARG I 118 24.88 -26.21 -7.19
CA ARG I 118 23.98 -26.57 -8.29
C ARG I 118 24.28 -25.66 -9.47
N ILE I 119 24.39 -26.24 -10.67
CA ILE I 119 24.67 -25.48 -11.90
C ILE I 119 23.50 -25.64 -12.86
N MET I 120 23.03 -24.52 -13.41
CA MET I 120 21.94 -24.53 -14.40
C MET I 120 22.31 -23.67 -15.60
N ILE I 121 22.17 -24.24 -16.80
CA ILE I 121 22.34 -23.50 -18.06
C ILE I 121 20.99 -23.12 -18.71
N HIS I 122 19.91 -23.74 -18.24
CA HIS I 122 18.55 -23.38 -18.64
C HIS I 122 18.25 -21.92 -18.29
N GLN I 123 17.54 -21.23 -19.18
CA GLN I 123 17.18 -19.82 -19.02
C GLN I 123 15.73 -19.66 -18.60
N ILE I 137 11.36 -6.31 -24.93
CA ILE I 137 12.00 -6.46 -26.22
C ILE I 137 11.16 -7.29 -27.20
N GLN I 138 11.43 -7.13 -28.49
CA GLN I 138 10.72 -7.86 -29.55
C GLN I 138 11.14 -9.33 -29.60
N ALA I 139 10.32 -10.13 -30.27
CA ALA I 139 10.54 -11.59 -30.40
C ALA I 139 11.87 -11.93 -31.08
N GLU I 140 12.22 -11.16 -32.11
CA GLU I 140 13.49 -11.34 -32.83
C GLU I 140 14.69 -11.06 -31.92
N GLU I 141 14.63 -9.96 -31.15
CA GLU I 141 15.71 -9.57 -30.24
C GLU I 141 16.00 -10.60 -29.15
N ILE I 142 14.95 -11.10 -28.52
CA ILE I 142 15.09 -12.12 -27.46
C ILE I 142 15.75 -13.37 -28.06
N MET I 143 15.42 -13.66 -29.31
CA MET I 143 16.01 -14.79 -30.05
C MET I 143 17.43 -14.51 -30.54
N LYS I 144 17.74 -13.26 -30.89
CA LYS I 144 19.11 -12.84 -31.19
C LYS I 144 20.02 -12.98 -29.97
N LEU I 145 19.53 -12.56 -28.80
CA LEU I 145 20.28 -12.70 -27.54
C LEU I 145 20.49 -14.16 -27.13
N LYS I 146 19.47 -15.01 -27.31
CA LYS I 146 19.59 -16.45 -27.04
C LYS I 146 20.65 -17.13 -27.91
N LYS I 147 20.75 -16.72 -29.17
CA LYS I 147 21.79 -17.24 -30.07
C LYS I 147 23.18 -16.86 -29.61
N GLN I 148 23.34 -15.64 -29.09
CA GLN I 148 24.61 -15.21 -28.49
C GLN I 148 25.00 -16.10 -27.30
N LEU I 149 24.01 -16.43 -26.46
CA LEU I 149 24.25 -17.33 -25.34
C LEU I 149 24.65 -18.74 -25.80
N TYR I 150 23.96 -19.27 -26.81
CA TYR I 150 24.29 -20.59 -27.38
C TYR I 150 25.73 -20.67 -27.87
N ASN I 151 26.14 -19.64 -28.61
CA ASN I 151 27.50 -19.59 -29.16
C ASN I 151 28.58 -19.40 -28.10
N ILE I 152 28.30 -18.64 -27.04
CA ILE I 152 29.25 -18.49 -25.91
C ILE I 152 29.41 -19.81 -25.17
N TYR I 153 28.29 -20.47 -24.86
CA TYR I 153 28.33 -21.78 -24.20
C TYR I 153 29.06 -22.82 -25.06
N ALA I 154 28.76 -22.83 -26.36
CA ALA I 154 29.44 -23.71 -27.32
C ALA I 154 30.95 -23.52 -27.30
N LYS I 155 31.36 -22.26 -27.34
CA LYS I 155 32.78 -21.87 -27.31
C LYS I 155 33.50 -22.37 -26.06
N HIS I 156 32.93 -22.10 -24.89
CA HIS I 156 33.61 -22.37 -23.62
C HIS I 156 33.45 -23.80 -23.09
N THR I 157 32.36 -24.48 -23.43
CA THR I 157 32.17 -25.89 -23.04
C THR I 157 32.73 -26.90 -24.04
N LYS I 158 32.94 -26.45 -25.28
CA LYS I 158 33.34 -27.30 -26.41
C LYS I 158 32.26 -28.30 -26.84
N GLN I 159 31.03 -28.08 -26.41
CA GLN I 159 29.91 -28.91 -26.83
C GLN I 159 29.39 -28.38 -28.16
N SER I 160 28.72 -29.24 -28.91
CA SER I 160 28.12 -28.85 -30.18
C SER I 160 26.90 -27.95 -29.92
N LEU I 161 26.48 -27.22 -30.96
CA LEU I 161 25.29 -26.37 -30.86
C LEU I 161 24.03 -27.20 -30.63
N GLN I 162 23.93 -28.37 -31.26
CA GLN I 162 22.81 -29.29 -31.00
C GLN I 162 22.70 -29.60 -29.51
N VAL I 163 23.83 -29.97 -28.89
CA VAL I 163 23.86 -30.35 -27.47
C VAL I 163 23.51 -29.17 -26.56
N ILE I 164 24.07 -27.99 -26.85
CA ILE I 164 23.80 -26.78 -26.07
C ILE I 164 22.32 -26.37 -26.14
N GLU I 165 21.78 -26.25 -27.35
CA GLU I 165 20.37 -25.87 -27.53
C GLU I 165 19.40 -26.87 -26.89
N SER I 166 19.66 -28.17 -27.07
CA SER I 166 18.83 -29.20 -26.44
C SER I 166 18.92 -29.20 -24.92
N ALA I 167 20.14 -29.04 -24.40
CA ALA I 167 20.35 -29.00 -22.95
C ALA I 167 19.70 -27.78 -22.28
N MET I 168 19.78 -26.62 -22.93
CA MET I 168 19.24 -25.38 -22.37
C MET I 168 17.71 -25.32 -22.32
N GLU I 169 17.08 -26.18 -23.11
CA GLU I 169 15.64 -26.38 -23.08
C GLU I 169 15.17 -27.12 -21.81
N ARG I 170 16.04 -27.98 -21.27
CA ARG I 170 15.71 -28.81 -20.11
C ARG I 170 15.78 -28.03 -18.80
N ASP I 171 14.65 -27.93 -18.11
CA ASP I 171 14.59 -27.26 -16.81
C ASP I 171 15.14 -28.19 -15.72
N ARG I 172 16.45 -28.14 -15.53
CA ARG I 172 17.14 -28.98 -14.54
C ARG I 172 18.47 -28.38 -14.12
N TYR I 173 18.98 -28.89 -13.00
CA TYR I 173 20.29 -28.52 -12.47
C TYR I 173 21.26 -29.66 -12.68
N MET I 174 22.53 -29.31 -12.85
CA MET I 174 23.63 -30.26 -12.91
C MET I 174 24.34 -30.24 -11.57
N SER I 175 24.86 -31.39 -11.17
CA SER I 175 25.85 -31.46 -10.10
C SER I 175 27.17 -30.91 -10.66
N PRO I 176 28.14 -30.60 -9.77
CA PRO I 176 29.45 -30.15 -10.27
C PRO I 176 30.17 -31.15 -11.18
N MET I 177 30.07 -32.45 -10.88
CA MET I 177 30.68 -33.48 -11.74
C MET I 177 30.01 -33.56 -13.11
N GLU I 178 28.68 -33.47 -13.15
CA GLU I 178 27.96 -33.33 -14.42
C GLU I 178 28.42 -32.10 -15.20
N ALA I 179 28.56 -30.97 -14.48
CA ALA I 179 29.00 -29.71 -15.09
C ALA I 179 30.45 -29.78 -15.57
N GLN I 180 31.31 -30.47 -14.81
CA GLN I 180 32.69 -30.73 -15.26
C GLN I 180 32.69 -31.55 -16.55
N GLU I 181 31.96 -32.65 -16.53
CA GLU I 181 31.76 -33.53 -17.70
C GLU I 181 31.20 -32.78 -18.92
N PHE I 182 30.30 -31.83 -18.68
CA PHE I 182 29.69 -31.03 -19.75
C PHE I 182 30.64 -29.99 -20.34
N GLY I 183 31.68 -29.60 -19.61
CA GLY I 183 32.64 -28.58 -20.05
C GLY I 183 32.40 -27.20 -19.44
N ILE I 184 31.46 -27.10 -18.49
CA ILE I 184 31.21 -25.85 -17.76
C ILE I 184 32.34 -25.51 -16.79
N LEU I 185 32.93 -26.53 -16.17
CA LEU I 185 34.03 -26.32 -15.24
C LEU I 185 35.09 -27.40 -15.34
N ASP I 186 36.22 -27.17 -14.67
CA ASP I 186 37.40 -28.03 -14.77
C ASP I 186 37.60 -28.90 -13.54
N LYS I 187 37.38 -28.34 -12.36
CA LYS I 187 37.68 -29.02 -11.10
C LYS I 187 36.53 -28.90 -10.10
N VAL I 188 36.22 -30.02 -9.45
CA VAL I 188 35.34 -30.04 -8.28
C VAL I 188 36.26 -30.38 -7.11
N LEU I 189 36.41 -29.46 -6.17
CA LEU I 189 37.33 -29.67 -5.05
C LEU I 189 36.65 -29.51 -3.69
N VAL I 190 36.94 -30.46 -2.80
CA VAL I 190 36.42 -30.46 -1.44
C VAL I 190 37.27 -29.51 -0.58
N HIS I 191 38.58 -29.51 -0.82
CA HIS I 191 39.54 -28.60 -0.17
C HIS I 191 40.73 -28.32 -1.10
N PRO I 192 41.57 -27.30 -0.78
CA PRO I 192 42.79 -27.07 -1.59
C PRO I 192 43.92 -28.06 -1.29
N ILE J 19 35.39 3.01 -5.03
CA ILE J 19 35.48 2.36 -6.38
C ILE J 19 35.06 3.30 -7.52
N TYR J 20 33.98 4.05 -7.35
CA TYR J 20 33.51 5.00 -8.37
C TYR J 20 34.27 6.32 -8.33
N SER J 21 34.72 6.72 -7.14
CA SER J 21 35.68 7.82 -6.99
C SER J 21 37.05 7.44 -7.52
N ARG J 22 37.43 6.17 -7.34
CA ARG J 22 38.67 5.63 -7.90
C ARG J 22 38.61 5.57 -9.43
N LEU J 23 37.45 5.20 -9.97
CA LEU J 23 37.19 5.27 -11.42
C LEU J 23 37.34 6.69 -11.96
N LEU J 24 36.83 7.66 -11.19
CA LEU J 24 36.91 9.07 -11.57
C LEU J 24 38.36 9.58 -11.67
N ARG J 25 39.25 9.06 -10.82
CA ARG J 25 40.68 9.40 -10.88
C ARG J 25 41.35 8.92 -12.18
N GLU J 26 40.86 7.81 -12.73
CA GLU J 26 41.33 7.27 -14.02
C GLU J 26 40.65 7.89 -15.26
N ARG J 27 39.93 8.99 -15.08
CA ARG J 27 39.22 9.67 -16.17
C ARG J 27 38.15 8.78 -16.81
N ILE J 28 37.43 8.03 -15.97
CA ILE J 28 36.36 7.14 -16.41
C ILE J 28 35.04 7.64 -15.83
N VAL J 29 34.09 7.97 -16.71
CA VAL J 29 32.74 8.39 -16.33
C VAL J 29 31.78 7.26 -16.71
N CYS J 30 30.81 6.98 -15.84
CA CYS J 30 29.89 5.86 -16.02
C CYS J 30 28.46 6.34 -16.25
N VAL J 31 27.94 6.07 -17.43
CA VAL J 31 26.53 6.30 -17.76
C VAL J 31 25.82 4.94 -17.65
N MET J 32 25.33 4.65 -16.45
CA MET J 32 24.74 3.34 -16.13
C MET J 32 23.25 3.46 -15.82
N GLY J 33 22.47 2.54 -16.36
CA GLY J 33 21.05 2.44 -16.05
C GLY J 33 20.21 3.53 -16.71
N PRO J 34 18.95 3.69 -16.25
CA PRO J 34 18.05 4.70 -16.83
C PRO J 34 18.56 6.12 -16.62
N ILE J 35 18.62 6.89 -17.70
CA ILE J 35 19.14 8.25 -17.69
C ILE J 35 18.00 9.19 -17.29
N ASP J 36 18.15 9.81 -16.12
CA ASP J 36 17.26 10.88 -15.66
C ASP J 36 18.09 12.11 -15.28
N ASP J 37 17.44 13.16 -14.77
CA ASP J 37 18.14 14.40 -14.39
C ASP J 37 19.23 14.22 -13.33
N SER J 38 19.05 13.28 -12.41
CA SER J 38 20.05 12.98 -11.38
C SER J 38 21.31 12.34 -11.96
N VAL J 39 21.11 11.33 -12.82
CA VAL J 39 22.22 10.65 -13.50
C VAL J 39 22.97 11.62 -14.43
N ALA J 40 22.22 12.41 -15.20
CA ALA J 40 22.80 13.38 -16.13
C ALA J 40 23.66 14.43 -15.42
N SER J 41 23.15 15.01 -14.34
CA SER J 41 23.85 16.04 -13.58
C SER J 41 25.13 15.53 -12.90
N LEU J 42 25.12 14.26 -12.47
CA LEU J 42 26.33 13.62 -11.93
C LEU J 42 27.38 13.43 -13.04
N VAL J 43 26.96 12.88 -14.17
CA VAL J 43 27.83 12.69 -15.35
C VAL J 43 28.39 14.04 -15.82
N ILE J 44 27.51 15.03 -15.91
CA ILE J 44 27.89 16.39 -16.31
C ILE J 44 28.92 17.00 -15.35
N ALA J 45 28.67 16.86 -14.04
CA ALA J 45 29.60 17.33 -13.01
C ALA J 45 30.95 16.60 -13.04
N GLN J 46 30.90 15.29 -13.24
CA GLN J 46 32.11 14.47 -13.38
C GLN J 46 32.91 14.84 -14.63
N LEU J 47 32.23 15.12 -15.73
CA LEU J 47 32.89 15.56 -16.98
C LEU J 47 33.63 16.89 -16.79
N LEU J 48 33.08 17.79 -15.98
CA LEU J 48 33.72 19.08 -15.69
C LEU J 48 34.90 18.96 -14.72
N PHE J 49 34.86 17.98 -13.81
CA PHE J 49 36.01 17.68 -12.95
C PHE J 49 37.21 17.26 -13.81
N LEU J 50 36.97 16.35 -14.75
CA LEU J 50 38.02 15.84 -15.63
C LEU J 50 38.50 16.89 -16.65
N GLN J 51 37.62 17.83 -17.02
CA GLN J 51 37.99 18.99 -17.83
C GLN J 51 39.06 19.83 -17.11
N SER J 52 38.84 20.13 -15.83
CA SER J 52 39.78 20.93 -15.04
C SER J 52 41.11 20.23 -14.77
N GLU J 53 41.12 18.90 -14.68
CA GLU J 53 42.37 18.15 -14.52
C GLU J 53 43.24 18.27 -15.77
N SER J 54 42.62 18.11 -16.94
CA SER J 54 43.32 18.24 -18.22
C SER J 54 42.37 18.56 -19.38
N ASN J 55 42.75 19.54 -20.19
CA ASN J 55 42.05 19.87 -21.44
C ASN J 55 42.28 18.83 -22.53
N LYS J 56 43.46 18.20 -22.50
CA LYS J 56 43.94 17.36 -23.60
C LYS J 56 43.67 15.87 -23.41
N LYS J 57 43.79 15.38 -22.17
CA LYS J 57 43.76 13.94 -21.89
C LYS J 57 42.38 13.34 -22.15
N PRO J 58 42.32 12.19 -22.88
CA PRO J 58 41.04 11.53 -23.14
C PRO J 58 40.23 11.18 -21.89
N ILE J 59 38.91 11.32 -21.99
CA ILE J 59 37.97 10.83 -20.98
C ILE J 59 37.31 9.58 -21.53
N HIS J 60 37.13 8.57 -20.67
CA HIS J 60 36.46 7.33 -21.02
C HIS J 60 35.03 7.38 -20.51
N MET J 61 34.06 7.19 -21.40
CA MET J 61 32.63 7.12 -21.03
C MET J 61 32.13 5.68 -21.17
N TYR J 62 31.91 5.04 -20.03
CA TYR J 62 31.29 3.71 -19.95
C TYR J 62 29.77 3.87 -20.11
N ILE J 63 29.21 3.28 -21.17
CA ILE J 63 27.76 3.35 -21.43
C ILE J 63 27.15 1.95 -21.34
N ASN J 64 26.37 1.72 -20.29
CA ASN J 64 25.51 0.54 -20.17
C ASN J 64 24.12 1.02 -19.75
N SER J 65 23.29 1.35 -20.73
CA SER J 65 22.02 2.04 -20.46
C SER J 65 20.92 1.65 -21.44
N PRO J 66 19.66 1.50 -20.93
CA PRO J 66 18.50 1.40 -21.81
C PRO J 66 18.00 2.76 -22.34
N GLY J 67 18.69 3.85 -22.02
CA GLY J 67 18.28 5.19 -22.42
C GLY J 67 17.54 5.85 -21.27
N GLY J 68 16.61 6.75 -21.59
CA GLY J 68 15.88 7.49 -20.57
C GLY J 68 15.39 8.83 -21.04
N VAL J 69 15.35 9.81 -20.12
CA VAL J 69 14.72 11.11 -20.36
C VAL J 69 15.50 11.86 -21.46
N VAL J 70 14.79 12.33 -22.48
CA VAL J 70 15.43 12.91 -23.66
C VAL J 70 16.24 14.17 -23.34
N THR J 71 15.66 15.09 -22.56
CA THR J 71 16.35 16.35 -22.21
C THR J 71 17.58 16.11 -21.34
N ALA J 72 17.52 15.09 -20.47
CA ALA J 72 18.67 14.68 -19.67
C ALA J 72 19.78 14.09 -20.52
N GLY J 73 19.41 13.28 -21.51
CA GLY J 73 20.36 12.76 -22.50
C GLY J 73 21.02 13.86 -23.31
N LEU J 74 20.22 14.86 -23.72
CA LEU J 74 20.75 16.00 -24.46
C LEU J 74 21.64 16.90 -23.61
N ALA J 75 21.34 16.98 -22.31
CA ALA J 75 22.20 17.68 -21.35
C ALA J 75 23.59 17.06 -21.30
N ILE J 76 23.64 15.73 -21.24
CA ILE J 76 24.91 15.01 -21.26
C ILE J 76 25.61 15.26 -22.60
N TYR J 77 24.87 15.05 -23.70
CA TYR J 77 25.39 15.28 -25.06
C TYR J 77 26.02 16.66 -25.24
N ASP J 78 25.29 17.69 -24.83
CA ASP J 78 25.78 19.07 -24.96
C ASP J 78 27.06 19.30 -24.15
N THR J 79 27.10 18.74 -22.94
CA THR J 79 28.29 18.84 -22.08
C THR J 79 29.50 18.10 -22.68
N MET J 80 29.27 16.92 -23.25
CA MET J 80 30.31 16.17 -23.97
C MET J 80 30.94 17.01 -25.08
N GLN J 81 30.09 17.63 -25.90
CA GLN J 81 30.54 18.51 -26.98
C GLN J 81 31.21 19.78 -26.45
N TYR J 82 30.65 20.34 -25.36
CA TYR J 82 31.13 21.60 -24.76
C TYR J 82 32.56 21.53 -24.22
N ILE J 83 32.90 20.44 -23.52
CA ILE J 83 34.28 20.27 -23.05
C ILE J 83 35.20 20.01 -24.25
N LEU J 84 36.46 20.44 -24.09
CA LEU J 84 37.44 20.36 -25.17
C LEU J 84 38.03 18.95 -25.37
N ASN J 85 37.93 18.11 -24.33
CA ASN J 85 38.61 16.81 -24.30
C ASN J 85 38.14 15.85 -25.40
N PRO J 86 39.03 14.94 -25.83
CA PRO J 86 38.53 13.80 -26.61
C PRO J 86 37.79 12.86 -25.66
N ILE J 87 36.68 12.31 -26.13
CA ILE J 87 35.86 11.42 -25.31
C ILE J 87 35.76 10.06 -25.98
N CYS J 88 36.31 9.05 -25.33
CA CYS J 88 36.18 7.67 -25.78
C CYS J 88 34.90 7.10 -25.21
N THR J 89 34.00 6.64 -26.07
CA THR J 89 32.75 6.01 -25.64
C THR J 89 32.89 4.50 -25.75
N TRP J 90 32.44 3.79 -24.72
CA TRP J 90 32.56 2.33 -24.64
C TRP J 90 31.21 1.72 -24.33
N CYS J 91 30.61 1.07 -25.32
CA CYS J 91 29.35 0.35 -25.15
C CYS J 91 29.62 -1.06 -24.63
N VAL J 92 29.16 -1.33 -23.42
CA VAL J 92 29.26 -2.66 -22.81
C VAL J 92 27.90 -2.98 -22.18
N GLY J 93 27.38 -4.16 -22.49
CA GLY J 93 26.00 -4.51 -22.16
C GLY J 93 25.08 -4.02 -23.25
N GLN J 94 24.64 -2.77 -23.14
CA GLN J 94 23.80 -2.17 -24.17
C GLN J 94 23.87 -0.64 -24.20
N ALA J 95 23.52 -0.09 -25.37
CA ALA J 95 23.26 1.34 -25.52
C ALA J 95 21.98 1.48 -26.33
N ALA J 96 20.88 1.74 -25.64
CA ALA J 96 19.56 1.88 -26.28
C ALA J 96 19.06 3.31 -26.14
N SER J 97 18.29 3.75 -27.14
CA SER J 97 17.66 5.08 -27.13
C SER J 97 18.74 6.15 -26.93
N MET J 98 18.64 6.98 -25.89
CA MET J 98 19.59 8.07 -25.66
C MET J 98 21.02 7.54 -25.40
N GLY J 99 21.12 6.32 -24.86
CA GLY J 99 22.41 5.65 -24.69
C GLY J 99 23.23 5.58 -25.97
N SER J 100 22.59 5.17 -27.06
CA SER J 100 23.24 5.07 -28.37
C SER J 100 23.61 6.46 -28.95
N LEU J 101 22.82 7.49 -28.64
CA LEU J 101 23.14 8.87 -29.04
C LEU J 101 24.46 9.30 -28.41
N LEU J 102 24.59 9.07 -27.11
CA LEU J 102 25.80 9.39 -26.36
C LEU J 102 27.00 8.58 -26.86
N LEU J 103 26.78 7.29 -27.13
CA LEU J 103 27.79 6.43 -27.76
C LEU J 103 28.29 7.04 -29.07
N ALA J 104 27.36 7.42 -29.95
CA ALA J 104 27.70 8.04 -31.24
C ALA J 104 28.32 9.43 -31.12
N ALA J 105 28.09 10.11 -29.99
CA ALA J 105 28.63 11.43 -29.71
C ALA J 105 30.10 11.44 -29.25
N GLY J 106 30.70 10.27 -29.04
CA GLY J 106 32.14 10.19 -28.77
C GLY J 106 32.98 10.76 -29.91
N THR J 107 34.22 11.13 -29.59
CA THR J 107 35.15 11.70 -30.57
C THR J 107 35.35 10.74 -31.74
N PRO J 108 35.36 11.25 -33.00
CA PRO J 108 35.56 10.37 -34.15
C PRO J 108 36.81 9.50 -34.05
N GLY J 109 36.68 8.24 -34.47
CA GLY J 109 37.73 7.23 -34.28
C GLY J 109 37.80 6.56 -32.90
N MET J 110 37.15 7.15 -31.89
CA MET J 110 37.28 6.73 -30.50
C MET J 110 35.97 6.20 -29.92
N ARG J 111 35.09 5.67 -30.77
CA ARG J 111 33.81 5.14 -30.32
C ARG J 111 33.87 3.61 -30.39
N HIS J 112 33.73 2.96 -29.23
CA HIS J 112 34.00 1.53 -29.08
C HIS J 112 32.77 0.74 -28.60
N SER J 113 32.76 -0.54 -28.94
CA SER J 113 31.86 -1.52 -28.35
C SER J 113 32.61 -2.83 -28.12
N LEU J 114 32.28 -3.53 -27.03
CA LEU J 114 32.69 -4.92 -26.84
C LEU J 114 31.78 -5.84 -27.68
N PRO J 115 32.20 -7.10 -27.91
CA PRO J 115 31.56 -7.92 -28.97
C PRO J 115 30.09 -8.31 -28.79
N ASN J 116 29.61 -8.44 -27.55
CA ASN J 116 28.23 -8.92 -27.30
C ASN J 116 27.23 -7.83 -26.92
N SER J 117 27.66 -6.57 -26.93
CA SER J 117 26.76 -5.44 -26.72
C SER J 117 25.67 -5.34 -27.78
N ARG J 118 24.56 -4.72 -27.42
CA ARG J 118 23.45 -4.44 -28.34
C ARG J 118 23.24 -2.94 -28.39
N ILE J 119 23.01 -2.40 -29.58
CA ILE J 119 22.85 -0.96 -29.78
C ILE J 119 21.51 -0.69 -30.45
N MET J 120 20.69 0.18 -29.85
CA MET J 120 19.39 0.56 -30.41
C MET J 120 19.31 2.09 -30.52
N ILE J 121 18.99 2.56 -31.72
CA ILE J 121 18.69 3.98 -31.95
C ILE J 121 17.20 4.30 -31.89
N HIS J 122 16.36 3.26 -32.04
CA HIS J 122 14.92 3.39 -31.86
C HIS J 122 14.55 3.93 -30.48
N GLN J 123 13.52 4.76 -30.43
CA GLN J 123 12.96 5.33 -29.19
C GLN J 123 11.64 4.62 -28.89
N PRO J 124 11.60 3.73 -27.88
CA PRO J 124 10.32 3.10 -27.52
C PRO J 124 9.35 4.08 -26.84
N ILE J 137 4.25 16.30 -22.19
CA ILE J 137 4.57 17.35 -23.14
C ILE J 137 3.63 17.35 -24.36
N GLN J 138 3.59 18.49 -25.05
CA GLN J 138 2.67 18.70 -26.19
C GLN J 138 3.09 17.95 -27.46
N ALA J 139 2.18 17.94 -28.44
CA ALA J 139 2.37 17.24 -29.72
C ALA J 139 3.49 17.84 -30.58
N GLU J 140 3.60 19.16 -30.59
CA GLU J 140 4.66 19.85 -31.33
C GLU J 140 6.03 19.62 -30.69
N GLU J 141 6.09 19.64 -29.35
CA GLU J 141 7.35 19.54 -28.61
C GLU J 141 8.04 18.20 -28.79
N ILE J 142 7.29 17.10 -28.69
CA ILE J 142 7.84 15.76 -28.89
C ILE J 142 8.48 15.61 -30.28
N MET J 143 7.87 16.22 -31.30
CA MET J 143 8.45 16.25 -32.66
C MET J 143 9.67 17.16 -32.77
N LYS J 144 9.63 18.33 -32.12
CA LYS J 144 10.81 19.22 -32.06
C LYS J 144 12.02 18.48 -31.45
N LEU J 145 11.79 17.81 -30.32
CA LEU J 145 12.82 16.97 -29.68
C LEU J 145 13.28 15.84 -30.58
N LYS J 146 12.34 15.15 -31.23
CA LYS J 146 12.67 14.05 -32.14
C LYS J 146 13.53 14.53 -33.32
N LYS J 147 13.23 15.70 -33.86
CA LYS J 147 14.02 16.28 -34.95
C LYS J 147 15.44 16.68 -34.51
N GLN J 148 15.58 17.16 -33.27
CA GLN J 148 16.91 17.38 -32.66
C GLN J 148 17.71 16.08 -32.62
N LEU J 149 17.05 14.98 -32.24
CA LEU J 149 17.70 13.67 -32.19
C LEU J 149 18.16 13.22 -33.58
N TYR J 150 17.30 13.42 -34.59
CA TYR J 150 17.65 13.12 -35.98
C TYR J 150 18.89 13.89 -36.45
N ASN J 151 18.92 15.18 -36.15
CA ASN J 151 20.07 16.03 -36.50
C ASN J 151 21.38 15.59 -35.84
N ILE J 152 21.31 15.21 -34.56
CA ILE J 152 22.49 14.73 -33.83
C ILE J 152 22.98 13.40 -34.43
N TYR J 153 22.07 12.43 -34.61
CA TYR J 153 22.44 11.13 -35.20
C TYR J 153 23.02 11.29 -36.61
N ALA J 154 22.35 12.09 -37.45
CA ALA J 154 22.82 12.36 -38.83
C ALA J 154 24.23 12.97 -38.86
N LYS J 155 24.47 13.94 -37.97
CA LYS J 155 25.77 14.59 -37.84
C LYS J 155 26.91 13.61 -37.51
N HIS J 156 26.67 12.77 -36.48
CA HIS J 156 27.72 11.89 -35.95
C HIS J 156 27.87 10.57 -36.71
N THR J 157 26.79 10.07 -37.32
CA THR J 157 26.84 8.87 -38.16
C THR J 157 27.17 9.16 -39.62
N LYS J 158 26.99 10.43 -40.06
CA LYS J 158 27.08 10.83 -41.46
C LYS J 158 26.01 10.20 -42.37
N GLN J 159 24.91 9.75 -41.79
CA GLN J 159 23.78 9.22 -42.55
C GLN J 159 22.84 10.37 -42.85
N SER J 160 22.08 10.26 -43.94
CA SER J 160 21.06 11.27 -44.26
C SER J 160 19.94 11.26 -43.24
N LEU J 161 19.25 12.41 -43.12
CA LEU J 161 18.04 12.51 -42.29
C LEU J 161 17.00 11.46 -42.61
N GLN J 162 16.82 11.19 -43.91
CA GLN J 162 15.84 10.22 -44.39
C GLN J 162 16.18 8.79 -43.93
N VAL J 163 17.48 8.48 -43.89
CA VAL J 163 17.99 7.19 -43.39
C VAL J 163 17.84 7.08 -41.88
N ILE J 164 18.17 8.14 -41.14
CA ILE J 164 18.01 8.15 -39.68
C ILE J 164 16.54 7.98 -39.28
N GLU J 165 15.66 8.72 -39.95
CA GLU J 165 14.19 8.64 -39.72
C GLU J 165 13.64 7.22 -39.81
N SER J 166 13.85 6.58 -40.95
CA SER J 166 13.32 5.23 -41.20
C SER J 166 13.98 4.18 -40.30
N ALA J 167 15.26 4.37 -39.99
CA ALA J 167 15.96 3.46 -39.06
C ALA J 167 15.42 3.57 -37.63
N MET J 168 15.13 4.78 -37.17
CA MET J 168 14.59 4.97 -35.81
C MET J 168 13.14 4.49 -35.62
N GLU J 169 12.40 4.30 -36.72
CA GLU J 169 11.09 3.63 -36.67
C GLU J 169 11.17 2.12 -36.39
N ARG J 170 12.24 1.47 -36.85
CA ARG J 170 12.37 0.02 -36.71
C ARG J 170 12.72 -0.35 -35.28
N ASP J 171 11.80 -1.07 -34.62
CA ASP J 171 12.01 -1.55 -33.26
C ASP J 171 12.92 -2.78 -33.31
N ARG J 172 14.22 -2.53 -33.20
CA ARG J 172 15.23 -3.58 -33.27
C ARG J 172 16.56 -3.09 -32.70
N TYR J 173 17.42 -4.04 -32.33
CA TYR J 173 18.80 -3.73 -31.95
C TYR J 173 19.74 -4.06 -33.10
N MET J 174 20.91 -3.43 -33.06
CA MET J 174 22.01 -3.69 -33.99
C MET J 174 23.12 -4.38 -33.23
N SER J 175 23.81 -5.29 -33.91
CA SER J 175 25.07 -5.83 -33.41
C SER J 175 26.13 -4.71 -33.43
N PRO J 176 27.24 -4.88 -32.68
CA PRO J 176 28.32 -3.88 -32.72
C PRO J 176 28.90 -3.66 -34.14
N MET J 177 28.99 -4.74 -34.93
CA MET J 177 29.39 -4.66 -36.33
C MET J 177 28.41 -3.86 -37.19
N GLU J 178 27.11 -4.10 -37.00
CA GLU J 178 26.09 -3.39 -37.77
C GLU J 178 26.03 -1.90 -37.40
N ALA J 179 26.20 -1.61 -36.11
CA ALA J 179 26.32 -0.22 -35.63
C ALA J 179 27.57 0.47 -36.19
N GLN J 180 28.65 -0.30 -36.36
CA GLN J 180 29.90 0.20 -36.95
C GLN J 180 29.69 0.69 -38.39
N GLU J 181 29.08 -0.14 -39.24
CA GLU J 181 28.82 0.23 -40.64
C GLU J 181 27.74 1.32 -40.80
N PHE J 182 26.88 1.48 -39.79
CA PHE J 182 25.89 2.56 -39.76
C PHE J 182 26.50 3.93 -39.43
N GLY J 183 27.60 3.94 -38.67
CA GLY J 183 28.29 5.16 -38.26
C GLY J 183 28.16 5.52 -36.79
N ILE J 184 27.52 4.66 -36.00
CA ILE J 184 27.36 4.86 -34.56
C ILE J 184 28.67 4.68 -33.80
N LEU J 185 29.49 3.72 -34.22
CA LEU J 185 30.77 3.47 -33.56
C LEU J 185 31.87 3.14 -34.57
N ASP J 186 33.11 3.18 -34.08
CA ASP J 186 34.31 3.02 -34.91
C ASP J 186 35.00 1.66 -34.78
N LYS J 187 35.09 1.15 -33.55
CA LYS J 187 35.86 -0.06 -33.25
C LYS J 187 35.06 -1.08 -32.45
N VAL J 188 34.95 -2.30 -32.97
CA VAL J 188 34.43 -3.45 -32.23
C VAL J 188 35.67 -4.27 -31.85
N LEU J 189 35.95 -4.39 -30.56
CA LEU J 189 37.17 -5.06 -30.08
C LEU J 189 36.91 -6.08 -28.96
N VAL J 190 37.60 -7.21 -29.06
CA VAL J 190 37.47 -8.34 -28.13
C VAL J 190 38.47 -8.16 -26.98
N HIS J 191 39.71 -7.81 -27.32
CA HIS J 191 40.76 -7.44 -26.36
C HIS J 191 41.34 -6.08 -26.80
N PRO J 192 42.18 -5.45 -25.95
CA PRO J 192 42.87 -4.23 -26.41
C PRO J 192 43.93 -4.51 -27.48
N PRO J 193 44.34 -3.46 -28.23
CA PRO J 193 45.30 -3.64 -29.33
C PRO J 193 46.73 -3.73 -28.80
N TYR K 20 28.89 17.36 -5.88
CA TYR K 20 28.12 18.63 -5.72
C TYR K 20 28.73 19.58 -4.68
N SER K 21 29.32 19.00 -3.63
CA SER K 21 30.09 19.78 -2.65
C SER K 21 31.39 20.30 -3.26
N ARG K 22 32.04 19.49 -4.10
CA ARG K 22 33.23 19.89 -4.84
C ARG K 22 32.92 20.99 -5.88
N LEU K 23 31.73 20.92 -6.47
CA LEU K 23 31.24 21.99 -7.37
C LEU K 23 31.11 23.34 -6.67
N LEU K 24 30.66 23.32 -5.41
CA LEU K 24 30.55 24.54 -4.60
C LEU K 24 31.90 25.22 -4.36
N ARG K 25 32.98 24.44 -4.31
CA ARG K 25 34.35 24.98 -4.26
C ARG K 25 34.78 25.72 -5.54
N GLU K 26 34.11 25.43 -6.66
CA GLU K 26 34.34 26.11 -7.94
C GLU K 26 33.37 27.27 -8.22
N ARG K 27 32.62 27.71 -7.19
CA ARG K 27 31.60 28.74 -7.33
C ARG K 27 30.49 28.35 -8.31
N ILE K 28 30.11 27.06 -8.28
CA ILE K 28 29.03 26.51 -9.10
C ILE K 28 27.89 26.08 -8.17
N VAL K 29 26.69 26.61 -8.43
CA VAL K 29 25.48 26.26 -7.71
C VAL K 29 24.53 25.57 -8.70
N CYS K 30 23.80 24.56 -8.22
CA CYS K 30 22.96 23.72 -9.07
C CYS K 30 21.48 23.82 -8.70
N VAL K 31 20.67 24.28 -9.65
CA VAL K 31 19.20 24.24 -9.54
C VAL K 31 18.75 23.06 -10.38
N MET K 32 18.68 21.89 -9.75
CA MET K 32 18.43 20.60 -10.41
C MET K 32 17.05 20.09 -10.05
N GLY K 33 16.33 19.60 -11.05
CA GLY K 33 15.05 18.92 -10.81
C GLY K 33 13.94 19.85 -10.35
N PRO K 34 12.85 19.29 -9.81
CA PRO K 34 11.77 20.09 -9.25
C PRO K 34 12.23 21.04 -8.15
N ILE K 35 11.86 22.31 -8.25
CA ILE K 35 12.21 23.31 -7.25
C ILE K 35 11.14 23.31 -6.16
N ASP K 36 11.56 23.06 -4.93
CA ASP K 36 10.72 23.18 -3.74
C ASP K 36 11.46 23.99 -2.68
N ASP K 37 10.85 24.16 -1.51
CA ASP K 37 11.46 24.92 -0.40
C ASP K 37 12.83 24.40 0.04
N SER K 38 13.00 23.07 0.07
CA SER K 38 14.27 22.46 0.48
C SER K 38 15.39 22.70 -0.54
N VAL K 39 15.07 22.58 -1.83
CA VAL K 39 16.02 22.90 -2.92
C VAL K 39 16.43 24.37 -2.84
N ALA K 40 15.44 25.26 -2.74
CA ALA K 40 15.68 26.71 -2.67
C ALA K 40 16.55 27.11 -1.48
N SER K 41 16.23 26.56 -0.29
CA SER K 41 16.99 26.85 0.93
C SER K 41 18.47 26.47 0.81
N LEU K 42 18.75 25.33 0.19
CA LEU K 42 20.11 24.88 -0.07
C LEU K 42 20.85 25.82 -1.03
N VAL K 43 20.20 26.13 -2.15
CA VAL K 43 20.74 27.07 -3.16
C VAL K 43 21.01 28.45 -2.55
N ILE K 44 20.05 28.92 -1.75
CA ILE K 44 20.14 30.21 -1.09
C ILE K 44 21.34 30.29 -0.12
N ALA K 45 21.55 29.23 0.66
CA ALA K 45 22.72 29.15 1.56
C ALA K 45 24.04 29.11 0.80
N GLN K 46 24.07 28.34 -0.29
CA GLN K 46 25.24 28.26 -1.17
C GLN K 46 25.56 29.61 -1.82
N LEU K 47 24.53 30.35 -2.22
CA LEU K 47 24.69 31.69 -2.79
C LEU K 47 25.30 32.69 -1.80
N LEU K 48 24.85 32.62 -0.55
CA LEU K 48 25.39 33.48 0.52
C LEU K 48 26.82 33.10 0.89
N PHE K 49 27.11 31.80 0.91
CA PHE K 49 28.48 31.29 1.11
C PHE K 49 29.45 31.86 0.06
N LEU K 50 29.06 31.80 -1.20
CA LEU K 50 29.90 32.28 -2.31
C LEU K 50 30.07 33.80 -2.35
N GLN K 51 29.12 34.54 -1.77
CA GLN K 51 29.25 35.99 -1.61
C GLN K 51 30.35 36.36 -0.61
N SER K 52 30.41 35.65 0.52
CA SER K 52 31.41 35.92 1.56
C SER K 52 32.84 35.55 1.16
N GLU K 53 33.00 34.49 0.37
CA GLU K 53 34.31 34.10 -0.15
C GLU K 53 34.85 35.19 -1.09
N SER K 54 33.97 35.68 -1.96
CA SER K 54 34.26 36.85 -2.78
C SER K 54 32.96 37.41 -3.35
N ASN K 55 32.60 38.62 -2.94
CA ASN K 55 31.41 39.31 -3.46
C ASN K 55 31.61 39.96 -4.85
N LYS K 56 32.79 39.78 -5.45
CA LYS K 56 33.07 40.22 -6.81
C LYS K 56 33.18 39.07 -7.82
N LYS K 57 33.77 37.94 -7.42
CA LYS K 57 33.93 36.77 -8.29
C LYS K 57 32.57 36.26 -8.80
N PRO K 58 32.48 35.90 -10.11
CA PRO K 58 31.20 35.38 -10.61
C PRO K 58 30.77 34.05 -9.98
N ILE K 59 29.45 33.86 -9.85
CA ILE K 59 28.85 32.60 -9.43
C ILE K 59 28.21 31.96 -10.65
N HIS K 60 28.43 30.65 -10.84
CA HIS K 60 27.84 29.91 -11.96
C HIS K 60 26.62 29.12 -11.47
N MET K 61 25.45 29.41 -12.05
CA MET K 61 24.20 28.71 -11.69
C MET K 61 23.80 27.74 -12.80
N TYR K 62 23.99 26.45 -12.52
CA TYR K 62 23.53 25.36 -13.40
C TYR K 62 22.03 25.21 -13.23
N ILE K 63 21.29 25.32 -14.33
CA ILE K 63 19.82 25.15 -14.33
C ILE K 63 19.42 24.03 -15.29
N ASN K 64 19.02 22.90 -14.73
CA ASN K 64 18.36 21.83 -15.45
C ASN K 64 17.12 21.46 -14.64
N SER K 65 15.99 22.09 -14.95
CA SER K 65 14.80 22.05 -14.09
C SER K 65 13.50 22.17 -14.87
N PRO K 66 12.48 21.34 -14.53
CA PRO K 66 11.13 21.54 -15.07
C PRO K 66 10.32 22.64 -14.34
N GLY K 67 10.93 23.29 -13.35
CA GLY K 67 10.26 24.35 -12.59
C GLY K 67 9.92 23.83 -11.21
N GLY K 68 8.84 24.36 -10.64
CA GLY K 68 8.36 23.92 -9.34
C GLY K 68 7.66 25.04 -8.59
N VAL K 69 7.82 25.03 -7.26
CA VAL K 69 7.02 25.86 -6.37
C VAL K 69 7.37 27.34 -6.57
N VAL K 70 6.35 28.17 -6.78
CA VAL K 70 6.53 29.56 -7.20
C VAL K 70 7.23 30.41 -6.13
N THR K 71 6.79 30.29 -4.88
CA THR K 71 7.43 31.03 -3.78
C THR K 71 8.88 30.57 -3.54
N ALA K 72 9.12 29.26 -3.69
CA ALA K 72 10.49 28.73 -3.62
C ALA K 72 11.36 29.32 -4.75
N GLY K 73 10.79 29.39 -5.95
CA GLY K 73 11.45 30.04 -7.08
C GLY K 73 11.73 31.52 -6.85
N LEU K 74 10.74 32.22 -6.29
CA LEU K 74 10.90 33.64 -5.92
C LEU K 74 11.91 33.86 -4.79
N ALA K 75 12.04 32.89 -3.89
CA ALA K 75 13.05 32.92 -2.83
C ALA K 75 14.47 32.89 -3.40
N ILE K 76 14.68 32.05 -4.42
CA ILE K 76 15.98 31.97 -5.09
C ILE K 76 16.21 33.25 -5.90
N TYR K 77 15.19 33.67 -6.65
CA TYR K 77 15.27 34.89 -7.44
C TYR K 77 15.71 36.08 -6.59
N ASP K 78 14.98 36.32 -5.50
CA ASP K 78 15.28 37.44 -4.61
C ASP K 78 16.70 37.42 -4.05
N THR K 79 17.16 36.23 -3.65
CA THR K 79 18.51 36.05 -3.15
C THR K 79 19.56 36.36 -4.22
N MET K 80 19.29 35.96 -5.47
CA MET K 80 20.18 36.29 -6.60
C MET K 80 20.33 37.80 -6.78
N GLN K 81 19.22 38.53 -6.69
CA GLN K 81 19.24 39.99 -6.80
C GLN K 81 19.83 40.64 -5.55
N TYR K 82 19.58 40.04 -4.38
CA TYR K 82 20.08 40.57 -3.10
C TYR K 82 21.60 40.56 -3.00
N ILE K 83 22.25 39.47 -3.42
CA ILE K 83 23.72 39.38 -3.38
C ILE K 83 24.37 40.26 -4.46
N LEU K 84 25.58 40.72 -4.18
CA LEU K 84 26.30 41.63 -5.08
C LEU K 84 26.84 40.94 -6.34
N ASN K 85 27.12 39.64 -6.24
CA ASN K 85 27.94 38.95 -7.24
C ASN K 85 27.32 38.95 -8.63
N PRO K 86 28.17 39.04 -9.68
CA PRO K 86 27.68 38.63 -10.99
C PRO K 86 27.32 37.14 -10.97
N ILE K 87 26.17 36.80 -11.53
CA ILE K 87 25.71 35.42 -11.57
C ILE K 87 25.57 35.00 -13.04
N CYS K 88 26.36 34.01 -13.43
CA CYS K 88 26.28 33.43 -14.76
C CYS K 88 25.29 32.27 -14.69
N THR K 89 24.20 32.37 -15.45
CA THR K 89 23.22 31.28 -15.50
C THR K 89 23.47 30.42 -16.73
N TRP K 90 23.31 29.11 -16.56
CA TRP K 90 23.62 28.12 -17.59
C TRP K 90 22.46 27.14 -17.73
N CYS K 91 21.77 27.20 -18.86
CA CYS K 91 20.66 26.29 -19.15
C CYS K 91 21.18 25.07 -19.88
N VAL K 92 21.12 23.93 -19.20
CA VAL K 92 21.53 22.63 -19.73
C VAL K 92 20.35 21.68 -19.57
N GLY K 93 19.99 20.98 -20.63
CA GLY K 93 18.80 20.11 -20.63
C GLY K 93 17.54 20.94 -20.82
N GLN K 94 17.07 21.56 -19.74
CA GLN K 94 15.91 22.45 -19.81
C GLN K 94 15.84 23.47 -18.70
N ALA K 95 15.11 24.55 -18.96
CA ALA K 95 14.69 25.50 -17.94
C ALA K 95 13.24 25.84 -18.23
N ALA K 96 12.33 25.16 -17.52
CA ALA K 96 10.88 25.36 -17.69
C ALA K 96 10.28 26.07 -16.49
N SER K 97 9.32 26.95 -16.75
CA SER K 97 8.57 27.65 -15.69
C SER K 97 9.52 28.45 -14.78
N MET K 98 9.50 28.23 -13.46
CA MET K 98 10.36 29.01 -12.55
C MET K 98 11.86 28.87 -12.88
N GLY K 99 12.25 27.74 -13.47
CA GLY K 99 13.59 27.55 -13.99
C GLY K 99 14.01 28.60 -15.01
N SER K 100 13.10 28.94 -15.94
CA SER K 100 13.38 29.95 -16.95
C SER K 100 13.44 31.37 -16.37
N LEU K 101 12.66 31.61 -15.31
CA LEU K 101 12.71 32.88 -14.60
C LEU K 101 14.09 33.08 -13.99
N LEU K 102 14.58 32.04 -13.32
CA LEU K 102 15.93 32.04 -12.74
C LEU K 102 17.01 32.21 -13.81
N LEU K 103 16.84 31.55 -14.95
CA LEU K 103 17.74 31.72 -16.10
C LEU K 103 17.79 33.19 -16.55
N ALA K 104 16.62 33.77 -16.76
CA ALA K 104 16.49 35.19 -17.14
C ALA K 104 17.01 36.18 -16.08
N ALA K 105 17.03 35.78 -14.82
CA ALA K 105 17.49 36.63 -13.70
C ALA K 105 19.02 36.67 -13.49
N GLY K 106 19.78 36.00 -14.34
CA GLY K 106 21.24 36.12 -14.33
C GLY K 106 21.70 37.53 -14.69
N THR K 107 22.94 37.85 -14.34
CA THR K 107 23.51 39.17 -14.64
C THR K 107 23.48 39.40 -16.16
N PRO K 108 23.04 40.59 -16.61
CA PRO K 108 23.02 40.90 -18.05
C PRO K 108 24.36 40.63 -18.74
N GLY K 109 24.28 39.99 -19.91
CA GLY K 109 25.46 39.51 -20.63
C GLY K 109 26.04 38.17 -20.16
N MET K 110 25.52 37.62 -19.07
CA MET K 110 26.05 36.38 -18.47
C MET K 110 24.98 35.27 -18.37
N ARG K 111 23.97 35.30 -19.25
CA ARG K 111 22.92 34.29 -19.26
C ARG K 111 23.12 33.39 -20.48
N HIS K 112 23.34 32.10 -20.23
CA HIS K 112 23.82 31.15 -21.24
C HIS K 112 22.90 29.95 -21.40
N SER K 113 22.89 29.40 -22.62
CA SER K 113 22.31 28.09 -22.88
C SER K 113 23.23 27.29 -23.81
N LEU K 114 23.29 25.98 -23.60
CA LEU K 114 23.91 25.07 -24.56
C LEU K 114 22.91 24.83 -25.72
N PRO K 115 23.39 24.31 -26.87
CA PRO K 115 22.58 24.32 -28.12
C PRO K 115 21.24 23.56 -28.13
N ASN K 116 21.15 22.45 -27.41
CA ASN K 116 19.95 21.57 -27.48
C ASN K 116 19.01 21.72 -26.27
N SER K 117 19.29 22.69 -25.40
CA SER K 117 18.40 22.99 -24.28
C SER K 117 17.03 23.47 -24.74
N ARG K 118 16.03 23.28 -23.88
CA ARG K 118 14.66 23.74 -24.13
C ARG K 118 14.25 24.71 -23.02
N ILE K 119 13.65 25.83 -23.40
CA ILE K 119 13.25 26.86 -22.45
C ILE K 119 11.75 27.12 -22.57
N MET K 120 11.06 27.10 -21.43
CA MET K 120 9.63 27.38 -21.37
C MET K 120 9.36 28.41 -20.28
N ILE K 121 8.62 29.45 -20.63
CA ILE K 121 8.17 30.46 -19.66
C ILE K 121 6.74 30.21 -19.17
N HIS K 122 5.98 29.39 -19.90
CA HIS K 122 4.66 28.92 -19.48
C HIS K 122 4.70 28.12 -18.16
N GLN K 123 3.68 28.30 -17.32
CA GLN K 123 3.55 27.59 -16.04
C GLN K 123 2.56 26.43 -16.18
N PRO K 124 2.87 25.26 -15.58
CA PRO K 124 2.17 24.00 -15.87
C PRO K 124 0.68 23.99 -15.51
N GLN K 138 -5.82 30.91 -2.30
CA GLN K 138 -7.01 31.59 -2.82
C GLN K 138 -6.82 32.04 -4.27
N ALA K 139 -7.94 32.40 -4.91
CA ALA K 139 -7.96 32.83 -6.30
C ALA K 139 -7.16 34.12 -6.51
N GLU K 140 -7.39 35.10 -5.64
CA GLU K 140 -6.69 36.40 -5.72
C GLU K 140 -5.18 36.25 -5.55
N GLU K 141 -4.75 35.34 -4.68
CA GLU K 141 -3.34 35.15 -4.40
C GLU K 141 -2.56 34.57 -5.57
N ILE K 142 -3.13 33.56 -6.23
CA ILE K 142 -2.48 32.96 -7.40
C ILE K 142 -2.36 33.99 -8.54
N MET K 143 -3.34 34.90 -8.64
CA MET K 143 -3.26 36.03 -9.57
C MET K 143 -2.21 37.06 -9.15
N LYS K 144 -2.16 37.37 -7.86
CA LYS K 144 -1.12 38.26 -7.31
C LYS K 144 0.29 37.74 -7.60
N LEU K 145 0.50 36.44 -7.34
CA LEU K 145 1.78 35.79 -7.65
C LEU K 145 2.08 35.79 -9.15
N LYS K 146 1.07 35.50 -9.98
CA LYS K 146 1.22 35.54 -11.44
C LYS K 146 1.62 36.93 -11.94
N LYS K 147 1.04 37.97 -11.35
CA LYS K 147 1.41 39.36 -11.66
C LYS K 147 2.86 39.67 -11.26
N GLN K 148 3.30 39.12 -10.13
CA GLN K 148 4.71 39.22 -9.73
C GLN K 148 5.63 38.59 -10.77
N LEU K 149 5.26 37.42 -11.29
CA LEU K 149 6.04 36.74 -12.33
C LEU K 149 6.13 37.57 -13.62
N TYR K 150 5.00 38.14 -14.03
CA TYR K 150 4.96 39.04 -15.20
C TYR K 150 5.92 40.20 -15.06
N ASN K 151 5.95 40.82 -13.88
CA ASN K 151 6.81 41.97 -13.63
C ASN K 151 8.31 41.62 -13.63
N ILE K 152 8.65 40.43 -13.13
CA ILE K 152 10.03 39.96 -13.12
C ILE K 152 10.49 39.63 -14.54
N TYR K 153 9.68 38.86 -15.28
CA TYR K 153 10.00 38.54 -16.69
C TYR K 153 10.14 39.81 -17.54
N ALA K 154 9.22 40.77 -17.37
CA ALA K 154 9.25 42.04 -18.13
C ALA K 154 10.51 42.86 -17.84
N LYS K 155 10.92 42.88 -16.57
CA LYS K 155 12.15 43.55 -16.14
C LYS K 155 13.39 42.97 -16.82
N HIS K 156 13.57 41.66 -16.68
CA HIS K 156 14.80 40.99 -17.14
C HIS K 156 14.83 40.69 -18.65
N THR K 157 13.67 40.58 -19.29
CA THR K 157 13.60 40.38 -20.75
C THR K 157 13.47 41.68 -21.56
N LYS K 158 13.12 42.78 -20.90
CA LYS K 158 12.80 44.06 -21.57
C LYS K 158 11.54 43.99 -22.45
N GLN K 159 10.69 42.98 -22.25
CA GLN K 159 9.44 42.85 -22.98
C GLN K 159 8.33 43.52 -22.19
N SER K 160 7.25 43.93 -22.86
CA SER K 160 6.11 44.54 -22.18
C SER K 160 5.34 43.49 -21.37
N LEU K 161 4.55 43.96 -20.42
CA LEU K 161 3.70 43.07 -19.61
C LEU K 161 2.71 42.28 -20.47
N GLN K 162 2.19 42.92 -21.52
CA GLN K 162 1.27 42.26 -22.46
C GLN K 162 1.94 41.10 -23.21
N VAL K 163 3.17 41.32 -23.68
CA VAL K 163 3.95 40.30 -24.41
C VAL K 163 4.27 39.11 -23.49
N ILE K 164 4.69 39.41 -22.27
CA ILE K 164 4.97 38.37 -21.27
C ILE K 164 3.71 37.56 -20.96
N GLU K 165 2.61 38.25 -20.68
CA GLU K 165 1.33 37.60 -20.36
C GLU K 165 0.82 36.70 -21.50
N SER K 166 0.89 37.20 -22.74
CA SER K 166 0.49 36.40 -23.90
C SER K 166 1.40 35.19 -24.08
N ALA K 167 2.71 35.40 -23.99
CA ALA K 167 3.69 34.33 -24.15
C ALA K 167 3.57 33.23 -23.09
N MET K 168 3.37 33.63 -21.83
CA MET K 168 3.24 32.64 -20.73
C MET K 168 1.99 31.77 -20.82
N GLU K 169 1.00 32.21 -21.60
CA GLU K 169 -0.20 31.42 -21.87
C GLU K 169 0.04 30.29 -22.88
N ARG K 170 1.04 30.43 -23.74
CA ARG K 170 1.33 29.43 -24.78
C ARG K 170 2.12 28.25 -24.22
N ASP K 171 1.50 27.07 -24.26
CA ASP K 171 2.14 25.83 -23.83
C ASP K 171 3.07 25.32 -24.93
N ARG K 172 4.30 25.82 -24.91
CA ARG K 172 5.34 25.45 -25.86
C ARG K 172 6.71 25.73 -25.27
N TYR K 173 7.74 25.09 -25.83
CA TYR K 173 9.13 25.41 -25.51
C TYR K 173 9.73 26.30 -26.60
N MET K 174 10.75 27.06 -26.21
CA MET K 174 11.56 27.86 -27.11
C MET K 174 12.91 27.18 -27.25
N SER K 175 13.52 27.33 -28.42
CA SER K 175 14.91 26.95 -28.63
C SER K 175 15.79 28.01 -27.95
N PRO K 176 17.09 27.71 -27.73
CA PRO K 176 17.95 28.73 -27.13
C PRO K 176 18.00 30.05 -27.92
N MET K 177 18.02 29.98 -29.24
CA MET K 177 18.00 31.18 -30.10
C MET K 177 16.70 31.98 -29.97
N GLU K 178 15.56 31.29 -29.86
CA GLU K 178 14.27 31.96 -29.59
C GLU K 178 14.30 32.66 -28.24
N ALA K 179 14.76 31.94 -27.22
CA ALA K 179 14.94 32.49 -25.87
C ALA K 179 15.86 33.72 -25.89
N GLN K 180 16.94 33.61 -26.67
CA GLN K 180 17.88 34.72 -26.87
C GLN K 180 17.18 35.96 -27.45
N GLU K 181 16.45 35.76 -28.55
CA GLU K 181 15.65 36.83 -29.18
C GLU K 181 14.61 37.45 -28.25
N PHE K 182 13.99 36.60 -27.43
CA PHE K 182 12.94 37.03 -26.49
C PHE K 182 13.48 37.86 -25.31
N GLY K 183 14.77 37.69 -24.99
CA GLY K 183 15.43 38.39 -23.88
C GLY K 183 15.62 37.55 -22.62
N ILE K 184 15.38 36.24 -22.72
CA ILE K 184 15.58 35.31 -21.60
C ILE K 184 17.07 35.03 -21.36
N LEU K 185 17.86 35.03 -22.42
CA LEU K 185 19.29 34.77 -22.31
C LEU K 185 20.10 35.53 -23.35
N ASP K 186 21.41 35.55 -23.17
CA ASP K 186 22.32 36.38 -23.96
C ASP K 186 23.10 35.62 -25.01
N LYS K 187 23.64 34.45 -24.64
CA LYS K 187 24.54 33.68 -25.50
C LYS K 187 24.11 32.22 -25.65
N VAL K 188 24.04 31.75 -26.90
CA VAL K 188 23.88 30.33 -27.22
C VAL K 188 25.20 29.86 -27.80
N LEU K 189 25.88 28.95 -27.10
CA LEU K 189 27.24 28.56 -27.46
C LEU K 189 27.48 27.05 -27.43
N VAL K 190 28.26 26.57 -28.39
CA VAL K 190 28.59 25.15 -28.54
C VAL K 190 29.82 24.79 -27.70
N HIS K 191 30.78 25.72 -27.64
CA HIS K 191 32.03 25.57 -26.88
C HIS K 191 32.26 26.85 -26.04
N PRO K 192 33.23 26.82 -25.10
CA PRO K 192 33.54 28.04 -24.33
C PRO K 192 34.37 29.03 -25.16
N PRO K 193 34.07 30.34 -25.08
CA PRO K 193 34.77 31.32 -25.91
C PRO K 193 36.14 31.68 -25.34
N ILE L 19 26.69 22.19 5.26
CA ILE L 19 26.25 23.52 4.71
C ILE L 19 25.43 24.36 5.72
N TYR L 20 24.40 23.76 6.33
CA TYR L 20 23.63 24.41 7.39
C TYR L 20 24.43 24.50 8.70
N SER L 21 25.34 23.55 8.91
CA SER L 21 26.27 23.58 10.04
C SER L 21 27.26 24.74 9.91
N ARG L 22 27.81 24.92 8.71
CA ARG L 22 28.68 26.07 8.41
C ARG L 22 27.93 27.40 8.50
N LEU L 23 26.67 27.38 8.07
CA LEU L 23 25.78 28.55 8.16
C LEU L 23 25.53 29.01 9.61
N LEU L 24 25.48 28.05 10.53
CA LEU L 24 25.34 28.35 11.97
C LEU L 24 26.52 29.17 12.53
N ARG L 25 27.73 28.94 12.00
CA ARG L 25 28.92 29.73 12.37
C ARG L 25 28.78 31.23 12.10
N GLU L 26 27.98 31.60 11.10
CA GLU L 26 27.68 33.00 10.78
C GLU L 26 26.50 33.59 11.56
N ARG L 27 26.02 32.88 12.58
CA ARG L 27 24.90 33.30 13.42
C ARG L 27 23.58 33.37 12.65
N ILE L 28 23.39 32.40 11.75
CA ILE L 28 22.19 32.27 10.92
C ILE L 28 21.45 31.00 11.33
N VAL L 29 20.16 31.14 11.64
CA VAL L 29 19.26 30.01 11.90
C VAL L 29 18.18 30.02 10.81
N CYS L 30 17.75 28.83 10.38
CA CYS L 30 16.79 28.68 9.28
C CYS L 30 15.51 27.98 9.76
N VAL L 31 14.38 28.71 9.67
CA VAL L 31 13.05 28.17 9.90
C VAL L 31 12.45 27.90 8.52
N MET L 32 12.59 26.67 8.04
CA MET L 32 12.27 26.33 6.66
C MET L 32 11.30 25.17 6.58
N GLY L 33 10.34 25.28 5.67
CA GLY L 33 9.30 24.27 5.50
C GLY L 33 8.25 24.30 6.62
N PRO L 34 7.38 23.27 6.67
CA PRO L 34 6.36 23.19 7.72
C PRO L 34 6.96 23.08 9.13
N ILE L 35 6.46 23.89 10.06
CA ILE L 35 6.95 23.89 11.43
C ILE L 35 6.26 22.77 12.20
N ASP L 36 7.07 21.86 12.74
CA ASP L 36 6.60 20.83 13.67
C ASP L 36 7.54 20.79 14.88
N ASP L 37 7.31 19.85 15.80
CA ASP L 37 8.14 19.73 17.02
C ASP L 37 9.63 19.52 16.72
N SER L 38 9.94 18.72 15.70
CA SER L 38 11.34 18.43 15.35
C SER L 38 12.07 19.65 14.79
N VAL L 39 11.41 20.41 13.92
CA VAL L 39 11.97 21.66 13.37
C VAL L 39 12.16 22.69 14.50
N ALA L 40 11.15 22.81 15.36
CA ALA L 40 11.21 23.72 16.50
C ALA L 40 12.38 23.40 17.43
N SER L 41 12.53 22.13 17.78
CA SER L 41 13.59 21.68 18.70
C SER L 41 15.00 21.92 18.16
N LEU L 42 15.18 21.70 16.84
CA LEU L 42 16.45 22.02 16.17
C LEU L 42 16.73 23.53 16.18
N VAL L 43 15.72 24.33 15.81
CA VAL L 43 15.81 25.79 15.84
C VAL L 43 16.12 26.31 17.24
N ILE L 44 15.38 25.80 18.22
CA ILE L 44 15.55 26.17 19.63
C ILE L 44 16.98 25.86 20.12
N ALA L 45 17.47 24.67 19.80
CA ALA L 45 18.83 24.25 20.16
C ALA L 45 19.90 25.14 19.51
N GLN L 46 19.67 25.54 18.25
CA GLN L 46 20.56 26.45 17.54
C GLN L 46 20.55 27.86 18.15
N LEU L 47 19.39 28.31 18.60
CA LEU L 47 19.27 29.62 19.26
C LEU L 47 20.03 29.68 20.60
N LEU L 48 20.01 28.59 21.36
CA LEU L 48 20.75 28.50 22.62
C LEU L 48 22.27 28.47 22.40
N PHE L 49 22.69 27.71 21.39
CA PHE L 49 24.11 27.65 20.97
C PHE L 49 24.66 29.05 20.69
N LEU L 50 23.98 29.79 19.81
CA LEU L 50 24.41 31.12 19.42
C LEU L 50 24.43 32.12 20.57
N GLN L 51 23.54 31.92 21.55
CA GLN L 51 23.51 32.75 22.76
C GLN L 51 24.73 32.51 23.66
N SER L 52 25.12 31.24 23.82
CA SER L 52 26.31 30.90 24.62
C SER L 52 27.62 31.32 23.95
N GLU L 53 27.67 31.29 22.62
CA GLU L 53 28.81 31.80 21.87
C GLU L 53 28.93 33.31 22.07
N SER L 54 27.80 34.02 22.02
CA SER L 54 27.75 35.45 22.28
C SER L 54 26.32 35.90 22.58
N ASN L 55 26.09 36.42 23.78
CA ASN L 55 24.77 36.95 24.18
C ASN L 55 24.49 38.37 23.65
N LYS L 56 25.53 39.04 23.12
CA LYS L 56 25.39 40.39 22.57
C LYS L 56 25.16 40.39 21.06
N LYS L 57 25.87 39.52 20.35
CA LYS L 57 25.85 39.50 18.88
C LYS L 57 24.46 39.15 18.30
N PRO L 58 24.04 39.86 17.21
CA PRO L 58 22.76 39.53 16.55
C PRO L 58 22.68 38.11 16.00
N ILE L 59 21.46 37.57 15.97
CA ILE L 59 21.17 36.27 15.32
C ILE L 59 20.24 36.54 14.14
N HIS L 60 20.59 36.00 12.98
CA HIS L 60 19.80 36.16 11.77
C HIS L 60 18.89 34.93 11.63
N MET L 61 17.58 35.17 11.58
CA MET L 61 16.59 34.10 11.43
C MET L 61 15.97 34.14 10.03
N TYR L 62 16.37 33.18 9.19
CA TYR L 62 15.81 32.99 7.86
C TYR L 62 14.46 32.27 7.99
N ILE L 63 13.39 32.88 7.49
CA ILE L 63 12.04 32.30 7.54
C ILE L 63 11.48 32.11 6.13
N ASN L 64 11.39 30.86 5.70
CA ASN L 64 10.69 30.45 4.48
C ASN L 64 9.78 29.29 4.85
N SER L 65 8.56 29.60 5.29
CA SER L 65 7.67 28.60 5.86
C SER L 65 6.20 28.89 5.55
N PRO L 66 5.41 27.84 5.26
CA PRO L 66 3.95 27.98 5.17
C PRO L 66 3.23 27.94 6.53
N GLY L 67 3.98 27.81 7.63
CA GLY L 67 3.41 27.71 8.98
C GLY L 67 3.55 26.31 9.50
N GLY L 68 2.59 25.88 10.33
CA GLY L 68 2.61 24.53 10.91
C GLY L 68 1.99 24.48 12.30
N VAL L 69 2.56 23.64 13.16
CA VAL L 69 1.96 23.30 14.45
C VAL L 69 2.08 24.51 15.37
N VAL L 70 0.96 24.91 15.99
CA VAL L 70 0.91 26.15 16.75
C VAL L 70 1.83 26.09 17.99
N THR L 71 1.76 25.01 18.76
CA THR L 71 2.59 24.90 19.97
C THR L 71 4.09 24.88 19.63
N ALA L 72 4.44 24.26 18.50
CA ALA L 72 5.83 24.26 18.03
C ALA L 72 6.29 25.67 17.66
N GLY L 73 5.42 26.43 16.98
CA GLY L 73 5.67 27.84 16.69
C GLY L 73 5.81 28.69 17.94
N LEU L 74 4.94 28.48 18.91
CA LEU L 74 5.03 29.17 20.20
C LEU L 74 6.28 28.79 20.99
N ALA L 75 6.72 27.53 20.85
CA ALA L 75 7.99 27.08 21.45
C ALA L 75 9.16 27.89 20.89
N ILE L 76 9.18 28.07 19.57
CA ILE L 76 10.20 28.90 18.93
C ILE L 76 10.06 30.34 19.41
N TYR L 77 8.84 30.88 19.33
CA TYR L 77 8.56 32.25 19.75
C TYR L 77 9.05 32.55 21.18
N ASP L 78 8.67 31.70 22.12
CA ASP L 78 9.08 31.87 23.54
C ASP L 78 10.60 31.84 23.72
N THR L 79 11.27 30.98 22.96
CA THR L 79 12.73 30.88 23.00
C THR L 79 13.39 32.15 22.47
N MET L 80 12.83 32.71 21.39
CA MET L 80 13.30 33.99 20.83
C MET L 80 13.23 35.12 21.86
N GLN L 81 12.12 35.17 22.61
CA GLN L 81 11.98 36.16 23.69
C GLN L 81 12.87 35.84 24.89
N TYR L 82 13.08 34.55 25.16
CA TYR L 82 13.89 34.11 26.31
C TYR L 82 15.37 34.46 26.18
N ILE L 83 15.97 34.20 25.02
CA ILE L 83 17.39 34.52 24.82
C ILE L 83 17.64 36.03 24.81
N LEU L 84 18.84 36.43 25.23
CA LEU L 84 19.18 37.85 25.39
C LEU L 84 19.36 38.58 24.04
N ASN L 85 19.73 37.84 23.00
CA ASN L 85 20.26 38.44 21.77
C ASN L 85 19.24 39.26 20.99
N PRO L 86 19.72 40.26 20.23
CA PRO L 86 18.88 40.80 19.16
C PRO L 86 18.70 39.74 18.07
N ILE L 87 17.49 39.66 17.51
CA ILE L 87 17.19 38.67 16.47
C ILE L 87 16.68 39.40 15.23
N CYS L 88 17.45 39.31 14.15
CA CYS L 88 17.04 39.82 12.86
C CYS L 88 16.24 38.72 12.16
N THR L 89 15.00 39.01 11.78
CA THR L 89 14.18 38.06 11.05
C THR L 89 14.21 38.41 9.56
N TRP L 90 14.25 37.38 8.72
CA TRP L 90 14.40 37.55 7.27
C TRP L 90 13.37 36.68 6.54
N CYS L 91 12.34 37.34 6.01
CA CYS L 91 11.33 36.65 5.22
C CYS L 91 11.78 36.54 3.75
N VAL L 92 12.01 35.31 3.32
CA VAL L 92 12.39 34.97 1.95
C VAL L 92 11.43 33.86 1.50
N GLY L 93 10.85 34.01 0.33
CA GLY L 93 9.82 33.07 -0.15
C GLY L 93 8.48 33.42 0.45
N GLN L 94 8.20 32.88 1.64
CA GLN L 94 6.98 33.23 2.37
C GLN L 94 7.10 33.03 3.89
N ALA L 95 6.25 33.78 4.60
CA ALA L 95 6.04 33.59 6.03
C ALA L 95 4.53 33.58 6.26
N ALA L 96 3.96 32.38 6.34
CA ALA L 96 2.51 32.21 6.50
C ALA L 96 2.18 31.62 7.86
N SER L 97 1.06 32.06 8.43
CA SER L 97 0.56 31.58 9.72
C SER L 97 1.62 31.73 10.83
N MET L 98 2.07 30.64 11.45
CA MET L 98 3.08 30.72 12.51
C MET L 98 4.41 31.30 12.03
N GLY L 99 4.73 31.14 10.75
CA GLY L 99 5.88 31.79 10.14
C GLY L 99 5.88 33.31 10.26
N SER L 100 4.73 33.93 10.06
CA SER L 100 4.58 35.39 10.14
C SER L 100 4.68 35.91 11.58
N LEU L 101 4.21 35.09 12.53
CA LEU L 101 4.36 35.40 13.96
C LEU L 101 5.84 35.46 14.34
N LEU L 102 6.62 34.47 13.91
CA LEU L 102 8.07 34.45 14.16
C LEU L 102 8.77 35.62 13.47
N LEU L 103 8.36 35.94 12.25
CA LEU L 103 8.84 37.12 11.53
C LEU L 103 8.56 38.42 12.30
N ALA L 104 7.33 38.55 12.80
CA ALA L 104 6.93 39.71 13.60
C ALA L 104 7.62 39.79 14.97
N ALA L 105 8.05 38.63 15.48
CA ALA L 105 8.70 38.52 16.80
C ALA L 105 10.18 38.90 16.82
N GLY L 106 10.76 39.25 15.66
CA GLY L 106 12.13 39.75 15.63
C GLY L 106 12.26 41.07 16.39
N THR L 107 13.49 41.38 16.80
CA THR L 107 13.77 42.62 17.53
C THR L 107 13.31 43.82 16.72
N PRO L 108 12.63 44.81 17.37
CA PRO L 108 12.18 45.99 16.61
C PRO L 108 13.29 46.64 15.81
N GLY L 109 12.93 47.12 14.61
CA GLY L 109 13.91 47.63 13.63
C GLY L 109 14.73 46.60 12.86
N MET L 110 14.64 45.31 13.22
CA MET L 110 15.46 44.26 12.63
C MET L 110 14.62 43.18 11.93
N ARG L 111 13.39 43.51 11.57
CA ARG L 111 12.49 42.57 10.91
C ARG L 111 12.43 42.88 9.43
N HIS L 112 12.92 41.95 8.60
CA HIS L 112 13.15 42.20 7.18
C HIS L 112 12.35 41.27 6.27
N SER L 113 12.10 41.75 5.05
CA SER L 113 11.59 40.92 3.96
C SER L 113 12.27 41.30 2.63
N LEU L 114 12.50 40.30 1.80
CA LEU L 114 12.97 40.52 0.42
C LEU L 114 11.77 40.89 -0.46
N PRO L 115 12.01 41.49 -1.65
CA PRO L 115 10.93 42.20 -2.35
C PRO L 115 9.72 41.37 -2.81
N ASN L 116 9.93 40.11 -3.15
CA ASN L 116 8.86 39.24 -3.70
C ASN L 116 8.26 38.23 -2.70
N SER L 117 8.61 38.34 -1.42
CA SER L 117 8.04 37.48 -0.38
C SER L 117 6.55 37.73 -0.20
N ARG L 118 5.84 36.72 0.32
CA ARG L 118 4.42 36.89 0.71
C ARG L 118 4.24 36.56 2.19
N ILE L 119 3.43 37.36 2.88
CA ILE L 119 3.23 37.25 4.33
C ILE L 119 1.75 37.02 4.60
N MET L 120 1.43 36.04 5.45
CA MET L 120 0.05 35.75 5.86
C MET L 120 -0.02 35.53 7.36
N ILE L 121 -0.94 36.25 8.02
CA ILE L 121 -1.23 36.02 9.45
C ILE L 121 -2.49 35.16 9.67
N HIS L 122 -3.26 34.93 8.61
CA HIS L 122 -4.38 34.00 8.62
C HIS L 122 -3.93 32.55 8.89
N GLN L 123 -4.69 31.84 9.72
CA GLN L 123 -4.48 30.41 10.01
C GLN L 123 -5.40 29.61 9.10
N PRO L 124 -4.85 28.66 8.31
CA PRO L 124 -5.61 28.12 7.18
C PRO L 124 -6.65 27.06 7.54
N ALA L 139 -11.76 22.21 21.33
CA ALA L 139 -12.72 23.25 20.99
C ALA L 139 -12.46 24.51 21.82
N GLU L 140 -12.40 24.34 23.15
CA GLU L 140 -12.01 25.42 24.07
C GLU L 140 -10.51 25.70 24.01
N GLU L 141 -9.71 24.66 23.75
CA GLU L 141 -8.24 24.79 23.66
C GLU L 141 -7.82 25.63 22.46
N ILE L 142 -8.35 25.29 21.28
CA ILE L 142 -8.00 26.02 20.05
C ILE L 142 -8.37 27.51 20.15
N MET L 143 -9.46 27.82 20.88
CA MET L 143 -9.85 29.20 21.18
C MET L 143 -8.83 29.92 22.09
N LYS L 144 -8.36 29.24 23.13
CA LYS L 144 -7.33 29.78 24.03
C LYS L 144 -6.02 30.05 23.29
N LEU L 145 -5.58 29.10 22.47
CA LEU L 145 -4.41 29.28 21.61
C LEU L 145 -4.60 30.44 20.64
N LYS L 146 -5.78 30.55 20.06
CA LYS L 146 -6.11 31.66 19.15
C LYS L 146 -5.97 33.02 19.84
N LYS L 147 -6.49 33.13 21.07
CA LYS L 147 -6.33 34.36 21.87
C LYS L 147 -4.86 34.66 22.20
N GLN L 148 -4.08 33.61 22.47
CA GLN L 148 -2.63 33.76 22.69
C GLN L 148 -1.93 34.34 21.45
N LEU L 149 -2.33 33.89 20.27
CA LEU L 149 -1.80 34.42 19.01
C LEU L 149 -2.20 35.89 18.82
N TYR L 150 -3.46 36.23 19.09
CA TYR L 150 -3.93 37.62 19.02
C TYR L 150 -3.12 38.55 19.91
N ASN L 151 -2.83 38.09 21.14
CA ASN L 151 -2.03 38.85 22.09
C ASN L 151 -0.59 39.05 21.61
N ILE L 152 0.01 38.01 21.03
CA ILE L 152 1.38 38.07 20.52
C ILE L 152 1.48 39.02 19.31
N TYR L 153 0.55 38.87 18.36
CA TYR L 153 0.53 39.76 17.19
C TYR L 153 0.31 41.22 17.57
N ALA L 154 -0.64 41.46 18.48
CA ALA L 154 -0.94 42.82 18.97
C ALA L 154 0.27 43.49 19.58
N LYS L 155 0.99 42.75 20.43
CA LYS L 155 2.23 43.21 21.06
C LYS L 155 3.28 43.64 20.03
N HIS L 156 3.55 42.75 19.07
CA HIS L 156 4.65 42.97 18.13
C HIS L 156 4.31 43.86 16.93
N THR L 157 3.04 43.90 16.52
CA THR L 157 2.59 44.77 15.43
C THR L 157 2.10 46.16 15.88
N LYS L 158 1.79 46.31 17.16
CA LYS L 158 1.14 47.51 17.72
C LYS L 158 -0.29 47.74 17.20
N GLN L 159 -0.93 46.69 16.67
CA GLN L 159 -2.32 46.76 16.25
C GLN L 159 -3.21 46.33 17.41
N SER L 160 -4.44 46.79 17.42
CA SER L 160 -5.42 46.39 18.43
C SER L 160 -5.82 44.93 18.26
N LEU L 161 -6.35 44.34 19.34
CA LEU L 161 -6.80 42.95 19.31
C LEU L 161 -7.93 42.72 18.29
N GLN L 162 -8.78 43.72 18.09
CA GLN L 162 -9.85 43.65 17.09
C GLN L 162 -9.32 43.70 15.65
N VAL L 163 -8.31 44.53 15.40
CA VAL L 163 -7.67 44.62 14.07
C VAL L 163 -6.94 43.31 13.72
N ILE L 164 -6.29 42.71 14.71
CA ILE L 164 -5.61 41.42 14.52
C ILE L 164 -6.64 40.30 14.26
N GLU L 165 -7.66 40.25 15.11
CA GLU L 165 -8.73 39.25 14.99
C GLU L 165 -9.38 39.29 13.62
N SER L 166 -9.80 40.48 13.18
CA SER L 166 -10.44 40.66 11.87
C SER L 166 -9.51 40.32 10.72
N ALA L 167 -8.25 40.71 10.82
CA ALA L 167 -7.25 40.40 9.80
C ALA L 167 -6.97 38.90 9.67
N MET L 168 -6.82 38.21 10.80
CA MET L 168 -6.55 36.76 10.80
C MET L 168 -7.71 35.90 10.26
N GLU L 169 -8.91 36.45 10.27
CA GLU L 169 -10.08 35.79 9.70
C GLU L 169 -10.06 35.80 8.15
N ARG L 170 -9.37 36.77 7.55
CA ARG L 170 -9.39 36.97 6.11
C ARG L 170 -8.29 36.17 5.42
N ASP L 171 -8.70 35.27 4.52
CA ASP L 171 -7.77 34.41 3.80
C ASP L 171 -7.13 35.23 2.66
N ARG L 172 -5.98 35.83 2.97
CA ARG L 172 -5.23 36.62 1.99
C ARG L 172 -3.78 36.79 2.44
N TYR L 173 -2.91 37.06 1.46
CA TYR L 173 -1.52 37.40 1.76
C TYR L 173 -1.30 38.91 1.63
N MET L 174 -0.28 39.39 2.34
CA MET L 174 0.19 40.74 2.25
C MET L 174 1.50 40.74 1.48
N SER L 175 1.71 41.80 0.68
CA SER L 175 3.03 42.12 0.16
C SER L 175 3.94 42.57 1.30
N PRO L 176 5.27 42.57 1.08
CA PRO L 176 6.19 43.07 2.12
C PRO L 176 5.87 44.48 2.62
N MET L 177 5.50 45.39 1.72
CA MET L 177 5.13 46.76 2.07
C MET L 177 3.82 46.82 2.87
N GLU L 178 2.86 45.97 2.53
CA GLU L 178 1.62 45.84 3.32
C GLU L 178 1.91 45.33 4.74
N ALA L 179 2.76 44.31 4.82
CA ALA L 179 3.20 43.78 6.12
C ALA L 179 3.96 44.83 6.95
N GLN L 180 4.75 45.67 6.27
CA GLN L 180 5.45 46.79 6.91
C GLN L 180 4.47 47.78 7.55
N GLU L 181 3.46 48.21 6.78
CA GLU L 181 2.45 49.16 7.28
C GLU L 181 1.57 48.55 8.38
N PHE L 182 1.38 47.23 8.35
CA PHE L 182 0.62 46.52 9.38
C PHE L 182 1.39 46.38 10.70
N GLY L 183 2.72 46.36 10.64
CA GLY L 183 3.58 46.23 11.82
C GLY L 183 4.29 44.88 11.97
N ILE L 184 4.12 43.98 10.99
CA ILE L 184 4.79 42.67 11.00
C ILE L 184 6.31 42.80 10.75
N LEU L 185 6.72 43.75 9.92
CA LEU L 185 8.14 43.96 9.64
C LEU L 185 8.51 45.44 9.52
N ASP L 186 9.82 45.70 9.50
CA ASP L 186 10.36 47.05 9.52
C ASP L 186 10.95 47.49 8.18
N LYS L 187 11.71 46.60 7.52
CA LYS L 187 12.42 46.94 6.29
C LYS L 187 12.15 45.97 5.13
N VAL L 188 11.77 46.52 3.98
CA VAL L 188 11.72 45.78 2.72
C VAL L 188 12.97 46.17 1.94
N LEU L 189 13.89 45.22 1.78
CA LEU L 189 15.19 45.47 1.17
C LEU L 189 15.32 44.79 -0.20
N VAL L 190 15.90 45.51 -1.17
CA VAL L 190 16.24 44.96 -2.49
C VAL L 190 17.66 44.41 -2.44
N HIS L 191 18.58 45.23 -1.93
CA HIS L 191 19.96 44.82 -1.60
C HIS L 191 20.26 45.29 -0.17
N PRO L 192 21.46 44.98 0.36
CA PRO L 192 21.92 45.64 1.59
C PRO L 192 22.13 47.16 1.38
N PRO L 193 21.89 48.00 2.41
CA PRO L 193 22.01 49.47 2.25
C PRO L 193 23.38 49.95 1.75
N ILE M 19 24.62 18.52 16.42
CA ILE M 19 24.14 19.47 17.48
C ILE M 19 23.50 18.76 18.70
N TYR M 20 23.00 17.54 18.51
CA TYR M 20 22.53 16.70 19.61
C TYR M 20 23.64 16.31 20.59
N SER M 21 24.87 16.21 20.09
CA SER M 21 26.06 15.95 20.92
C SER M 21 26.38 17.13 21.84
N ARG M 22 26.31 18.35 21.28
CA ARG M 22 26.64 19.58 22.02
C ARG M 22 25.69 19.86 23.19
N LEU M 23 24.43 19.46 23.06
CA LEU M 23 23.43 19.60 24.14
C LEU M 23 23.82 18.83 25.41
N LEU M 24 24.32 17.60 25.24
CA LEU M 24 24.85 16.81 26.36
C LEU M 24 26.00 17.52 27.09
N ARG M 25 26.90 18.14 26.34
CA ARG M 25 28.01 18.92 26.91
C ARG M 25 27.54 20.04 27.86
N GLU M 26 26.38 20.62 27.56
CA GLU M 26 25.76 21.64 28.43
C GLU M 26 24.72 21.08 29.41
N ARG M 27 24.72 19.76 29.60
CA ARG M 27 23.84 19.05 30.53
C ARG M 27 22.35 19.26 30.23
N ILE M 28 22.02 19.17 28.93
CA ILE M 28 20.64 19.31 28.45
C ILE M 28 20.18 17.97 27.88
N VAL M 29 19.03 17.49 28.34
CA VAL M 29 18.40 16.28 27.83
C VAL M 29 17.03 16.67 27.28
N CYS M 30 16.64 16.05 26.16
CA CYS M 30 15.44 16.44 25.42
C CYS M 30 14.41 15.32 25.40
N VAL M 31 13.22 15.60 25.93
CA VAL M 31 12.06 14.71 25.79
C VAL M 31 11.16 15.37 24.74
N MET M 32 11.38 14.98 23.48
CA MET M 32 10.75 15.58 22.31
C MET M 32 9.74 14.64 21.67
N GLY M 33 8.52 15.13 21.46
CA GLY M 33 7.50 14.36 20.74
C GLY M 33 6.96 13.19 21.54
N PRO M 34 6.26 12.26 20.86
CA PRO M 34 5.63 11.15 21.59
C PRO M 34 6.64 10.31 22.35
N ILE M 35 6.34 10.00 23.61
CA ILE M 35 7.19 9.17 24.45
C ILE M 35 6.88 7.70 24.15
N ASP M 36 7.90 6.94 23.77
CA ASP M 36 7.81 5.47 23.72
C ASP M 36 9.08 4.87 24.31
N ASP M 37 9.19 3.54 24.29
CA ASP M 37 10.34 2.86 24.89
C ASP M 37 11.69 3.28 24.30
N SER M 38 11.74 3.55 22.99
CA SER M 38 12.98 3.99 22.36
C SER M 38 13.39 5.40 22.82
N VAL M 39 12.42 6.30 22.97
CA VAL M 39 12.68 7.65 23.50
C VAL M 39 13.14 7.56 24.96
N ALA M 40 12.43 6.76 25.76
CA ALA M 40 12.75 6.57 27.19
C ALA M 40 14.16 6.03 27.38
N SER M 41 14.49 4.98 26.64
CA SER M 41 15.81 4.34 26.68
C SER M 41 16.93 5.35 26.42
N LEU M 42 16.77 6.16 25.37
CA LEU M 42 17.74 7.20 25.02
C LEU M 42 17.87 8.26 26.12
N VAL M 43 16.73 8.79 26.59
CA VAL M 43 16.71 9.80 27.66
C VAL M 43 17.36 9.27 28.95
N ILE M 44 17.05 8.03 29.28
CA ILE M 44 17.61 7.34 30.45
C ILE M 44 19.15 7.22 30.36
N ALA M 45 19.67 6.85 29.20
CA ALA M 45 21.11 6.77 28.97
C ALA M 45 21.80 8.12 29.18
N GLN M 46 21.20 9.18 28.65
CA GLN M 46 21.73 10.54 28.81
C GLN M 46 21.74 11.01 30.27
N LEU M 47 20.69 10.67 31.02
CA LEU M 47 20.60 11.02 32.45
C LEU M 47 21.73 10.37 33.28
N LEU M 48 22.05 9.12 32.96
CA LEU M 48 23.13 8.40 33.63
C LEU M 48 24.52 8.92 33.22
N PHE M 49 24.66 9.36 31.97
CA PHE M 49 25.87 10.03 31.49
C PHE M 49 26.15 11.31 32.28
N LEU M 50 25.12 12.14 32.41
CA LEU M 50 25.26 13.41 33.12
C LEU M 50 25.49 13.24 34.63
N GLN M 51 25.06 12.10 35.17
CA GLN M 51 25.36 11.72 36.56
C GLN M 51 26.84 11.37 36.74
N SER M 52 27.38 10.57 35.82
CA SER M 52 28.80 10.17 35.86
C SER M 52 29.75 11.37 35.91
N GLU M 53 29.48 12.37 35.07
CA GLU M 53 30.33 13.56 34.98
C GLU M 53 30.24 14.45 36.24
N SER M 54 29.05 14.51 36.85
CA SER M 54 28.87 15.21 38.12
C SER M 54 27.58 14.77 38.80
N ASN M 55 27.64 14.56 40.11
CA ASN M 55 26.49 14.12 40.91
C ASN M 55 25.68 15.29 41.48
N LYS M 56 26.29 16.47 41.61
CA LYS M 56 25.61 17.66 42.14
C LYS M 56 25.21 18.72 41.10
N LYS M 57 25.81 18.69 39.91
CA LYS M 57 25.59 19.77 38.92
C LYS M 57 24.25 19.54 38.20
N PRO M 58 23.39 20.58 38.13
CA PRO M 58 22.04 20.44 37.54
C PRO M 58 21.98 19.83 36.14
N ILE M 59 20.93 19.05 35.88
CA ILE M 59 20.59 18.57 34.53
C ILE M 59 19.35 19.34 34.07
N HIS M 60 19.36 19.76 32.80
CA HIS M 60 18.23 20.50 32.22
C HIS M 60 17.42 19.59 31.30
N MET M 61 16.16 19.32 31.67
CA MET M 61 15.27 18.49 30.87
C MET M 61 14.30 19.36 30.06
N TYR M 62 14.53 19.43 28.76
CA TYR M 62 13.61 20.08 27.81
C TYR M 62 12.43 19.15 27.56
N ILE M 63 11.22 19.61 27.85
CA ILE M 63 9.99 18.83 27.60
C ILE M 63 9.09 19.55 26.61
N ASN M 64 8.98 18.97 25.41
CA ASN M 64 8.03 19.40 24.40
C ASN M 64 7.39 18.14 23.83
N SER M 65 6.26 17.75 24.41
CA SER M 65 5.71 16.42 24.17
C SER M 65 4.21 16.34 24.43
N PRO M 66 3.46 15.68 23.52
CA PRO M 66 2.04 15.39 23.79
C PRO M 66 1.80 14.21 24.76
N GLY M 67 2.87 13.54 25.19
CA GLY M 67 2.78 12.42 26.13
C GLY M 67 3.13 11.15 25.41
N GLY M 68 2.53 10.04 25.82
CA GLY M 68 2.76 8.75 25.16
C GLY M 68 2.61 7.58 26.10
N VAL M 69 3.48 6.58 25.91
CA VAL M 69 3.33 5.28 26.56
C VAL M 69 3.60 5.43 28.06
N VAL M 70 2.69 4.91 28.88
CA VAL M 70 2.73 5.12 30.34
C VAL M 70 3.96 4.50 30.99
N THR M 71 4.23 3.22 30.72
CA THR M 71 5.41 2.55 31.32
C THR M 71 6.72 3.17 30.86
N ALA M 72 6.77 3.65 29.62
CA ALA M 72 7.92 4.39 29.10
C ALA M 72 8.14 5.70 29.86
N GLY M 73 7.06 6.42 30.13
CA GLY M 73 7.11 7.63 30.95
C GLY M 73 7.52 7.35 32.39
N LEU M 74 6.97 6.28 32.97
CA LEU M 74 7.34 5.87 34.33
C LEU M 74 8.82 5.44 34.41
N ALA M 75 9.35 4.86 33.33
CA ALA M 75 10.76 4.50 33.24
C ALA M 75 11.65 5.74 33.33
N ILE M 76 11.28 6.78 32.57
CA ILE M 76 11.98 8.06 32.63
C ILE M 76 11.80 8.66 34.04
N TYR M 77 10.57 8.66 34.55
CA TYR M 77 10.27 9.22 35.87
C TYR M 77 11.15 8.62 36.97
N ASP M 78 11.18 7.28 37.03
CA ASP M 78 11.95 6.57 38.05
C ASP M 78 13.45 6.85 37.98
N THR M 79 13.98 6.95 36.76
CA THR M 79 15.39 7.27 36.54
C THR M 79 15.70 8.69 37.03
N MET M 80 14.81 9.64 36.74
CA MET M 80 14.94 11.01 37.25
C MET M 80 15.07 11.03 38.78
N GLN M 81 14.25 10.24 39.47
CA GLN M 81 14.30 10.16 40.94
C GLN M 81 15.54 9.39 41.42
N TYR M 82 15.93 8.35 40.69
CA TYR M 82 17.07 7.50 41.05
C TYR M 82 18.41 8.24 41.03
N ILE M 83 18.67 9.01 39.98
CA ILE M 83 19.94 9.76 39.89
C ILE M 83 20.02 10.81 40.99
N LEU M 84 21.25 11.12 41.40
CA LEU M 84 21.50 12.10 42.46
C LEU M 84 21.21 13.54 42.02
N ASN M 85 21.34 13.80 40.73
CA ASN M 85 21.39 15.17 40.20
C ASN M 85 20.12 15.97 40.42
N PRO M 86 20.25 17.28 40.71
CA PRO M 86 19.13 18.18 40.55
C PRO M 86 18.71 18.22 39.08
N ILE M 87 17.40 18.11 38.83
CA ILE M 87 16.88 18.12 37.46
C ILE M 87 16.00 19.34 37.30
N CYS M 88 16.41 20.25 36.43
CA CYS M 88 15.59 21.39 36.03
C CYS M 88 14.74 20.97 34.84
N THR M 89 13.41 20.94 35.01
CA THR M 89 12.50 20.65 33.92
C THR M 89 12.04 21.97 33.28
N TRP M 90 11.93 21.97 31.95
CA TRP M 90 11.55 23.15 31.18
C TRP M 90 10.47 22.78 30.18
N CYS M 91 9.25 23.24 30.44
CA CYS M 91 8.14 23.05 29.50
C CYS M 91 8.15 24.15 28.45
N VAL M 92 8.34 23.74 27.21
CA VAL M 92 8.29 24.66 26.07
C VAL M 92 7.45 24.02 24.98
N GLY M 93 6.57 24.81 24.36
CA GLY M 93 5.57 24.27 23.44
C GLY M 93 4.46 23.65 24.24
N GLN M 94 4.63 22.40 24.66
CA GLN M 94 3.65 21.74 25.51
C GLN M 94 4.23 20.60 26.35
N ALA M 95 3.54 20.29 27.45
CA ALA M 95 3.76 19.05 28.19
C ALA M 95 2.39 18.45 28.51
N ALA M 96 1.98 17.44 27.74
CA ALA M 96 0.67 16.81 27.92
C ALA M 96 0.84 15.36 28.37
N SER M 97 -0.13 14.88 29.14
CA SER M 97 -0.18 13.49 29.62
C SER M 97 1.13 13.15 30.37
N MET M 98 1.85 12.10 29.97
CA MET M 98 3.09 11.71 30.65
C MET M 98 4.16 12.80 30.61
N GLY M 99 4.14 13.66 29.61
CA GLY M 99 5.02 14.84 29.56
C GLY M 99 4.86 15.76 30.77
N SER M 100 3.62 15.99 31.19
CA SER M 100 3.35 16.83 32.38
C SER M 100 3.77 16.14 33.68
N LEU M 101 3.71 14.81 33.71
CA LEU M 101 4.20 14.05 34.85
C LEU M 101 5.71 14.29 35.00
N LEU M 102 6.44 14.20 33.90
CA LEU M 102 7.90 14.41 33.90
C LEU M 102 8.25 15.85 34.26
N LEU M 103 7.51 16.81 33.71
CA LEU M 103 7.63 18.22 34.10
C LEU M 103 7.49 18.40 35.61
N ALA M 104 6.44 17.79 36.17
CA ALA M 104 6.17 17.83 37.62
C ALA M 104 7.20 17.07 38.47
N ALA M 105 7.92 16.13 37.87
CA ALA M 105 8.89 15.30 38.56
C ALA M 105 10.29 15.92 38.71
N GLY M 106 10.49 17.13 38.19
CA GLY M 106 11.75 17.85 38.39
C GLY M 106 12.00 18.17 39.86
N THR M 107 13.22 18.55 40.17
CA THR M 107 13.61 18.86 41.55
C THR M 107 12.82 20.07 42.05
N PRO M 108 12.26 20.01 43.28
CA PRO M 108 11.49 21.13 43.83
C PRO M 108 12.17 22.49 43.66
N GLY M 109 11.41 23.48 43.20
CA GLY M 109 11.92 24.80 42.86
C GLY M 109 12.60 24.98 41.51
N MET M 110 12.80 23.89 40.77
CA MET M 110 13.51 23.91 39.48
C MET M 110 12.63 23.41 38.32
N ARG M 111 11.32 23.62 38.45
CA ARG M 111 10.36 23.18 37.44
C ARG M 111 9.80 24.43 36.78
N HIS M 112 10.09 24.58 35.48
CA HIS M 112 9.85 25.82 34.76
C HIS M 112 8.97 25.63 33.54
N SER M 113 8.29 26.71 33.15
CA SER M 113 7.64 26.82 31.85
C SER M 113 7.87 28.20 31.26
N LEU M 114 7.97 28.27 29.93
CA LEU M 114 7.92 29.56 29.23
C LEU M 114 6.45 30.02 29.12
N PRO M 115 6.23 31.33 28.83
CA PRO M 115 4.89 31.91 29.00
C PRO M 115 3.74 31.34 28.18
N ASN M 116 4.02 30.83 26.98
CA ASN M 116 2.97 30.36 26.07
C ASN M 116 2.81 28.84 25.96
N SER M 117 3.49 28.09 26.83
CA SER M 117 3.35 26.63 26.85
C SER M 117 1.95 26.23 27.30
N ARG M 118 1.52 25.04 26.88
CA ARG M 118 0.27 24.44 27.38
C ARG M 118 0.61 23.17 28.14
N ILE M 119 -0.03 22.97 29.30
CA ILE M 119 0.20 21.81 30.16
C ILE M 119 -1.13 21.06 30.33
N MET M 120 -1.10 19.74 30.15
CA MET M 120 -2.29 18.90 30.30
C MET M 120 -1.94 17.65 31.12
N ILE M 121 -2.65 17.44 32.23
CA ILE M 121 -2.48 16.19 33.00
C ILE M 121 -3.45 15.10 32.60
N HIS M 122 -4.49 15.45 31.85
CA HIS M 122 -5.39 14.49 31.22
C HIS M 122 -4.65 13.53 30.27
N GLN M 123 -5.06 12.27 30.26
CA GLN M 123 -4.42 11.24 29.43
C GLN M 123 -5.06 11.22 28.03
N ILE M 137 -3.22 -4.62 27.82
CA ILE M 137 -3.28 -4.69 29.28
C ILE M 137 -4.72 -4.90 29.75
N GLN M 138 -4.89 -5.70 30.80
CA GLN M 138 -6.21 -5.99 31.37
C GLN M 138 -6.80 -4.78 32.10
N ALA M 139 -8.10 -4.84 32.36
CA ALA M 139 -8.85 -3.73 32.99
C ALA M 139 -8.28 -3.35 34.36
N GLU M 140 -7.97 -4.35 35.17
CA GLU M 140 -7.35 -4.15 36.49
C GLU M 140 -5.99 -3.44 36.39
N GLU M 141 -5.21 -3.79 35.36
CA GLU M 141 -3.88 -3.24 35.17
C GLU M 141 -3.87 -1.77 34.75
N ILE M 142 -4.80 -1.38 33.87
CA ILE M 142 -4.90 0.01 33.44
C ILE M 142 -5.30 0.87 34.64
N MET M 143 -6.15 0.32 35.52
CA MET M 143 -6.51 0.97 36.78
C MET M 143 -5.34 1.05 37.76
N LYS M 144 -4.59 -0.04 37.90
CA LYS M 144 -3.40 -0.05 38.76
C LYS M 144 -2.34 0.97 38.33
N LEU M 145 -2.09 1.07 37.03
CA LEU M 145 -1.20 2.10 36.48
C LEU M 145 -1.74 3.52 36.72
N LYS M 146 -3.06 3.69 36.62
CA LYS M 146 -3.69 4.98 36.85
C LYS M 146 -3.51 5.45 38.30
N LYS M 147 -3.67 4.53 39.25
CA LYS M 147 -3.42 4.84 40.67
C LYS M 147 -1.96 5.21 40.92
N GLN M 148 -1.03 4.50 40.26
CA GLN M 148 0.38 4.86 40.32
C GLN M 148 0.59 6.31 39.85
N LEU M 149 -0.08 6.70 38.77
CA LEU M 149 0.02 8.07 38.25
C LEU M 149 -0.56 9.09 39.26
N TYR M 150 -1.70 8.77 39.86
CA TYR M 150 -2.29 9.63 40.90
C TYR M 150 -1.33 9.84 42.06
N ASN M 151 -0.69 8.75 42.50
CA ASN M 151 0.26 8.81 43.63
C ASN M 151 1.49 9.65 43.31
N ILE M 152 2.00 9.55 42.08
CA ILE M 152 3.14 10.34 41.64
C ILE M 152 2.80 11.84 41.61
N TYR M 153 1.67 12.18 41.01
CA TYR M 153 1.20 13.57 40.99
C TYR M 153 0.95 14.11 42.40
N ALA M 154 0.43 13.27 43.30
CA ALA M 154 0.21 13.66 44.70
C ALA M 154 1.53 14.00 45.40
N LYS M 155 2.53 13.15 45.21
CA LYS M 155 3.87 13.35 45.75
C LYS M 155 4.51 14.66 45.28
N HIS M 156 4.38 14.98 43.99
CA HIS M 156 5.07 16.13 43.42
C HIS M 156 4.25 17.43 43.40
N THR M 157 2.93 17.33 43.23
CA THR M 157 2.06 18.53 43.21
C THR M 157 1.48 18.89 44.57
N LYS M 158 1.49 17.94 45.52
CA LYS M 158 0.88 18.10 46.86
C LYS M 158 -0.65 18.20 46.87
N GLN M 159 -1.30 17.95 45.72
CA GLN M 159 -2.75 17.94 45.63
C GLN M 159 -3.26 16.60 46.13
N SER M 160 -4.55 16.56 46.45
CA SER M 160 -5.20 15.36 46.93
C SER M 160 -5.40 14.37 45.77
N LEU M 161 -5.55 13.10 46.12
CA LEU M 161 -5.83 12.05 45.14
C LEU M 161 -7.19 12.27 44.45
N GLN M 162 -8.18 12.74 45.22
CA GLN M 162 -9.49 13.13 44.67
C GLN M 162 -9.35 14.25 43.64
N VAL M 163 -8.56 15.28 43.94
CA VAL M 163 -8.37 16.41 43.04
C VAL M 163 -7.62 16.01 41.76
N ILE M 164 -6.57 15.20 41.91
CA ILE M 164 -5.79 14.72 40.76
C ILE M 164 -6.65 13.85 39.83
N GLU M 165 -7.43 12.95 40.42
CA GLU M 165 -8.36 12.11 39.66
C GLU M 165 -9.35 12.96 38.84
N SER M 166 -9.95 13.94 39.52
CA SER M 166 -10.83 14.92 38.87
C SER M 166 -10.16 15.65 37.71
N ALA M 167 -8.94 16.15 37.94
CA ALA M 167 -8.22 16.93 36.94
C ALA M 167 -7.74 16.06 35.76
N MET M 168 -7.32 14.83 36.03
CA MET M 168 -6.91 13.90 34.97
C MET M 168 -8.06 13.46 34.06
N GLU M 169 -9.29 13.57 34.58
CA GLU M 169 -10.49 13.25 33.83
C GLU M 169 -10.91 14.35 32.82
N ARG M 170 -10.44 15.58 33.02
CA ARG M 170 -10.91 16.73 32.25
C ARG M 170 -10.01 17.03 31.07
N ASP M 171 -10.58 16.89 29.87
CA ASP M 171 -9.87 17.17 28.63
C ASP M 171 -9.76 18.68 28.39
N ARG M 172 -8.79 19.28 29.08
CA ARG M 172 -8.45 20.69 28.89
C ARG M 172 -6.97 20.92 29.16
N TYR M 173 -6.44 22.02 28.65
CA TYR M 173 -5.07 22.43 28.93
C TYR M 173 -5.08 23.51 30.00
N MET M 174 -3.98 23.59 30.75
CA MET M 174 -3.74 24.62 31.73
C MET M 174 -2.71 25.57 31.16
N SER M 175 -2.88 26.85 31.48
CA SER M 175 -1.83 27.83 31.26
C SER M 175 -0.65 27.52 32.20
N PRO M 176 0.52 28.13 31.94
CA PRO M 176 1.64 27.94 32.87
C PRO M 176 1.34 28.37 34.31
N MET M 177 0.64 29.49 34.48
CA MET M 177 0.22 29.94 35.82
C MET M 177 -0.71 28.95 36.51
N GLU M 178 -1.68 28.41 35.77
CA GLU M 178 -2.60 27.40 36.30
C GLU M 178 -1.85 26.12 36.71
N ALA M 179 -0.91 25.69 35.88
CA ALA M 179 -0.04 24.55 36.20
C ALA M 179 0.82 24.81 37.45
N GLN M 180 1.28 26.06 37.60
CA GLN M 180 2.03 26.47 38.77
C GLN M 180 1.15 26.45 40.03
N GLU M 181 -0.06 26.97 39.90
CA GLU M 181 -1.06 26.93 40.97
C GLU M 181 -1.40 25.48 41.37
N PHE M 182 -1.45 24.57 40.39
CA PHE M 182 -1.70 23.15 40.63
C PHE M 182 -0.57 22.45 41.38
N GLY M 183 0.65 22.95 41.25
CA GLY M 183 1.85 22.32 41.80
C GLY M 183 2.62 21.45 40.82
N ILE M 184 2.30 21.57 39.53
CA ILE M 184 3.05 20.91 38.45
C ILE M 184 4.39 21.59 38.21
N LEU M 185 4.43 22.91 38.33
CA LEU M 185 5.68 23.65 38.13
C LEU M 185 5.82 24.78 39.14
N ASP M 186 7.04 25.34 39.21
CA ASP M 186 7.40 26.36 40.21
C ASP M 186 7.49 27.80 39.68
N LYS M 187 8.00 27.95 38.46
CA LYS M 187 8.25 29.27 37.88
C LYS M 187 7.80 29.36 36.43
N VAL M 188 7.11 30.45 36.10
CA VAL M 188 6.81 30.81 34.72
C VAL M 188 7.76 31.96 34.35
N LEU M 189 8.70 31.69 33.44
CA LEU M 189 9.76 32.64 33.10
C LEU M 189 9.64 33.17 31.68
N VAL M 190 9.65 34.50 31.55
CA VAL M 190 9.71 35.17 30.24
C VAL M 190 11.17 35.28 29.81
N HIS M 191 12.02 35.75 30.73
CA HIS M 191 13.47 35.89 30.51
C HIS M 191 14.22 35.19 31.66
N PRO M 192 15.56 35.00 31.52
CA PRO M 192 16.35 34.52 32.66
C PRO M 192 16.33 35.51 33.83
N PRO M 193 16.25 35.01 35.08
CA PRO M 193 16.16 35.90 36.25
C PRO M 193 17.51 36.52 36.61
N ILE N 19 25.27 6.41 22.06
CA ILE N 19 25.09 6.42 23.55
C ILE N 19 25.18 5.01 24.17
N TYR N 20 24.69 4.00 23.45
CA TYR N 20 24.75 2.61 23.92
C TYR N 20 26.18 2.04 23.89
N SER N 21 27.04 2.62 23.05
CA SER N 21 28.47 2.29 23.03
C SER N 21 29.21 2.89 24.23
N ARG N 22 28.84 4.13 24.61
CA ARG N 22 29.34 4.73 25.86
C ARG N 22 28.91 3.93 27.09
N LEU N 23 27.64 3.51 27.10
CA LEU N 23 27.10 2.63 28.14
C LEU N 23 27.89 1.33 28.27
N LEU N 24 28.28 0.77 27.13
CA LEU N 24 29.07 -0.47 27.10
C LEU N 24 30.42 -0.34 27.84
N ARG N 25 31.04 0.84 27.77
CA ARG N 25 32.27 1.11 28.56
C ARG N 25 32.03 1.21 30.08
N GLU N 26 30.78 1.44 30.49
CA GLU N 26 30.38 1.38 31.90
C GLU N 26 29.87 0.00 32.35
N ARG N 27 30.06 -1.02 31.50
CA ARG N 27 29.60 -2.39 31.76
C ARG N 27 28.06 -2.48 31.86
N ILE N 28 27.38 -1.66 31.06
CA ILE N 28 25.92 -1.63 30.98
C ILE N 28 25.49 -2.25 29.65
N VAL N 29 24.57 -3.20 29.73
CA VAL N 29 23.94 -3.80 28.56
C VAL N 29 22.44 -3.49 28.65
N CYS N 30 21.84 -3.12 27.52
CA CYS N 30 20.43 -2.74 27.49
C CYS N 30 19.60 -3.77 26.74
N VAL N 31 18.64 -4.38 27.44
CA VAL N 31 17.63 -5.23 26.84
C VAL N 31 16.39 -4.35 26.76
N MET N 32 16.27 -3.65 25.63
CA MET N 32 15.25 -2.65 25.42
C MET N 32 14.31 -3.10 24.30
N GLY N 33 13.01 -2.93 24.53
CA GLY N 33 12.01 -3.21 23.51
C GLY N 33 11.73 -4.71 23.35
N PRO N 34 10.99 -5.07 22.29
CA PRO N 34 10.72 -6.48 21.99
C PRO N 34 12.01 -7.28 21.77
N ILE N 35 12.08 -8.46 22.38
CA ILE N 35 13.22 -9.34 22.21
C ILE N 35 13.02 -10.16 20.94
N ASP N 36 13.96 -10.06 20.03
CA ASP N 36 14.03 -10.93 18.85
C ASP N 36 15.48 -11.41 18.68
N ASP N 37 15.74 -12.14 17.61
CA ASP N 37 17.08 -12.70 17.36
C ASP N 37 18.17 -11.63 17.20
N SER N 38 17.86 -10.50 16.58
CA SER N 38 18.83 -9.41 16.40
C SER N 38 19.18 -8.72 17.73
N VAL N 39 18.19 -8.48 18.58
CA VAL N 39 18.44 -7.92 19.92
C VAL N 39 19.25 -8.91 20.78
N ALA N 40 18.88 -10.19 20.72
CA ALA N 40 19.55 -11.23 21.50
C ALA N 40 21.03 -11.38 21.12
N SER N 41 21.29 -11.51 19.82
CA SER N 41 22.66 -11.66 19.34
C SER N 41 23.57 -10.48 19.74
N LEU N 42 23.02 -9.27 19.70
CA LEU N 42 23.76 -8.07 20.11
C LEU N 42 24.05 -8.05 21.62
N VAL N 43 23.03 -8.35 22.43
CA VAL N 43 23.18 -8.48 23.89
C VAL N 43 24.19 -9.59 24.21
N ILE N 44 24.07 -10.71 23.51
CA ILE N 44 24.98 -11.85 23.70
C ILE N 44 26.43 -11.48 23.35
N ALA N 45 26.63 -10.78 22.24
CA ALA N 45 27.96 -10.28 21.87
C ALA N 45 28.53 -9.37 22.95
N GLN N 46 27.71 -8.43 23.42
CA GLN N 46 28.12 -7.48 24.46
C GLN N 46 28.49 -8.16 25.78
N LEU N 47 27.75 -9.20 26.17
CA LEU N 47 28.07 -9.96 27.39
C LEU N 47 29.44 -10.64 27.31
N LEU N 48 29.78 -11.17 26.13
CA LEU N 48 31.09 -11.80 25.91
C LEU N 48 32.23 -10.79 25.95
N PHE N 49 32.00 -9.62 25.33
CA PHE N 49 32.95 -8.51 25.36
C PHE N 49 33.30 -8.08 26.79
N LEU N 50 32.26 -7.88 27.60
CA LEU N 50 32.45 -7.45 28.99
C LEU N 50 33.16 -8.49 29.86
N GLN N 51 32.92 -9.77 29.59
CA GLN N 51 33.64 -10.86 30.25
C GLN N 51 35.12 -10.90 29.84
N SER N 52 35.40 -10.64 28.56
CA SER N 52 36.79 -10.58 28.08
C SER N 52 37.61 -9.47 28.76
N GLU N 53 36.98 -8.32 28.99
CA GLU N 53 37.61 -7.21 29.71
C GLU N 53 37.82 -7.51 31.18
N SER N 54 36.82 -8.13 31.79
CA SER N 54 36.93 -8.60 33.17
C SER N 54 35.86 -9.66 33.45
N ASN N 55 36.29 -10.87 33.82
CA ASN N 55 35.36 -11.93 34.23
C ASN N 55 34.99 -11.84 35.72
N LYS N 56 35.54 -10.85 36.43
CA LYS N 56 35.22 -10.59 37.84
C LYS N 56 34.20 -9.46 38.00
N LYS N 57 34.44 -8.32 37.35
CA LYS N 57 33.63 -7.10 37.55
C LYS N 57 32.16 -7.30 37.16
N PRO N 58 31.21 -6.77 37.97
CA PRO N 58 29.80 -6.96 37.63
C PRO N 58 29.37 -6.33 36.30
N ILE N 59 28.38 -6.95 35.65
CA ILE N 59 27.74 -6.41 34.44
C ILE N 59 26.33 -5.97 34.82
N HIS N 60 25.91 -4.81 34.32
CA HIS N 60 24.59 -4.25 34.59
C HIS N 60 23.68 -4.47 33.38
N MET N 61 22.56 -5.17 33.59
CA MET N 61 21.56 -5.43 32.54
C MET N 61 20.29 -4.61 32.80
N TYR N 62 20.10 -3.57 31.98
CA TYR N 62 18.89 -2.75 32.01
C TYR N 62 17.80 -3.47 31.22
N ILE N 63 16.66 -3.72 31.87
CA ILE N 63 15.56 -4.43 31.24
C ILE N 63 14.30 -3.55 31.24
N ASN N 64 13.91 -3.13 30.04
CA ASN N 64 12.63 -2.47 29.79
C ASN N 64 12.02 -3.12 28.54
N SER N 65 11.19 -4.13 28.74
CA SER N 65 10.78 -5.01 27.65
C SER N 65 9.39 -5.60 27.85
N PRO N 66 8.57 -5.64 26.78
CA PRO N 66 7.29 -6.35 26.84
C PRO N 66 7.41 -7.87 26.67
N GLY N 67 8.62 -8.37 26.39
CA GLY N 67 8.84 -9.79 26.11
C GLY N 67 9.31 -9.93 24.68
N GLY N 68 8.97 -11.07 24.06
CA GLY N 68 9.32 -11.32 22.67
C GLY N 68 9.50 -12.80 22.39
N VAL N 69 10.42 -13.11 21.48
CA VAL N 69 10.60 -14.47 20.97
C VAL N 69 11.24 -15.32 22.08
N VAL N 70 10.63 -16.46 22.39
CA VAL N 70 11.05 -17.33 23.50
C VAL N 70 12.49 -17.85 23.32
N THR N 71 12.82 -18.31 22.12
CA THR N 71 14.16 -18.87 21.86
C THR N 71 15.24 -17.79 21.94
N ALA N 72 14.91 -16.57 21.48
CA ALA N 72 15.81 -15.42 21.63
C ALA N 72 16.04 -15.06 23.10
N GLY N 73 14.98 -15.10 23.90
CA GLY N 73 15.09 -14.86 25.34
C GLY N 73 15.93 -15.91 26.05
N LEU N 74 15.72 -17.17 25.69
CA LEU N 74 16.51 -18.30 26.23
C LEU N 74 17.98 -18.21 25.79
N ALA N 75 18.22 -17.68 24.59
CA ALA N 75 19.60 -17.43 24.12
C ALA N 75 20.35 -16.46 25.03
N ILE N 76 19.68 -15.37 25.43
CA ILE N 76 20.26 -14.42 26.38
C ILE N 76 20.38 -15.09 27.75
N TYR N 77 19.31 -15.76 28.19
CA TYR N 77 19.33 -16.47 29.48
C TYR N 77 20.54 -17.40 29.61
N ASP N 78 20.69 -18.31 28.64
CA ASP N 78 21.81 -19.25 28.62
C ASP N 78 23.16 -18.54 28.63
N THR N 79 23.30 -17.45 27.89
CA THR N 79 24.55 -16.67 27.86
C THR N 79 24.85 -16.02 29.21
N MET N 80 23.83 -15.47 29.87
CA MET N 80 23.97 -14.92 31.22
C MET N 80 24.51 -15.96 32.19
N GLN N 81 23.97 -17.18 32.13
CA GLN N 81 24.42 -18.28 32.97
C GLN N 81 25.80 -18.81 32.56
N TYR N 82 26.11 -18.75 31.26
CA TYR N 82 27.38 -19.25 30.73
C TYR N 82 28.59 -18.39 31.14
N ILE N 83 28.47 -17.07 31.06
CA ILE N 83 29.57 -16.19 31.46
C ILE N 83 29.83 -16.24 32.98
N LEU N 84 31.05 -15.92 33.37
CA LEU N 84 31.47 -16.01 34.77
C LEU N 84 30.95 -14.84 35.62
N ASN N 85 30.69 -13.71 34.98
CA ASN N 85 30.46 -12.45 35.70
C ASN N 85 29.20 -12.45 36.57
N PRO N 86 29.24 -11.70 37.69
CA PRO N 86 27.98 -11.34 38.33
C PRO N 86 27.19 -10.42 37.40
N ILE N 87 25.89 -10.64 37.27
CA ILE N 87 25.03 -9.81 36.43
C ILE N 87 23.96 -9.16 37.30
N CYS N 88 24.02 -7.83 37.40
CA CYS N 88 22.99 -7.08 38.10
C CYS N 88 21.89 -6.76 37.11
N THR N 89 20.67 -7.19 37.41
CA THR N 89 19.53 -6.91 36.55
C THR N 89 18.77 -5.71 37.11
N TRP N 90 18.27 -4.86 36.21
CA TRP N 90 17.59 -3.63 36.57
C TRP N 90 16.30 -3.48 35.76
N CYS N 91 15.17 -3.65 36.42
CA CYS N 91 13.86 -3.47 35.79
C CYS N 91 13.44 -2.00 35.87
N VAL N 92 13.41 -1.34 34.71
CA VAL N 92 12.93 0.03 34.54
C VAL N 92 11.77 0.00 33.53
N GLY N 93 10.64 0.60 33.88
CA GLY N 93 9.46 0.60 33.02
C GLY N 93 8.68 -0.69 33.17
N GLN N 94 9.15 -1.76 32.51
CA GLN N 94 8.53 -3.08 32.69
C GLN N 94 9.45 -4.24 32.34
N ALA N 95 9.15 -5.40 32.92
CA ALA N 95 9.74 -6.66 32.50
C ALA N 95 8.61 -7.67 32.40
N ALA N 96 8.11 -7.88 31.18
CA ALA N 96 7.00 -8.79 30.91
C ALA N 96 7.48 -10.00 30.13
N SER N 97 6.82 -11.14 30.35
CA SER N 97 7.10 -12.38 29.62
C SER N 97 8.61 -12.72 29.73
N MET N 98 9.31 -12.87 28.61
CA MET N 98 10.74 -13.22 28.65
C MET N 98 11.61 -12.17 29.34
N GLY N 99 11.17 -10.91 29.32
CA GLY N 99 11.83 -9.85 30.08
C GLY N 99 11.95 -10.15 31.57
N SER N 100 10.90 -10.69 32.17
CA SER N 100 10.91 -11.05 33.60
C SER N 100 11.78 -12.28 33.88
N LEU N 101 11.91 -13.18 32.90
CA LEU N 101 12.79 -14.33 33.04
C LEU N 101 14.25 -13.87 33.16
N LEU N 102 14.63 -12.92 32.30
CA LEU N 102 15.98 -12.34 32.34
C LEU N 102 16.24 -11.57 33.63
N LEU N 103 15.24 -10.78 34.06
CA LEU N 103 15.29 -10.10 35.36
C LEU N 103 15.55 -11.08 36.51
N ALA N 104 14.76 -12.15 36.56
CA ALA N 104 14.91 -13.22 37.56
C ALA N 104 16.21 -14.00 37.47
N ALA N 105 16.82 -14.02 36.29
CA ALA N 105 18.07 -14.74 36.03
C ALA N 105 19.34 -14.00 36.45
N GLY N 106 19.22 -12.76 36.94
CA GLY N 106 20.37 -12.05 37.50
C GLY N 106 20.99 -12.78 38.67
N THR N 107 22.24 -12.45 38.97
CA THR N 107 22.97 -13.04 40.09
C THR N 107 22.19 -12.82 41.39
N PRO N 108 21.99 -13.89 42.20
CA PRO N 108 21.29 -13.77 43.48
C PRO N 108 21.80 -12.59 44.33
N GLY N 109 20.87 -11.82 44.87
CA GLY N 109 21.18 -10.59 45.61
C GLY N 109 21.35 -9.34 44.77
N MET N 110 21.42 -9.48 43.45
CA MET N 110 21.73 -8.37 42.54
C MET N 110 20.61 -8.13 41.52
N ARG N 111 19.39 -8.53 41.86
CA ARG N 111 18.25 -8.34 40.97
C ARG N 111 17.44 -7.16 41.51
N HIS N 112 17.29 -6.13 40.69
CA HIS N 112 16.73 -4.85 41.13
C HIS N 112 15.54 -4.41 40.29
N SER N 113 14.68 -3.62 40.92
CA SER N 113 13.64 -2.88 40.22
C SER N 113 13.54 -1.47 40.79
N LEU N 114 13.22 -0.52 39.91
CA LEU N 114 12.86 0.83 40.34
C LEU N 114 11.38 0.80 40.79
N PRO N 115 10.92 1.83 41.55
CA PRO N 115 9.65 1.71 42.28
C PRO N 115 8.36 1.52 41.47
N ASN N 116 8.29 2.07 40.26
CA ASN N 116 7.06 2.08 39.46
C ASN N 116 7.06 1.11 38.27
N SER N 117 7.99 0.16 38.27
CA SER N 117 8.03 -0.87 37.24
C SER N 117 6.86 -1.83 37.41
N ARG N 118 6.51 -2.53 36.33
CA ARG N 118 5.55 -3.62 36.39
C ARG N 118 6.23 -4.88 35.85
N ILE N 119 6.08 -5.98 36.59
CA ILE N 119 6.67 -7.27 36.22
C ILE N 119 5.55 -8.26 35.90
N MET N 120 5.69 -8.96 34.78
CA MET N 120 4.74 -10.00 34.39
C MET N 120 5.50 -11.27 33.98
N ILE N 121 5.15 -12.39 34.60
CA ILE N 121 5.66 -13.71 34.20
C ILE N 121 4.70 -14.44 33.26
N HIS N 122 3.45 -13.95 33.17
CA HIS N 122 2.47 -14.46 32.21
C HIS N 122 2.97 -14.30 30.77
N GLN N 123 2.71 -15.32 29.94
CA GLN N 123 3.06 -15.33 28.53
C GLN N 123 1.78 -15.11 27.69
N PRO N 124 1.59 -13.89 27.15
CA PRO N 124 0.50 -13.70 26.17
C PRO N 124 0.94 -14.12 24.76
N ILE N 137 4.80 -23.03 14.83
CA ILE N 137 5.35 -24.05 15.72
C ILE N 137 4.24 -25.00 16.20
N GLN N 138 4.57 -26.29 16.33
CA GLN N 138 3.59 -27.33 16.66
C GLN N 138 3.21 -27.28 18.14
N ALA N 139 2.04 -27.87 18.45
CA ALA N 139 1.47 -27.87 19.81
C ALA N 139 2.41 -28.45 20.86
N GLU N 140 3.03 -29.59 20.53
CA GLU N 140 4.00 -30.25 21.40
C GLU N 140 5.20 -29.35 21.73
N GLU N 141 5.67 -28.57 20.75
CA GLU N 141 6.83 -27.68 20.93
C GLU N 141 6.56 -26.51 21.87
N ILE N 142 5.35 -25.96 21.84
CA ILE N 142 5.00 -24.82 22.71
C ILE N 142 5.00 -25.30 24.17
N MET N 143 4.49 -26.51 24.39
CA MET N 143 4.47 -27.12 25.72
C MET N 143 5.85 -27.48 26.25
N LYS N 144 6.73 -27.99 25.38
CA LYS N 144 8.13 -28.24 25.73
C LYS N 144 8.86 -26.95 26.12
N LEU N 145 8.67 -25.90 25.32
CA LEU N 145 9.23 -24.58 25.63
C LEU N 145 8.67 -24.02 26.93
N LYS N 146 7.36 -24.18 27.14
CA LYS N 146 6.69 -23.71 28.35
C LYS N 146 7.23 -24.42 29.59
N LYS N 147 7.45 -25.74 29.50
CA LYS N 147 8.08 -26.50 30.57
C LYS N 147 9.50 -26.02 30.88
N GLN N 148 10.27 -25.66 29.86
CA GLN N 148 11.61 -25.06 30.07
C GLN N 148 11.53 -23.75 30.86
N LEU N 149 10.52 -22.93 30.57
CA LEU N 149 10.32 -21.67 31.29
C LEU N 149 9.97 -21.94 32.77
N TYR N 150 9.09 -22.90 33.02
CA TYR N 150 8.71 -23.28 34.40
C TYR N 150 9.92 -23.67 35.24
N ASN N 151 10.81 -24.47 34.65
CA ASN N 151 12.03 -24.92 35.36
C ASN N 151 12.98 -23.75 35.64
N ILE N 152 13.14 -22.84 34.67
CA ILE N 152 14.02 -21.68 34.84
C ILE N 152 13.46 -20.76 35.92
N TYR N 153 12.17 -20.44 35.84
CA TYR N 153 11.52 -19.59 36.86
C TYR N 153 11.59 -20.24 38.25
N ALA N 154 11.33 -21.55 38.33
CA ALA N 154 11.38 -22.31 39.57
C ALA N 154 12.75 -22.24 40.24
N LYS N 155 13.79 -22.49 39.45
CA LYS N 155 15.19 -22.38 39.89
C LYS N 155 15.51 -21.00 40.47
N HIS N 156 15.18 -19.96 39.72
CA HIS N 156 15.58 -18.60 40.07
C HIS N 156 14.69 -17.91 41.12
N THR N 157 13.40 -18.22 41.11
CA THR N 157 12.48 -17.67 42.12
C THR N 157 12.40 -18.49 43.41
N LYS N 158 12.96 -19.72 43.39
CA LYS N 158 12.85 -20.68 44.50
C LYS N 158 11.39 -21.04 44.83
N GLN N 159 10.55 -21.05 43.80
CA GLN N 159 9.15 -21.46 43.91
C GLN N 159 9.02 -22.83 43.29
N SER N 160 8.01 -23.59 43.72
CA SER N 160 7.75 -24.92 43.15
C SER N 160 7.24 -24.78 41.72
N LEU N 161 7.28 -25.88 40.97
CA LEU N 161 6.81 -25.88 39.58
C LEU N 161 5.32 -25.55 39.49
N GLN N 162 4.52 -26.11 40.39
CA GLN N 162 3.07 -25.86 40.40
C GLN N 162 2.71 -24.42 40.75
N VAL N 163 3.45 -23.79 41.66
CA VAL N 163 3.27 -22.36 41.96
C VAL N 163 3.56 -21.50 40.72
N ILE N 164 4.64 -21.80 40.01
CA ILE N 164 5.00 -21.08 38.77
C ILE N 164 3.95 -21.28 37.68
N GLU N 165 3.57 -22.54 37.44
CA GLU N 165 2.58 -22.87 36.41
C GLU N 165 1.27 -22.09 36.63
N SER N 166 0.79 -22.09 37.88
CA SER N 166 -0.45 -21.39 38.26
C SER N 166 -0.36 -19.88 38.07
N ALA N 167 0.76 -19.30 38.51
CA ALA N 167 0.99 -17.86 38.41
C ALA N 167 1.11 -17.39 36.96
N MET N 168 1.74 -18.19 36.10
CA MET N 168 1.90 -17.84 34.69
C MET N 168 0.59 -17.89 33.88
N GLU N 169 -0.38 -18.64 34.39
CA GLU N 169 -1.73 -18.65 33.80
C GLU N 169 -2.47 -17.32 34.01
N ARG N 170 -2.23 -16.67 35.15
CA ARG N 170 -2.92 -15.42 35.52
C ARG N 170 -2.39 -14.22 34.73
N ASP N 171 -3.28 -13.63 33.92
CA ASP N 171 -2.95 -12.46 33.11
C ASP N 171 -3.00 -11.20 33.97
N ARG N 172 -1.86 -10.88 34.58
CA ARG N 172 -1.74 -9.73 35.48
C ARG N 172 -0.27 -9.36 35.65
N TYR N 173 -0.05 -8.13 36.10
CA TYR N 173 1.29 -7.67 36.44
C TYR N 173 1.44 -7.66 37.96
N MET N 174 2.68 -7.84 38.40
CA MET N 174 3.08 -7.67 39.79
C MET N 174 3.75 -6.32 39.94
N SER N 175 3.55 -5.70 41.10
CA SER N 175 4.38 -4.56 41.51
C SER N 175 5.77 -5.09 41.87
N PRO N 176 6.78 -4.20 41.97
CA PRO N 176 8.11 -4.67 42.35
C PRO N 176 8.17 -5.39 43.70
N MET N 177 7.43 -4.90 44.70
CA MET N 177 7.40 -5.55 46.01
C MET N 177 6.77 -6.95 45.95
N GLU N 178 5.71 -7.12 45.17
CA GLU N 178 5.15 -8.45 44.91
C GLU N 178 6.18 -9.36 44.22
N ALA N 179 6.86 -8.79 43.22
CA ALA N 179 7.90 -9.50 42.47
C ALA N 179 9.06 -9.91 43.36
N GLN N 180 9.41 -9.05 44.33
CA GLN N 180 10.41 -9.39 45.35
C GLN N 180 9.95 -10.55 46.23
N GLU N 181 8.73 -10.46 46.74
CA GLU N 181 8.12 -11.51 47.57
C GLU N 181 8.03 -12.85 46.82
N PHE N 182 7.70 -12.78 45.53
CA PHE N 182 7.63 -13.97 44.68
C PHE N 182 9.00 -14.61 44.38
N GLY N 183 10.07 -13.82 44.44
CA GLY N 183 11.44 -14.29 44.19
C GLY N 183 12.02 -13.93 42.83
N ILE N 184 11.31 -13.08 42.07
CA ILE N 184 11.80 -12.58 40.79
C ILE N 184 12.97 -11.60 40.99
N LEU N 185 12.94 -10.83 42.07
CA LEU N 185 14.00 -9.88 42.36
C LEU N 185 14.27 -9.74 43.85
N ASP N 186 15.35 -9.04 44.16
CA ASP N 186 15.88 -8.94 45.51
C ASP N 186 15.66 -7.59 46.17
N LYS N 187 15.76 -6.50 45.40
CA LYS N 187 15.69 -5.15 45.94
C LYS N 187 14.82 -4.22 45.10
N VAL N 188 14.02 -3.40 45.77
CA VAL N 188 13.25 -2.34 45.14
C VAL N 188 13.88 -1.04 45.65
N LEU N 189 14.56 -0.32 44.75
CA LEU N 189 15.33 0.87 45.10
C LEU N 189 14.70 2.13 44.52
N VAL N 190 14.49 3.13 45.38
CA VAL N 190 14.08 4.47 44.94
C VAL N 190 15.34 5.25 44.56
N HIS N 191 16.34 5.20 45.44
CA HIS N 191 17.66 5.82 45.23
C HIS N 191 18.76 4.76 45.44
N PRO N 192 20.01 5.04 45.02
CA PRO N 192 21.11 4.11 45.31
C PRO N 192 21.52 4.14 46.80
N PRO N 193 22.11 3.05 47.32
CA PRO N 193 22.61 3.08 48.70
C PRO N 193 23.83 3.97 48.89
N1 OSR O . -25.18 -36.32 -6.73
C7 OSR O . -20.21 -35.88 -4.80
C8 OSR O . -20.63 -34.68 -4.29
N2 OSR O . -26.31 -34.77 -8.02
C9 OSR O . -20.05 -33.48 -4.68
O1 OSR O . -18.47 -32.33 -6.11
C1 OSR O . -22.33 -38.85 -8.84
C5 OSR O . -21.88 -38.88 -5.79
C6 OSR O . -20.89 -37.15 -4.34
N3 OSR O . -24.29 -38.55 -6.39
C4 OSR O . -23.12 -39.44 -6.48
C3 OSR O . -24.02 -40.70 -8.48
O3 OSR O . -25.67 -40.24 -5.80
C2 OSR O . -22.81 -39.96 -7.90
C30 OSR O . -25.51 -39.07 -6.12
C19 OSR O . -23.97 -37.12 -6.53
C18 OSR O . -23.18 -36.84 -5.20
N OSR O . -21.94 -37.61 -5.26
C17 OSR O . -19.12 -35.91 -5.75
C16 OSR O . -18.59 -37.11 -6.29
C15 OSR O . -17.55 -37.09 -7.18
C14 OSR O . -16.98 -35.89 -7.58
C13 OSR O . -17.45 -34.71 -7.08
C12 OSR O . -18.54 -34.67 -6.17
C10 OSR O . -19.05 -33.46 -5.61
C11 OSR O . -19.27 -31.14 -6.15
O OSR O . -20.88 -39.57 -5.73
C OSR O . -21.64 -39.35 -10.09
C29 OSR O . -26.71 -38.16 -6.22
C28 OSR O . -26.30 -36.75 -5.88
C20 OSR O . -25.38 -35.75 -7.97
O2 OSR O . -24.73 -36.09 -8.94
C21 OSR O . -26.84 -34.26 -9.28
C22 OSR O . -26.49 -32.82 -9.50
C27 OSR O . -27.43 -31.91 -9.97
C26 OSR O . -27.15 -30.56 -10.05
C25 OSR O . -25.90 -30.10 -9.65
BR OSR O . -25.55 -28.24 -9.63
C24 OSR O . -24.93 -30.98 -9.21
C23 OSR O . -25.24 -32.33 -9.14
N1 OSR P . -22.10 -25.99 -29.20
C7 OSR P . -16.84 -25.49 -28.01
C8 OSR P . -17.22 -25.17 -26.74
N2 OSR P . -23.69 -24.44 -28.58
C9 OSR P . -16.90 -23.96 -26.14
O1 OSR P . -15.85 -21.79 -26.36
C1 OSR P . -19.84 -25.44 -32.87
C5 OSR P . -18.32 -27.19 -30.77
C6 OSR P . -17.23 -26.82 -28.60
N3 OSR P . -20.83 -27.40 -30.72
C4 OSR P . -19.59 -27.58 -31.51
C3 OSR P . -20.71 -27.63 -33.78
O3 OSR P . -21.68 -29.39 -31.35
C2 OSR P . -19.64 -26.96 -32.92
C30 OSR P . -21.83 -28.31 -30.82
C19 OSR P . -20.78 -26.25 -29.78
C18 OSR P . -19.68 -26.69 -28.76
N OSR P . -18.41 -26.76 -29.48
C17 OSR P . -16.05 -24.53 -28.76
C16 OSR P . -15.59 -24.78 -30.08
C15 OSR P . -14.84 -23.85 -30.77
C14 OSR P . -14.52 -22.64 -30.17
C13 OSR P . -14.93 -22.36 -28.90
C12 OSR P . -15.71 -23.28 -28.16
C10 OSR P . -16.17 -23.02 -26.83
C11 OSR P . -16.63 -21.24 -25.30
O OSR P . -17.26 -27.29 -31.35
C OSR P . -19.68 -24.75 -34.21
C29 OSR P . -23.15 -27.94 -30.22
C28 OSR P . -22.89 -27.19 -28.94
C20 OSR P . -22.69 -24.77 -29.43
O2 OSR P . -22.34 -24.03 -30.34
C21 OSR P . -24.66 -23.39 -28.90
C22 OSR P . -24.50 -22.18 -28.00
C27 OSR P . -25.61 -21.55 -27.46
C26 OSR P . -25.46 -20.52 -26.53
C25 OSR P . -24.19 -20.14 -26.15
BR OSR P . -23.97 -18.85 -24.78
C24 OSR P . -23.08 -20.72 -26.72
C23 OSR P . -23.24 -21.75 -27.64
N1 OSR Q . -34.14 -26.17 14.80
C7 OSR Q . -28.88 -25.12 16.39
C8 OSR Q . -29.04 -23.93 15.72
N2 OSR Q . -35.19 -25.82 12.77
C9 OSR Q . -28.12 -23.47 14.80
O1 OSR Q . -26.04 -23.84 13.62
C1 OSR Q . -31.48 -29.62 15.07
C5 OSR Q . -31.10 -27.66 17.49
C6 OSR Q . -29.90 -25.53 17.42
N3 OSR Q . -33.40 -27.73 16.46
C4 OSR Q . -32.33 -28.48 17.18
C3 OSR Q . -33.06 -30.86 16.61
O3 OSR Q . -35.14 -28.92 17.25
C2 OSR Q . -31.94 -29.82 16.51
C30 OSR Q . -34.68 -27.87 16.84
C19 OSR Q . -32.95 -26.75 15.44
C18 OSR Q . -32.05 -25.74 16.26
N OSR Q . -30.94 -26.43 16.91
C17 OSR Q . -27.71 -25.92 16.13
C16 OSR Q . -27.43 -27.15 16.79
C15 OSR Q . -26.31 -27.87 16.52
C14 OSR Q . -25.38 -27.41 15.59
C13 OSR Q . -25.59 -26.23 14.93
C12 OSR Q . -26.75 -25.45 15.17
C10 OSR Q . -27.00 -24.20 14.52
C11 OSR Q . -26.37 -22.88 12.62
O OSR Q . -30.27 -28.13 18.26
C OSR Q . -30.84 -30.84 14.46
C29 OSR Q . -35.57 -26.65 16.74
C28 OSR Q . -35.12 -25.61 15.73
C20 OSR Q . -34.57 -26.69 13.60
O2 OSR Q . -34.41 -27.88 13.33
C21 OSR Q . -35.77 -26.20 11.49
C22 OSR Q . -34.99 -25.66 10.32
C27 OSR Q . -35.62 -24.95 9.31
C26 OSR Q . -34.90 -24.37 8.26
C25 OSR Q . -33.52 -24.53 8.25
BR OSR Q . -32.50 -23.65 6.91
C24 OSR Q . -32.88 -25.26 9.23
C23 OSR Q . -33.61 -25.82 10.25
N1 OSR R . -41.20 -2.89 18.32
C7 OSR R . -36.48 -0.83 20.16
C8 OSR R . -36.23 -0.58 18.83
N2 OSR R . -41.57 -4.46 16.64
C9 OSR R . -35.14 -1.16 18.18
O1 OSR R . -33.21 -2.63 18.29
C1 OSR R . -40.23 -4.53 22.20
C5 OSR R . -39.45 -1.53 21.97
C6 OSR R . -37.73 -0.25 20.78
N3 OSR R . -41.47 -2.16 20.62
C4 OSR R . -40.87 -2.07 21.96
C3 OSR R . -42.49 -3.73 22.99
O3 OSR R . -43.38 -1.14 21.24
C2 OSR R . -41.02 -3.36 22.79
C30 OSR R . -42.76 -1.80 20.43
C19 OSR R . -40.50 -2.53 19.56
C18 OSR R . -39.57 -1.28 19.49
N OSR R . -38.89 -1.16 20.78
C17 OSR R . -35.60 -1.70 20.91
C16 OSR R . -35.78 -1.97 22.29
C15 OSR R . -34.93 -2.81 22.96
C14 OSR R . -33.86 -3.41 22.29
C13 OSR R . -33.64 -3.16 20.97
C12 OSR R . -34.50 -2.30 20.23
C10 OSR R . -34.30 -2.01 18.84
C11 OSR R . -33.17 -2.77 16.87
O OSR R . -38.86 -1.45 23.03
C OSR R . -40.10 -5.72 23.11
C29 OSR R . -43.40 -2.20 19.13
C28 OSR R . -42.36 -2.04 18.04
C20 OSR R . -41.14 -4.20 17.90
O2 OSR R . -40.72 -5.09 18.63
C21 OSR R . -41.75 -5.81 16.13
C22 OSR R . -40.69 -6.18 15.13
C27 OSR R . -41.02 -6.82 13.93
C26 OSR R . -40.06 -7.05 12.96
C25 OSR R . -38.75 -6.67 13.20
BR OSR R . -37.44 -6.88 11.83
C24 OSR R . -38.39 -6.07 14.39
C23 OSR R . -39.36 -5.83 15.35
N1 OSR S . -41.58 15.82 1.60
C7 OSR S . -37.06 18.33 2.88
C8 OSR S . -36.50 17.57 1.88
N2 OSR S . -42.44 13.64 1.58
C9 OSR S . -35.52 16.63 2.15
O1 OSR S . -34.16 15.48 3.80
C1 OSR S . -41.81 17.46 5.58
C5 OSR S . -40.38 19.41 3.60
C6 OSR S . -38.18 19.29 2.54
N3 OSR S . -42.17 17.95 2.59
C4 OSR S . -41.86 19.02 3.56
C3 OSR S . -43.91 18.76 5.06
O3 OSR S . -44.21 18.82 2.13
C2 OSR S . -42.38 18.75 5.00
C30 OSR S . -43.32 18.02 1.88
C19 OSR S . -41.10 16.94 2.42
C18 OSR S . -39.96 17.79 1.77
N OSR S . -39.51 18.74 2.79
C17 OSR S . -36.60 18.17 4.23
C16 OSR S . -37.09 18.95 5.32
C15 OSR S . -36.62 18.77 6.59
C14 OSR S . -35.65 17.83 6.85
C13 OSR S . -35.13 17.06 5.85
C12 OSR S . -35.59 17.19 4.51
C10 OSR S . -35.08 16.43 3.44
C11 OSR S . -34.10 14.28 3.03
O OSR S . -40.03 20.30 4.35
C OSR S . -42.07 17.28 7.04
C29 OSR S . -43.52 17.06 0.74
C28 OSR S . -42.26 16.28 0.38
C20 OSR S . -41.94 14.68 2.29
O2 OSR S . -41.77 14.59 3.50
C21 OSR S . -42.82 12.40 2.24
C22 OSR S . -41.76 11.33 2.11
C27 OSR S . -42.09 10.03 1.75
C26 OSR S . -41.13 9.06 1.57
C25 OSR S . -39.81 9.39 1.79
BR OSR S . -38.46 8.07 1.54
C24 OSR S . -39.44 10.67 2.16
C23 OSR S . -40.43 11.63 2.32
N1 OSR T . -26.38 -2.45 -36.04
C7 OSR T . -21.16 -1.30 -35.77
C8 OSR T . -21.18 -2.19 -34.71
N2 OSR T . -28.16 -2.26 -34.51
C9 OSR T . -20.84 -1.81 -33.42
O1 OSR T . -20.19 -0.01 -31.92
C1 OSR T . -25.31 1.35 -37.69
C5 OSR T . -23.31 -0.85 -38.56
C6 OSR T . -21.57 -1.80 -37.13
N3 OSR T . -25.64 -1.71 -38.22
C4 OSR T . -24.78 -0.79 -38.98
C3 OSR T . -26.69 0.69 -39.71
O3 OSR T . -26.59 -2.54 -40.10
C2 OSR T . -25.31 0.66 -39.06
C30 OSR T . -26.54 -2.48 -38.87
C19 OSR T . -25.31 -1.79 -36.78
C18 OSR T . -23.91 -2.49 -36.81
N OSR T . -22.98 -1.56 -37.45
C17 OSR T . -20.74 0.06 -35.54
C16 OSR T . -20.64 1.02 -36.57
C15 OSR T . -20.23 2.30 -36.32
C14 OSR T . -19.90 2.69 -35.03
C13 OSR T . -19.97 1.80 -33.99
C12 OSR T . -20.39 0.46 -34.21
C10 OSR T . -20.47 -0.50 -33.17
C11 OSR T . -20.81 -0.64 -30.79
O OSR T . -22.49 -0.25 -39.24
C OSR T . -25.44 2.86 -37.74
C29 OSR T . -27.48 -3.32 -38.05
C28 OSR T . -26.85 -3.66 -36.71
C20 OSR T . -27.16 -1.67 -35.20
O2 OSR T . -26.94 -0.47 -35.06
C21 OSR T . -29.18 -1.49 -33.83
C22 OSR T . -28.90 -1.36 -32.34
C27 OSR T . -29.91 -1.56 -31.40
C26 OSR T . -29.63 -1.53 -30.05
C25 OSR T . -28.34 -1.30 -29.63
BR OSR T . -27.92 -1.36 -27.78
C24 OSR T . -27.33 -1.06 -30.53
C23 OSR T . -27.61 -1.09 -31.89
N1 OSR U . -35.40 16.21 -22.50
C7 OSR U . -30.36 18.23 -21.96
C8 OSR U . -29.94 16.92 -21.92
N2 OSR U . -36.60 14.76 -21.16
C9 OSR U . -29.31 16.39 -20.80
O1 OSR U . -28.60 16.72 -18.50
C1 OSR U . -35.30 20.46 -21.01
C5 OSR U . -33.29 19.86 -23.19
C6 OSR U . -31.12 18.71 -23.18
N3 OSR U . -35.29 18.38 -23.53
C4 OSR U . -34.79 19.78 -23.44
C3 OSR U . -37.11 20.59 -22.77
O3 OSR U . -36.54 18.85 -25.34
C2 OSR U . -35.61 20.69 -22.50
C30 OSR U . -36.14 18.05 -24.51
C19 OSR U . -34.66 17.47 -22.54
C18 OSR U . -33.19 17.38 -23.06
N OSR U . -32.59 18.71 -22.99
C17 OSR U . -30.11 19.09 -20.83
C16 OSR U . -30.47 20.47 -20.83
C15 OSR U . -30.21 21.25 -19.73
C14 OSR U . -29.60 20.72 -18.61
C13 OSR U . -29.24 19.41 -18.58
C12 OSR U . -29.48 18.55 -19.67
C10 OSR U . -29.10 17.17 -19.69
C11 OSR U . -28.61 15.31 -18.25
O OSR U . -32.77 20.96 -23.19
C OSR U . -35.72 21.60 -20.12
C29 OSR U . -36.61 16.61 -24.60
C28 OSR U . -35.70 15.66 -23.82
C20 OSR U . -36.29 16.03 -21.47
O2 OSR U . -36.78 16.99 -20.89
C21 OSR U . -37.48 14.43 -20.05
C22 OSR U . -36.81 13.52 -19.04
C27 OSR U . -37.47 12.42 -18.51
C26 OSR U . -36.83 11.55 -17.65
C25 OSR U . -35.52 11.79 -17.30
BR OSR U . -34.60 10.56 -16.19
C24 OSR U . -34.84 12.90 -17.78
C23 OSR U . -35.50 13.75 -18.67
N1 OSR V . 35.53 -16.08 22.69
C7 OSR V . 30.81 -18.53 21.45
C8 OSR V . 30.83 -17.77 20.30
N2 OSR V . 36.18 -13.89 23.10
C9 OSR V . 29.86 -16.82 20.04
O1 OSR V . 27.89 -15.63 20.79
C1 OSR V . 32.98 -17.39 25.88
C5 OSR V . 33.25 -19.57 23.78
C6 OSR V . 31.95 -19.48 21.71
N3 OSR V . 35.31 -18.16 23.85
C4 OSR V . 34.43 -19.07 24.61
C3 OSR V . 35.19 -18.17 26.85
O3 OSR V . 37.18 -19.25 24.49
C2 OSR V . 33.98 -18.55 26.00
C30 OSR V . 36.64 -18.39 23.81
C19 OSR V . 34.59 -17.11 23.09
C18 OSR V . 33.88 -17.97 21.96
N OSR V . 32.98 -18.94 22.60
C17 OSR V . 29.75 -18.35 22.40
C16 OSR V . 29.63 -19.11 23.59
C15 OSR V . 28.60 -18.92 24.46
C14 OSR V . 27.63 -17.95 24.20
C13 OSR V . 27.69 -17.19 23.07
C12 OSR V . 28.74 -17.36 22.13
C10 OSR V . 28.85 -16.59 20.93
C11 OSR V . 28.20 -14.47 20.02
O OSR V . 32.61 -20.51 24.19
C OSR V . 31.95 -17.33 26.98
C29 OSR V . 37.48 -17.56 22.87
C28 OSR V . 36.70 -16.61 21.97
C20 OSR V . 35.77 -15.07 23.61
O2 OSR V . 35.63 -15.25 24.81
C21 OSR V . 36.27 -12.67 23.90
C22 OSR V . 35.44 -11.56 23.31
C27 OSR V . 35.98 -10.29 23.09
C26 OSR V . 35.26 -9.32 22.43
C25 OSR V . 33.98 -9.60 22.01
BR OSR V . 33.01 -8.30 21.00
C24 OSR V . 33.39 -10.82 22.25
C23 OSR V . 34.14 -11.80 22.90
N1 OSR W . 41.94 -16.25 -1.35
C7 OSR W . 37.41 -18.22 -3.40
C8 OSR W . 37.05 -16.89 -3.53
N2 OSR W . 42.48 -14.88 0.47
C9 OSR W . 35.94 -16.37 -2.89
O1 OSR W . 34.07 -16.73 -1.38
C1 OSR W . 41.11 -20.27 -0.02
C5 OSR W . 40.52 -19.90 -3.03
C6 OSR W . 38.65 -18.72 -4.10
N3 OSR W . 42.39 -18.47 -2.21
C4 OSR W . 41.90 -19.85 -2.41
C3 OSR W . 43.47 -20.85 -0.71
O3 OSR W . 44.42 -18.95 -3.07
C2 OSR W . 42.02 -20.74 -1.16
C30 OSR W . 43.67 -18.16 -2.51
C19 OSR W . 41.34 -17.50 -1.81
C18 OSR W . 40.47 -17.42 -3.10
N OSR W . 39.84 -18.74 -3.26
C17 OSR W . 36.59 -19.09 -2.59
C16 OSR W . 36.87 -20.48 -2.42
C15 OSR W . 36.08 -21.27 -1.63
C14 OSR W . 34.97 -20.74 -1.00
C13 OSR W . 34.64 -19.43 -1.14
C12 OSR W . 35.45 -18.55 -1.92
C10 OSR W . 35.15 -17.17 -2.10
C11 OSR W . 34.04 -15.36 -0.97
O OSR W . 40.06 -21.00 -3.33
C OSR W . 40.90 -21.28 1.07
C29 OSR W . 44.17 -16.78 -2.17
C28 OSR W . 43.02 -15.79 -2.22
C20 OSR W . 41.91 -16.02 0.01
O2 OSR W . 41.39 -16.81 0.78
C21 OSR W . 42.60 -14.60 1.90
C22 OSR W . 41.50 -13.70 2.41
C27 OSR W . 41.80 -12.61 3.22
C26 OSR W . 40.82 -11.72 3.61
C25 OSR W . 39.52 -11.93 3.18
BR OSR W . 38.17 -10.68 3.66
C24 OSR W . 39.19 -13.01 2.39
C23 OSR W . 40.19 -13.88 2.00
N1 OSR X . 41.32 2.52 -17.74
C7 OSR X . 36.64 1.30 -20.17
C8 OSR X . 36.09 2.16 -19.25
N2 OSR X . 41.94 2.18 -15.57
C9 OSR X . 35.14 1.73 -18.33
O1 OSR X . 33.86 -0.10 -17.40
C1 OSR X . 41.47 -1.23 -20.02
C5 OSR X . 39.97 0.98 -21.51
C6 OSR X . 37.70 1.82 -21.12
N3 OSR X . 41.77 1.92 -20.03
C4 OSR X . 41.45 1.05 -21.19
C3 OSR X . 43.60 -0.29 -20.98
O3 OSR X . 43.62 2.74 -21.01
C2 OSR X . 42.09 -0.36 -21.12
C30 OSR X . 42.81 2.77 -20.10
C19 OSR X . 40.79 1.82 -18.92
C18 OSR X . 39.50 2.44 -19.56
N OSR X . 39.08 1.57 -20.66
C17 OSR X . 36.20 -0.07 -20.21
C16 OSR X . 36.68 -1.02 -21.17
C15 OSR X . 36.21 -2.30 -21.19
C14 OSR X . 35.26 -2.72 -20.27
C13 OSR X . 34.77 -1.86 -19.33
C12 OSR X . 35.22 -0.51 -19.26
C10 OSR X . 34.72 0.43 -18.31
C11 OSR X . 33.82 0.48 -16.09
O OSR X . 39.63 0.40 -22.53
C OSR X . 41.74 -2.72 -20.19
C29 OSR X . 42.96 3.81 -19.01
C28 OSR X . 41.81 3.86 -18.03
C20 OSR X . 42.05 1.78 -16.85
O2 OSR X . 42.76 0.85 -17.21
C21 OSR X . 42.44 1.37 -14.46
C22 OSR X . 41.48 1.34 -13.30
C27 OSR X . 41.91 1.56 -12.00
C26 OSR X . 41.02 1.57 -10.94
C25 OSR X . 39.68 1.33 -11.18
BR OSR X . 38.44 1.34 -9.74
C24 OSR X . 39.22 1.10 -12.47
C23 OSR X . 40.12 1.12 -13.51
N1 OSR Y . 25.40 36.65 6.46
C7 OSR Y . 20.04 36.21 5.65
C8 OSR Y . 20.15 35.03 6.35
N2 OSR Y . 27.20 35.21 5.96
C9 OSR Y . 19.84 33.80 5.78
O1 OSR Y . 19.12 32.57 3.82
C1 OSR Y . 24.22 39.40 3.30
C5 OSR Y . 22.09 39.13 5.49
C6 OSR Y . 20.47 37.49 6.31
N3 OSR Y . 24.42 38.86 6.38
C4 OSR Y . 23.46 39.77 5.70
C3 OSR Y . 25.29 41.22 4.71
O3 OSR Y . 25.15 40.48 7.77
C2 OSR Y . 24.02 40.42 4.42
C30 OSR Y . 25.25 39.35 7.33
C19 OSR Y . 24.26 37.45 5.98
C18 OSR Y . 22.88 37.05 6.61
N OSR Y . 21.85 37.89 5.99
C17 OSR Y . 19.56 36.17 4.30
C16 OSR Y . 19.37 37.35 3.52
C15 OSR Y . 18.89 37.28 2.23
C14 OSR Y . 18.59 36.05 1.65
C13 OSR Y . 18.75 34.90 2.36
C12 OSR Y . 19.24 34.91 3.70
C10 OSR Y . 19.41 33.73 4.48
C11 OSR Y . 19.78 31.37 4.23
O OSR Y . 21.25 39.77 4.87
C OSR Y . 24.39 40.03 1.93
C29 OSR Y . 26.32 38.43 7.87
C28 OSR Y . 25.83 37.00 7.81
C20 OSR Y . 26.16 35.97 5.51
O2 OSR Y . 25.89 36.02 4.32
C21 OSR Y . 28.23 34.71 5.07
C22 OSR Y . 28.09 33.22 4.83
C27 OSR Y . 29.15 32.35 5.04
C26 OSR Y . 28.98 30.98 4.95
C25 OSR Y . 27.73 30.48 4.63
BR OSR Y . 27.44 28.60 4.61
C24 OSR Y . 26.66 31.32 4.38
C23 OSR Y . 26.85 32.69 4.49
N1 OSR Z . 33.77 25.61 -14.12
C7 OSR Z . 28.79 25.39 -16.02
C8 OSR Z . 28.46 25.12 -14.71
N2 OSR Z . 34.96 24.07 -12.80
C9 OSR Z . 27.87 23.92 -14.33
O1 OSR Z . 27.05 21.74 -14.98
C1 OSR Z . 33.83 24.85 -18.33
C5 OSR Z . 31.60 26.97 -17.54
C6 OSR Z . 29.47 26.69 -16.36
N3 OSR Z . 33.65 26.93 -16.11
C4 OSR Z . 33.12 27.15 -17.47
C3 OSR Z . 35.25 26.88 -18.83
O3 OSR Z . 35.43 28.32 -16.28
C2 OSR Z . 33.83 26.36 -18.58
C30 OSR Z . 34.59 27.74 -15.59
C19 OSR Z . 32.99 25.88 -15.32
C18 OSR Z . 31.58 26.52 -15.10
N OSR Z . 30.93 26.59 -16.41
C17 OSR Z . 28.49 24.41 -17.04
C16 OSR Z . 28.73 24.63 -18.43
C15 OSR Z . 28.41 23.68 -19.36
C14 OSR Z . 27.84 22.48 -18.97
C13 OSR Z . 27.58 22.22 -17.65
C12 OSR Z . 27.89 23.17 -16.65
C10 OSR Z . 27.61 22.96 -15.27
C11 OSR Z . 27.19 21.23 -13.67
O OSR Z . 31.04 27.17 -18.60
C OSR Z . 34.31 24.01 -19.49
C29 OSR Z . 34.57 27.95 -14.10
C28 OSR Z . 34.03 26.79 -13.28
C20 OSR Z . 34.38 24.37 -13.99
O2 OSR Z . 34.37 23.56 -14.90
C21 OSR Z . 35.95 23.00 -12.67
C22 OSR Z . 35.41 21.83 -11.88
C27 OSR Z . 36.14 21.26 -10.85
C26 OSR Z . 35.59 20.27 -10.05
C25 OSR Z . 34.31 19.83 -10.31
BR OSR Z . 33.52 18.52 -9.18
C24 OSR Z . 33.57 20.36 -11.35
C23 OSR Z . 34.12 21.36 -12.12
N1 OSR AA . 21.90 25.94 28.64
C7 OSR AA . 16.63 25.03 28.62
C8 OSR AA . 17.01 23.80 28.14
N2 OSR AA . 23.71 26.19 27.16
C9 OSR AA . 16.71 23.39 26.84
O1 OSR AA . 15.76 23.96 24.69
C1 OSR AA . 19.66 29.60 28.57
C5 OSR AA . 18.38 27.51 30.48
C6 OSR AA . 17.12 25.46 29.98
N3 OSR AA . 20.87 27.33 30.34
C4 OSR AA . 19.72 28.19 30.71
C3 OSR AA . 21.06 30.33 30.55
O3 OSR AA . 22.01 27.84 32.23
C2 OSR AA . 19.80 29.61 30.10
C30 OSR AA . 21.96 27.27 31.15
C19 OSR AA . 20.64 26.50 29.14
C18 OSR AA . 19.57 25.49 29.67
N OSR AA . 18.35 26.26 29.94
C17 OSR AA . 15.87 25.92 27.78
C16 OSR AA . 15.36 27.16 28.23
C15 OSR AA . 14.60 27.95 27.40
C14 OSR AA . 14.34 27.58 26.10
C13 OSR AA . 14.80 26.38 25.61
C12 OSR AA . 15.58 25.51 26.43
C10 OSR AA . 16.03 24.23 25.99
C11 OSR AA . 16.57 23.00 24.01
O OSR AA . 17.37 28.11 30.82
C OSR AA . 19.28 30.94 27.97
C29 OSR AA . 23.13 26.44 30.71
C28 OSR AA . 22.69 25.36 29.74
C20 OSR AA . 22.46 26.54 27.52
O2 OSR AA . 21.82 27.36 26.87
C21 OSR AA . 24.34 26.73 25.96
C22 OSR AA . 24.21 25.84 24.76
C27 OSR AA . 25.29 25.58 23.94
C26 OSR AA . 25.18 24.74 22.84
C25 OSR AA . 23.95 24.19 22.54
BR OSR AA . 23.76 23.11 20.99
C24 OSR AA . 22.85 24.44 23.34
C23 OSR AA . 22.98 25.25 24.44
N1 OSR BA . 26.43 3.06 36.01
C7 OSR BA . 21.49 0.82 35.47
C8 OSR BA . 21.87 0.42 34.21
N2 OSR BA . 27.64 4.72 34.84
C9 OSR BA . 21.25 0.91 33.07
O1 OSR BA . 19.59 2.40 32.11
C1 OSR BA . 23.83 4.60 39.17
C5 OSR BA . 23.26 1.64 38.48
C6 OSR BA . 22.28 0.32 36.66
N3 OSR BA . 25.68 2.25 38.17
C4 OSR BA . 24.54 2.14 39.12
C3 OSR BA . 25.58 3.76 40.78
O3 OSR BA . 27.12 1.24 39.58
C2 OSR BA . 24.33 3.40 39.99
C30 OSR BA . 26.91 1.86 38.54
C19 OSR BA . 25.26 2.69 36.82
C18 OSR BA . 24.43 1.47 36.29
N OSR BA . 23.26 1.30 37.17
C17 OSR BA . 20.39 1.72 35.63
C16 OSR BA . 19.87 2.12 36.89
C15 OSR BA . 18.80 2.97 36.99
C14 OSR BA . 18.19 3.47 35.85
C13 OSR BA . 18.64 3.12 34.61
C12 OSR BA . 19.74 2.23 34.45
C10 OSR BA . 20.22 1.81 33.17
C11 OSR BA . 20.32 2.54 30.89
O OSR BA . 22.26 1.56 39.18
C OSR BA . 23.31 5.75 40.02
C29 OSR BA . 28.05 2.17 37.61
C28 OSR BA . 27.55 2.13 36.18
C20 OSR BA . 26.56 4.39 35.62
O2 OSR BA . 25.74 5.24 35.94
C21 OSR BA . 27.93 6.09 34.45
C22 OSR BA . 27.52 6.38 33.02
C27 OSR BA . 28.40 6.97 32.14
C26 OSR BA . 28.05 7.15 30.80
C25 OSR BA . 26.81 6.75 30.38
BR OSR BA . 26.33 6.94 28.54
C24 OSR BA . 25.89 6.19 31.24
C23 OSR BA . 26.26 5.99 32.57
#